data_6JJS
# 
_entry.id   6JJS 
# 
_audit_conform.dict_name       mmcif_pdbx.dic 
_audit_conform.dict_version    5.380 
_audit_conform.dict_location   http://mmcif.pdb.org/dictionaries/ascii/mmcif_pdbx.dic 
# 
loop_
_database_2.database_id 
_database_2.database_code 
_database_2.pdbx_database_accession 
_database_2.pdbx_DOI 
PDB   6JJS         pdb_00006jjs 10.2210/pdb6jjs/pdb 
WWPDB D_1300011217 ?            ?                   
# 
_pdbx_database_status.status_code                     REL 
_pdbx_database_status.status_code_sf                  REL 
_pdbx_database_status.status_code_mr                  ? 
_pdbx_database_status.entry_id                        6JJS 
_pdbx_database_status.recvd_initial_deposition_date   2019-02-26 
_pdbx_database_status.SG_entry                        N 
_pdbx_database_status.deposit_site                    PDBJ 
_pdbx_database_status.process_site                    PDBJ 
_pdbx_database_status.status_code_cs                  ? 
_pdbx_database_status.methods_development_category    ? 
_pdbx_database_status.pdb_format_compatible           Y 
_pdbx_database_status.status_code_nmr_data            ? 
# 
loop_
_audit_author.name 
_audit_author.pdbx_ordinal 
_audit_author.identifier_ORCID 
'Fen, Y.'     1 ? 
'Huang, J.W.' 2 ? 
'Liu, W.D.'   3 ? 
'Chen, C.C.'  4 ? 
'Guo, R.T.'   5 ? 
# 
_citation.abstract                  ? 
_citation.abstract_id_CAS           ? 
_citation.book_id_ISBN              ? 
_citation.book_publisher            ? 
_citation.book_publisher_city       ? 
_citation.book_title                ? 
_citation.coordinate_linkage        ? 
_citation.country                   US 
_citation.database_id_Medline       ? 
_citation.details                   ? 
_citation.id                        primary 
_citation.journal_abbrev            Biochem.Biophys.Res.Commun. 
_citation.journal_id_ASTM           BBRCA9 
_citation.journal_id_CSD            0146 
_citation.journal_id_ISSN           1090-2104 
_citation.journal_full              ? 
_citation.journal_issue             ? 
_citation.journal_volume            516 
_citation.language                  ? 
_citation.page_first                801 
_citation.page_last                 805 
_citation.title                     
'Crystal structure and proposed mechanism of an enantioselective hydroalkoxylation enzyme from Penicillium herquei.' 
_citation.year                      2019 
_citation.database_id_CSD           ? 
_citation.pdbx_database_id_DOI      10.1016/j.bbrc.2019.06.100 
_citation.pdbx_database_id_PubMed   31256936 
_citation.unpublished_flag          ? 
# 
loop_
_citation_author.citation_id 
_citation_author.name 
_citation_author.ordinal 
_citation_author.identifier_ORCID 
primary 'Feng, Y.'    1  ? 
primary 'Yu, X.'      2  ? 
primary 'Huang, J.W.' 3  ? 
primary 'Liu, W.'     4  ? 
primary 'Li, Q.'      5  ? 
primary 'Hu, Y.'      6  ? 
primary 'Yang, Y.'    7  ? 
primary 'Chen, Y.'    8  ? 
primary 'Jin, J.'     9  ? 
primary 'Li, H.'      10 ? 
primary 'Chen, C.C.'  11 ? 
primary 'Guo, R.T.'   12 ? 
# 
_cell.angle_alpha                  90.00 
_cell.angle_alpha_esd              ? 
_cell.angle_beta                   90.00 
_cell.angle_beta_esd               ? 
_cell.angle_gamma                  120.00 
_cell.angle_gamma_esd              ? 
_cell.entry_id                     6JJS 
_cell.details                      ? 
_cell.formula_units_Z              ? 
_cell.length_a                     74.617 
_cell.length_a_esd                 ? 
_cell.length_b                     74.617 
_cell.length_b_esd                 ? 
_cell.length_c                     108.926 
_cell.length_c_esd                 ? 
_cell.volume                       ? 
_cell.volume_esd                   ? 
_cell.Z_PDB                        12 
_cell.reciprocal_angle_alpha       ? 
_cell.reciprocal_angle_beta        ? 
_cell.reciprocal_angle_gamma       ? 
_cell.reciprocal_angle_alpha_esd   ? 
_cell.reciprocal_angle_beta_esd    ? 
_cell.reciprocal_angle_gamma_esd   ? 
_cell.reciprocal_length_a          ? 
_cell.reciprocal_length_b          ? 
_cell.reciprocal_length_c          ? 
_cell.reciprocal_length_a_esd      ? 
_cell.reciprocal_length_b_esd      ? 
_cell.reciprocal_length_c_esd      ? 
_cell.pdbx_unique_axis             ? 
# 
_symmetry.entry_id                         6JJS 
_symmetry.cell_setting                     ? 
_symmetry.Int_Tables_number                180 
_symmetry.space_group_name_Hall            ? 
_symmetry.space_group_name_H-M             'P 62 2 2' 
_symmetry.pdbx_full_space_group_name_H-M   ? 
# 
loop_
_entity.id 
_entity.type 
_entity.src_method 
_entity.pdbx_description 
_entity.formula_weight 
_entity.pdbx_number_of_molecules 
_entity.pdbx_ec 
_entity.pdbx_mutation 
_entity.pdbx_fragment 
_entity.details 
1 polymer     man PhnH          16045.906 1   ? ? ? ? 
2 non-polymer syn 'ACETATE ION' 59.044    4   ? ? ? ? 
3 water       nat water         18.015    174 ? ? ? ? 
# 
_entity_name_com.entity_id   1 
_entity_name_com.name        Prenylcyclase 
# 
_entity_poly.entity_id                      1 
_entity_poly.type                           'polypeptide(L)' 
_entity_poly.nstd_linkage                   no 
_entity_poly.nstd_monomer                   no 
_entity_poly.pdbx_seq_one_letter_code       
;MKFTYLVSLAAFAVTALGSRPTPPNLEFLFSANLTKGPAYIYDQSDAQIKALQTLTGGIIAGPNFDGTVIGGTALSTRGA
DGTIRADAHYLIQTSDGANILVTESAAIPYVAVLFDTSSEKYNWLNNVTAWGTPPNLNEINFLEYWQIE
;
_entity_poly.pdbx_seq_one_letter_code_can   
;MKFTYLVSLAAFAVTALGSRPTPPNLEFLFSANLTKGPAYIYDQSDAQIKALQTLTGGIIAGPNFDGTVIGGTALSTRGA
DGTIRADAHYLIQTSDGANILVTESAAIPYVAVLFDTSSEKYNWLNNVTAWGTPPNLNEINFLEYWQIE
;
_entity_poly.pdbx_strand_id                 A 
_entity_poly.pdbx_target_identifier         ? 
# 
loop_
_entity_poly_seq.entity_id 
_entity_poly_seq.num 
_entity_poly_seq.mon_id 
_entity_poly_seq.hetero 
1 1   MET n 
1 2   LYS n 
1 3   PHE n 
1 4   THR n 
1 5   TYR n 
1 6   LEU n 
1 7   VAL n 
1 8   SER n 
1 9   LEU n 
1 10  ALA n 
1 11  ALA n 
1 12  PHE n 
1 13  ALA n 
1 14  VAL n 
1 15  THR n 
1 16  ALA n 
1 17  LEU n 
1 18  GLY n 
1 19  SER n 
1 20  ARG n 
1 21  PRO n 
1 22  THR n 
1 23  PRO n 
1 24  PRO n 
1 25  ASN n 
1 26  LEU n 
1 27  GLU n 
1 28  PHE n 
1 29  LEU n 
1 30  PHE n 
1 31  SER n 
1 32  ALA n 
1 33  ASN n 
1 34  LEU n 
1 35  THR n 
1 36  LYS n 
1 37  GLY n 
1 38  PRO n 
1 39  ALA n 
1 40  TYR n 
1 41  ILE n 
1 42  TYR n 
1 43  ASP n 
1 44  GLN n 
1 45  SER n 
1 46  ASP n 
1 47  ALA n 
1 48  GLN n 
1 49  ILE n 
1 50  LYS n 
1 51  ALA n 
1 52  LEU n 
1 53  GLN n 
1 54  THR n 
1 55  LEU n 
1 56  THR n 
1 57  GLY n 
1 58  GLY n 
1 59  ILE n 
1 60  ILE n 
1 61  ALA n 
1 62  GLY n 
1 63  PRO n 
1 64  ASN n 
1 65  PHE n 
1 66  ASP n 
1 67  GLY n 
1 68  THR n 
1 69  VAL n 
1 70  ILE n 
1 71  GLY n 
1 72  GLY n 
1 73  THR n 
1 74  ALA n 
1 75  LEU n 
1 76  SER n 
1 77  THR n 
1 78  ARG n 
1 79  GLY n 
1 80  ALA n 
1 81  ASP n 
1 82  GLY n 
1 83  THR n 
1 84  ILE n 
1 85  ARG n 
1 86  ALA n 
1 87  ASP n 
1 88  ALA n 
1 89  HIS n 
1 90  TYR n 
1 91  LEU n 
1 92  ILE n 
1 93  GLN n 
1 94  THR n 
1 95  SER n 
1 96  ASP n 
1 97  GLY n 
1 98  ALA n 
1 99  ASN n 
1 100 ILE n 
1 101 LEU n 
1 102 VAL n 
1 103 THR n 
1 104 GLU n 
1 105 SER n 
1 106 ALA n 
1 107 ALA n 
1 108 ILE n 
1 109 PRO n 
1 110 TYR n 
1 111 VAL n 
1 112 ALA n 
1 113 VAL n 
1 114 LEU n 
1 115 PHE n 
1 116 ASP n 
1 117 THR n 
1 118 SER n 
1 119 SER n 
1 120 GLU n 
1 121 LYS n 
1 122 TYR n 
1 123 ASN n 
1 124 TRP n 
1 125 LEU n 
1 126 ASN n 
1 127 ASN n 
1 128 VAL n 
1 129 THR n 
1 130 ALA n 
1 131 TRP n 
1 132 GLY n 
1 133 THR n 
1 134 PRO n 
1 135 PRO n 
1 136 ASN n 
1 137 LEU n 
1 138 ASN n 
1 139 GLU n 
1 140 ILE n 
1 141 ASN n 
1 142 PHE n 
1 143 LEU n 
1 144 GLU n 
1 145 TYR n 
1 146 TRP n 
1 147 GLN n 
1 148 ILE n 
1 149 GLU n 
# 
_entity_src_gen.entity_id                          1 
_entity_src_gen.pdbx_src_id                        1 
_entity_src_gen.pdbx_alt_source_flag               sample 
_entity_src_gen.pdbx_seq_type                      'Biological sequence' 
_entity_src_gen.pdbx_beg_seq_num                   1 
_entity_src_gen.pdbx_end_seq_num                   149 
_entity_src_gen.gene_src_common_name               ? 
_entity_src_gen.gene_src_genus                     ? 
_entity_src_gen.pdbx_gene_src_gene                 phnH 
_entity_src_gen.gene_src_species                   ? 
_entity_src_gen.gene_src_strain                    ? 
_entity_src_gen.gene_src_tissue                    ? 
_entity_src_gen.gene_src_tissue_fraction           ? 
_entity_src_gen.gene_src_details                   ? 
_entity_src_gen.pdbx_gene_src_fragment             ? 
_entity_src_gen.pdbx_gene_src_scientific_name      'Penicillium herquei' 
_entity_src_gen.pdbx_gene_src_ncbi_taxonomy_id     69774 
_entity_src_gen.pdbx_gene_src_variant              ? 
_entity_src_gen.pdbx_gene_src_cell_line            ? 
_entity_src_gen.pdbx_gene_src_atcc                 ? 
_entity_src_gen.pdbx_gene_src_organ                ? 
_entity_src_gen.pdbx_gene_src_organelle            ? 
_entity_src_gen.pdbx_gene_src_cell                 ? 
_entity_src_gen.pdbx_gene_src_cellular_location    ? 
_entity_src_gen.host_org_common_name               ? 
_entity_src_gen.pdbx_host_org_scientific_name      'Escherichia coli BL21(DE3)' 
_entity_src_gen.pdbx_host_org_ncbi_taxonomy_id     469008 
_entity_src_gen.host_org_genus                     ? 
_entity_src_gen.pdbx_host_org_gene                 ? 
_entity_src_gen.pdbx_host_org_organ                ? 
_entity_src_gen.host_org_species                   ? 
_entity_src_gen.pdbx_host_org_tissue               ? 
_entity_src_gen.pdbx_host_org_tissue_fraction      ? 
_entity_src_gen.pdbx_host_org_strain               'BL21(DE3)' 
_entity_src_gen.pdbx_host_org_variant              ? 
_entity_src_gen.pdbx_host_org_cell_line            ? 
_entity_src_gen.pdbx_host_org_atcc                 ? 
_entity_src_gen.pdbx_host_org_culture_collection   ? 
_entity_src_gen.pdbx_host_org_cell                 ? 
_entity_src_gen.pdbx_host_org_organelle            ? 
_entity_src_gen.pdbx_host_org_cellular_location    ? 
_entity_src_gen.pdbx_host_org_vector_type          plasmid 
_entity_src_gen.pdbx_host_org_vector               ? 
_entity_src_gen.host_org_details                   ? 
_entity_src_gen.expression_system_id               ? 
_entity_src_gen.plasmid_name                       pET-46EK/LIC 
_entity_src_gen.plasmid_details                    ? 
_entity_src_gen.pdbx_description                   ? 
# 
_struct_ref.id                         1 
_struct_ref.db_name                    UNP 
_struct_ref.db_code                    A0A1S6PUA4_PENHR 
_struct_ref.pdbx_db_accession          A0A1S6PUA4 
_struct_ref.pdbx_db_isoform            ? 
_struct_ref.entity_id                  1 
_struct_ref.pdbx_seq_one_letter_code   
;MKFTYLVSLAAFAVTALGSRPTPPNLEFLFSANLTKGPAYIYDQSDAQIKALQTLTGGIIAGPNFDGTVIGGTALSTRGA
DGTIRADAHYLIQTSDGANILVTESAAIPYVAVLFDTSSEKYNWLNNVTAWGTPPNLNEINFLEYWQIE
;
_struct_ref.pdbx_align_begin           1 
# 
_struct_ref_seq.align_id                      1 
_struct_ref_seq.ref_id                        1 
_struct_ref_seq.pdbx_PDB_id_code              6JJS 
_struct_ref_seq.pdbx_strand_id                A 
_struct_ref_seq.seq_align_beg                 1 
_struct_ref_seq.pdbx_seq_align_beg_ins_code   ? 
_struct_ref_seq.seq_align_end                 149 
_struct_ref_seq.pdbx_seq_align_end_ins_code   ? 
_struct_ref_seq.pdbx_db_accession             A0A1S6PUA4 
_struct_ref_seq.db_align_beg                  1 
_struct_ref_seq.pdbx_db_align_beg_ins_code    ? 
_struct_ref_seq.db_align_end                  149 
_struct_ref_seq.pdbx_db_align_end_ins_code    ? 
_struct_ref_seq.pdbx_auth_seq_align_beg       1 
_struct_ref_seq.pdbx_auth_seq_align_end       149 
# 
loop_
_chem_comp.id 
_chem_comp.type 
_chem_comp.mon_nstd_flag 
_chem_comp.name 
_chem_comp.pdbx_synonyms 
_chem_comp.formula 
_chem_comp.formula_weight 
ACT non-polymer         . 'ACETATE ION'   ? 'C2 H3 O2 -1'    59.044  
ALA 'L-peptide linking' y ALANINE         ? 'C3 H7 N O2'     89.093  
ARG 'L-peptide linking' y ARGININE        ? 'C6 H15 N4 O2 1' 175.209 
ASN 'L-peptide linking' y ASPARAGINE      ? 'C4 H8 N2 O3'    132.118 
ASP 'L-peptide linking' y 'ASPARTIC ACID' ? 'C4 H7 N O4'     133.103 
GLN 'L-peptide linking' y GLUTAMINE       ? 'C5 H10 N2 O3'   146.144 
GLU 'L-peptide linking' y 'GLUTAMIC ACID' ? 'C5 H9 N O4'     147.129 
GLY 'peptide linking'   y GLYCINE         ? 'C2 H5 N O2'     75.067  
HIS 'L-peptide linking' y HISTIDINE       ? 'C6 H10 N3 O2 1' 156.162 
HOH non-polymer         . WATER           ? 'H2 O'           18.015  
ILE 'L-peptide linking' y ISOLEUCINE      ? 'C6 H13 N O2'    131.173 
LEU 'L-peptide linking' y LEUCINE         ? 'C6 H13 N O2'    131.173 
LYS 'L-peptide linking' y LYSINE          ? 'C6 H15 N2 O2 1' 147.195 
MET 'L-peptide linking' y METHIONINE      ? 'C5 H11 N O2 S'  149.211 
PHE 'L-peptide linking' y PHENYLALANINE   ? 'C9 H11 N O2'    165.189 
PRO 'L-peptide linking' y PROLINE         ? 'C5 H9 N O2'     115.130 
SER 'L-peptide linking' y SERINE          ? 'C3 H7 N O3'     105.093 
THR 'L-peptide linking' y THREONINE       ? 'C4 H9 N O3'     119.119 
TRP 'L-peptide linking' y TRYPTOPHAN      ? 'C11 H12 N2 O2'  204.225 
TYR 'L-peptide linking' y TYROSINE        ? 'C9 H11 N O3'    181.189 
VAL 'L-peptide linking' y VALINE          ? 'C5 H11 N O2'    117.146 
# 
_exptl.absorpt_coefficient_mu     ? 
_exptl.absorpt_correction_T_max   ? 
_exptl.absorpt_correction_T_min   ? 
_exptl.absorpt_correction_type    ? 
_exptl.absorpt_process_details    ? 
_exptl.entry_id                   6JJS 
_exptl.crystals_number            1 
_exptl.details                    ? 
_exptl.method                     'X-RAY DIFFRACTION' 
_exptl.method_details             ? 
# 
_exptl_crystal.colour                      ? 
_exptl_crystal.density_diffrn              ? 
_exptl_crystal.density_Matthews            2.73 
_exptl_crystal.density_method              ? 
_exptl_crystal.density_percent_sol         54.91 
_exptl_crystal.description                 ? 
_exptl_crystal.F_000                       ? 
_exptl_crystal.id                          1 
_exptl_crystal.preparation                 ? 
_exptl_crystal.size_max                    ? 
_exptl_crystal.size_mid                    ? 
_exptl_crystal.size_min                    ? 
_exptl_crystal.size_rad                    ? 
_exptl_crystal.colour_lustre               ? 
_exptl_crystal.colour_modifier             ? 
_exptl_crystal.colour_primary              ? 
_exptl_crystal.density_meas                ? 
_exptl_crystal.density_meas_esd            ? 
_exptl_crystal.density_meas_gt             ? 
_exptl_crystal.density_meas_lt             ? 
_exptl_crystal.density_meas_temp           ? 
_exptl_crystal.density_meas_temp_esd       ? 
_exptl_crystal.density_meas_temp_gt        ? 
_exptl_crystal.density_meas_temp_lt        ? 
_exptl_crystal.pdbx_crystal_image_url      ? 
_exptl_crystal.pdbx_crystal_image_format   ? 
_exptl_crystal.pdbx_mosaicity              0.431 
_exptl_crystal.pdbx_mosaicity_esd          ? 
# 
_exptl_crystal_grow.apparatus       ? 
_exptl_crystal_grow.atmosphere      ? 
_exptl_crystal_grow.crystal_id      1 
_exptl_crystal_grow.details         ? 
_exptl_crystal_grow.method          'VAPOR DIFFUSION, SITTING DROP' 
_exptl_crystal_grow.method_ref      ? 
_exptl_crystal_grow.pH              8.0 
_exptl_crystal_grow.pressure        ? 
_exptl_crystal_grow.pressure_esd    ? 
_exptl_crystal_grow.seeding         ? 
_exptl_crystal_grow.seeding_ref     ? 
_exptl_crystal_grow.temp            295 
_exptl_crystal_grow.temp_details    ? 
_exptl_crystal_grow.temp_esd        ? 
_exptl_crystal_grow.time            ? 
_exptl_crystal_grow.pdbx_details    'PEG4000, 0.1 M Imidazole pH 8.0' 
_exptl_crystal_grow.pdbx_pH_range   ? 
# 
_diffrn.ambient_environment              ? 
_diffrn.ambient_temp                     100 
_diffrn.ambient_temp_details             ? 
_diffrn.ambient_temp_esd                 ? 
_diffrn.crystal_id                       1 
_diffrn.crystal_support                  ? 
_diffrn.crystal_treatment                ? 
_diffrn.details                          ? 
_diffrn.id                               1 
_diffrn.ambient_pressure                 ? 
_diffrn.ambient_pressure_esd             ? 
_diffrn.ambient_pressure_gt              ? 
_diffrn.ambient_pressure_lt              ? 
_diffrn.ambient_temp_gt                  ? 
_diffrn.ambient_temp_lt                  ? 
_diffrn.pdbx_serial_crystal_experiment   N 
# 
_diffrn_detector.details                      ? 
_diffrn_detector.detector                     CCD 
_diffrn_detector.diffrn_id                    1 
_diffrn_detector.type                         'RAYONIX MX-300' 
_diffrn_detector.area_resol_mean              ? 
_diffrn_detector.dtime                        ? 
_diffrn_detector.pdbx_frames_total            ? 
_diffrn_detector.pdbx_collection_time_total   ? 
_diffrn_detector.pdbx_collection_date         2018-04-26 
_diffrn_detector.pdbx_frequency               ? 
# 
_diffrn_radiation.collimation                      ? 
_diffrn_radiation.diffrn_id                        1 
_diffrn_radiation.filter_edge                      ? 
_diffrn_radiation.inhomogeneity                    ? 
_diffrn_radiation.monochromator                    GRAPHITE 
_diffrn_radiation.polarisn_norm                    ? 
_diffrn_radiation.polarisn_ratio                   ? 
_diffrn_radiation.probe                            ? 
_diffrn_radiation.type                             ? 
_diffrn_radiation.xray_symbol                      ? 
_diffrn_radiation.wavelength_id                    1 
_diffrn_radiation.pdbx_monochromatic_or_laue_m_l   M 
_diffrn_radiation.pdbx_wavelength_list             ? 
_diffrn_radiation.pdbx_wavelength                  ? 
_diffrn_radiation.pdbx_diffrn_protocol             'SINGLE WAVELENGTH' 
_diffrn_radiation.pdbx_analyzer                    ? 
_diffrn_radiation.pdbx_scattering_type             x-ray 
# 
_diffrn_radiation_wavelength.id           1 
_diffrn_radiation_wavelength.wavelength   1.0 
_diffrn_radiation_wavelength.wt           1.0 
# 
_diffrn_source.current                     ? 
_diffrn_source.details                     ? 
_diffrn_source.diffrn_id                   1 
_diffrn_source.power                       ? 
_diffrn_source.size                        ? 
_diffrn_source.source                      SYNCHROTRON 
_diffrn_source.target                      ? 
_diffrn_source.type                        'NSRRC BEAMLINE BL15A1' 
_diffrn_source.voltage                     ? 
_diffrn_source.take-off_angle              ? 
_diffrn_source.pdbx_wavelength_list        1.0 
_diffrn_source.pdbx_wavelength             ? 
_diffrn_source.pdbx_synchrotron_beamline   BL15A1 
_diffrn_source.pdbx_synchrotron_site       NSRRC 
# 
_reflns.B_iso_Wilson_estimate            ? 
_reflns.entry_id                         6JJS 
_reflns.data_reduction_details           ? 
_reflns.data_reduction_method            ? 
_reflns.d_resolution_high                1.620 
_reflns.d_resolution_low                 25.000 
_reflns.details                          ? 
_reflns.limit_h_max                      ? 
_reflns.limit_h_min                      ? 
_reflns.limit_k_max                      ? 
_reflns.limit_k_min                      ? 
_reflns.limit_l_max                      ? 
_reflns.limit_l_min                      ? 
_reflns.number_all                       ? 
_reflns.number_obs                       23321 
_reflns.observed_criterion               ? 
_reflns.observed_criterion_F_max         ? 
_reflns.observed_criterion_F_min         ? 
_reflns.observed_criterion_I_max         ? 
_reflns.observed_criterion_I_min         ? 
_reflns.observed_criterion_sigma_F       ? 
_reflns.observed_criterion_sigma_I       ? 
_reflns.percent_possible_obs             99.200 
_reflns.R_free_details                   ? 
_reflns.Rmerge_F_all                     ? 
_reflns.Rmerge_F_obs                     ? 
_reflns.Friedel_coverage                 ? 
_reflns.number_gt                        ? 
_reflns.threshold_expression             ? 
_reflns.pdbx_redundancy                  20 
_reflns.pdbx_Rmerge_I_obs                0.048 
_reflns.pdbx_Rmerge_I_all                ? 
_reflns.pdbx_Rsym_value                  ? 
_reflns.pdbx_netI_over_av_sigmaI         ? 
_reflns.pdbx_netI_over_sigmaI            19.700 
_reflns.pdbx_res_netI_over_av_sigmaI_2   ? 
_reflns.pdbx_res_netI_over_sigmaI_2      ? 
_reflns.pdbx_chi_squared                 1.124 
_reflns.pdbx_scaling_rejects             ? 
_reflns.pdbx_d_res_high_opt              ? 
_reflns.pdbx_d_res_low_opt               ? 
_reflns.pdbx_d_res_opt_method            ? 
_reflns.phase_calculation_details        ? 
_reflns.pdbx_Rrim_I_all                  0.050 
_reflns.pdbx_Rpim_I_all                  0.011 
_reflns.pdbx_d_opt                       ? 
_reflns.pdbx_number_measured_all         ? 
_reflns.pdbx_diffrn_id                   1 
_reflns.pdbx_ordinal                     1 
_reflns.pdbx_CC_half                     ? 
_reflns.pdbx_R_split                     ? 
# 
loop_
_reflns_shell.d_res_high 
_reflns_shell.d_res_low 
_reflns_shell.meanI_over_sigI_all 
_reflns_shell.meanI_over_sigI_obs 
_reflns_shell.number_measured_all 
_reflns_shell.number_measured_obs 
_reflns_shell.number_possible 
_reflns_shell.number_unique_all 
_reflns_shell.number_unique_obs 
_reflns_shell.percent_possible_all 
_reflns_shell.percent_possible_obs 
_reflns_shell.Rmerge_F_all 
_reflns_shell.Rmerge_F_obs 
_reflns_shell.Rmerge_I_all 
_reflns_shell.Rmerge_I_obs 
_reflns_shell.meanI_over_sigI_gt 
_reflns_shell.meanI_over_uI_all 
_reflns_shell.meanI_over_uI_gt 
_reflns_shell.number_measured_gt 
_reflns_shell.number_unique_gt 
_reflns_shell.percent_possible_gt 
_reflns_shell.Rmerge_F_gt 
_reflns_shell.Rmerge_I_gt 
_reflns_shell.pdbx_redundancy 
_reflns_shell.pdbx_Rsym_value 
_reflns_shell.pdbx_chi_squared 
_reflns_shell.pdbx_netI_over_sigmaI_all 
_reflns_shell.pdbx_netI_over_sigmaI_obs 
_reflns_shell.pdbx_Rrim_I_all 
_reflns_shell.pdbx_Rpim_I_all 
_reflns_shell.pdbx_rejects 
_reflns_shell.pdbx_ordinal 
_reflns_shell.pdbx_diffrn_id 
_reflns_shell.pdbx_CC_half 
_reflns_shell.pdbx_R_split 
1.620 1.680  ? ? ? ? ? ? 2286 100.000 ? ? ? ? 0.463 ? ? ? ? ? ? ? ? 20.800 ? 1.190 ? ? 0.474 0.103 ? 1  1 0.991 ? 
1.680 1.750  ? ? ? ? ? ? 2297 100.000 ? ? ? ? 0.307 ? ? ? ? ? ? ? ? 20.900 ? 1.158 ? ? 0.315 0.068 ? 2  1 0.996 ? 
1.750 1.820  ? ? ? ? ? ? 2290 100.000 ? ? ? ? 0.205 ? ? ? ? ? ? ? ? 21.300 ? 1.107 ? ? 0.210 0.045 ? 3  1 0.998 ? 
1.820 1.920  ? ? ? ? ? ? 2314 100.000 ? ? ? ? 0.158 ? ? ? ? ? ? ? ? 21.400 ? 1.117 ? ? 0.162 0.035 ? 4  1 0.999 ? 
1.920 2.040  ? ? ? ? ? ? 2305 99.900  ? ? ? ? 0.102 ? ? ? ? ? ? ? ? 21.500 ? 1.214 ? ? 0.104 0.022 ? 5  1 0.999 ? 
2.040 2.200  ? ? ? ? ? ? 2327 99.900  ? ? ? ? 0.076 ? ? ? ? ? ? ? ? 21.500 ? 0.945 ? ? 0.078 0.017 ? 6  1 0.999 ? 
2.200 2.420  ? ? ? ? ? ? 2339 100.000 ? ? ? ? 0.067 ? ? ? ? ? ? ? ? 21.400 ? 1.004 ? ? 0.069 0.015 ? 7  1 0.999 ? 
2.420 2.770  ? ? ? ? ? ? 2357 99.900  ? ? ? ? 0.074 ? ? ? ? ? ? ? ? 21.300 ? 1.391 ? ? 0.076 0.016 ? 8  1 0.998 ? 
2.770 3.490  ? ? ? ? ? ? 2382 99.300  ? ? ? ? 0.045 ? ? ? ? ? ? ? ? 20.800 ? 1.069 ? ? 0.046 0.010 ? 9  1 1.000 ? 
3.491 25.000 ? ? ? ? ? ? 2424 94.000  ? ? ? ? 0.034 ? ? ? ? ? ? ? ? 18.200 ? 1.033 ? ? 0.035 0.008 ? 10 1 0.999 ? 
# 
_refine.aniso_B[1][1]                            1.15 
_refine.aniso_B[1][2]                            0.57 
_refine.aniso_B[1][3]                            -0.00 
_refine.aniso_B[2][2]                            1.15 
_refine.aniso_B[2][3]                            0.00 
_refine.aniso_B[3][3]                            -3.72 
_refine.B_iso_max                                ? 
_refine.B_iso_mean                               34.539 
_refine.B_iso_min                                ? 
_refine.correlation_coeff_Fo_to_Fc               0.966 
_refine.correlation_coeff_Fo_to_Fc_free          0.961 
_refine.details                                  'HYDROGENS HAVE BEEN ADDED IN THE RIDING POSITIONS' 
_refine.diff_density_max                         ? 
_refine.diff_density_max_esd                     ? 
_refine.diff_density_min                         ? 
_refine.diff_density_min_esd                     ? 
_refine.diff_density_rms                         ? 
_refine.diff_density_rms_esd                     ? 
_refine.entry_id                                 6JJS 
_refine.pdbx_refine_id                           'X-RAY DIFFRACTION' 
_refine.ls_abs_structure_details                 ? 
_refine.ls_abs_structure_Flack                   ? 
_refine.ls_abs_structure_Flack_esd               ? 
_refine.ls_abs_structure_Rogers                  ? 
_refine.ls_abs_structure_Rogers_esd              ? 
_refine.ls_d_res_high                            1.62 
_refine.ls_d_res_low                             24.44 
_refine.ls_extinction_coef                       ? 
_refine.ls_extinction_coef_esd                   ? 
_refine.ls_extinction_expression                 ? 
_refine.ls_extinction_method                     ? 
_refine.ls_goodness_of_fit_all                   ? 
_refine.ls_goodness_of_fit_all_esd               ? 
_refine.ls_goodness_of_fit_obs                   ? 
_refine.ls_goodness_of_fit_obs_esd               ? 
_refine.ls_hydrogen_treatment                    ? 
_refine.ls_matrix_type                           ? 
_refine.ls_number_constraints                    ? 
_refine.ls_number_parameters                     ? 
_refine.ls_number_reflns_all                     ? 
_refine.ls_number_reflns_obs                     22115 
_refine.ls_number_reflns_R_free                  1116 
_refine.ls_number_reflns_R_work                  ? 
_refine.ls_number_restraints                     ? 
_refine.ls_percent_reflns_obs                    98.99 
_refine.ls_percent_reflns_R_free                 4.8 
_refine.ls_R_factor_all                          ? 
_refine.ls_R_factor_obs                          0.18627 
_refine.ls_R_factor_R_free                       0.20229 
_refine.ls_R_factor_R_free_error                 ? 
_refine.ls_R_factor_R_free_error_details         ? 
_refine.ls_R_factor_R_work                       0.18543 
_refine.ls_R_Fsqd_factor_obs                     ? 
_refine.ls_R_I_factor_obs                        ? 
_refine.ls_redundancy_reflns_all                 ? 
_refine.ls_redundancy_reflns_obs                 ? 
_refine.ls_restrained_S_all                      ? 
_refine.ls_restrained_S_obs                      ? 
_refine.ls_shift_over_esd_max                    ? 
_refine.ls_shift_over_esd_mean                   ? 
_refine.ls_structure_factor_coef                 ? 
_refine.ls_weighting_details                     ? 
_refine.ls_weighting_scheme                      ? 
_refine.ls_wR_factor_all                         ? 
_refine.ls_wR_factor_obs                         ? 
_refine.ls_wR_factor_R_free                      ? 
_refine.ls_wR_factor_R_work                      ? 
_refine.occupancy_max                            ? 
_refine.occupancy_min                            ? 
_refine.solvent_model_details                    MASK 
_refine.solvent_model_param_bsol                 ? 
_refine.solvent_model_param_ksol                 ? 
_refine.ls_R_factor_gt                           ? 
_refine.ls_goodness_of_fit_gt                    ? 
_refine.ls_goodness_of_fit_ref                   ? 
_refine.ls_shift_over_su_max                     ? 
_refine.ls_shift_over_su_max_lt                  ? 
_refine.ls_shift_over_su_mean                    ? 
_refine.ls_shift_over_su_mean_lt                 ? 
_refine.pdbx_ls_sigma_I                          ? 
_refine.pdbx_ls_sigma_F                          ? 
_refine.pdbx_ls_sigma_Fsqd                       ? 
_refine.pdbx_data_cutoff_high_absF               ? 
_refine.pdbx_data_cutoff_high_rms_absF           ? 
_refine.pdbx_data_cutoff_low_absF                ? 
_refine.pdbx_isotropic_thermal_model             ? 
_refine.pdbx_ls_cross_valid_method               THROUGHOUT 
_refine.pdbx_method_to_determine_struct          'MOLECULAR REPLACEMENT' 
_refine.pdbx_starting_model                      3C5O 
_refine.pdbx_stereochemistry_target_values       'MAXIMUM LIKELIHOOD' 
_refine.pdbx_R_Free_selection_details            RANDOM 
_refine.pdbx_stereochem_target_val_spec_case     ? 
_refine.pdbx_overall_ESU_R                       0.080 
_refine.pdbx_overall_ESU_R_Free                  0.077 
_refine.pdbx_solvent_vdw_probe_radii             1.20 
_refine.pdbx_solvent_ion_probe_radii             0.80 
_refine.pdbx_solvent_shrinkage_radii             0.80 
_refine.pdbx_real_space_R                        ? 
_refine.pdbx_density_correlation                 ? 
_refine.pdbx_pd_number_of_powder_patterns        ? 
_refine.pdbx_pd_number_of_points                 ? 
_refine.pdbx_pd_meas_number_of_points            ? 
_refine.pdbx_pd_proc_ls_prof_R_factor            ? 
_refine.pdbx_pd_proc_ls_prof_wR_factor           ? 
_refine.pdbx_pd_Marquardt_correlation_coeff      ? 
_refine.pdbx_pd_Fsqrd_R_factor                   ? 
_refine.pdbx_pd_ls_matrix_band_width             ? 
_refine.pdbx_overall_phase_error                 ? 
_refine.pdbx_overall_SU_R_free_Cruickshank_DPI   ? 
_refine.pdbx_overall_SU_R_free_Blow_DPI          ? 
_refine.pdbx_overall_SU_R_Blow_DPI               ? 
_refine.pdbx_TLS_residual_ADP_flag               ? 
_refine.pdbx_diffrn_id                           1 
_refine.overall_SU_B                             1.565 
_refine.overall_SU_ML                            0.053 
_refine.overall_SU_R_Cruickshank_DPI             ? 
_refine.overall_SU_R_free                        ? 
_refine.overall_FOM_free_R_set                   ? 
_refine.overall_FOM_work_R_set                   ? 
_refine.pdbx_average_fsc_overall                 ? 
_refine.pdbx_average_fsc_work                    ? 
_refine.pdbx_average_fsc_free                    ? 
# 
_refine_hist.pdbx_refine_id                   'X-RAY DIFFRACTION' 
_refine_hist.cycle_id                         1 
_refine_hist.details                          ? 
_refine_hist.d_res_high                       1.62 
_refine_hist.d_res_low                        24.44 
_refine_hist.number_atoms_solvent             174 
_refine_hist.number_atoms_total               1187 
_refine_hist.number_reflns_all                ? 
_refine_hist.number_reflns_obs                ? 
_refine_hist.number_reflns_R_free             ? 
_refine_hist.number_reflns_R_work             ? 
_refine_hist.R_factor_all                     ? 
_refine_hist.R_factor_obs                     ? 
_refine_hist.R_factor_R_free                  ? 
_refine_hist.R_factor_R_work                  ? 
_refine_hist.pdbx_number_residues_total       ? 
_refine_hist.pdbx_B_iso_mean_ligand           ? 
_refine_hist.pdbx_B_iso_mean_solvent          ? 
_refine_hist.pdbx_number_atoms_protein        997 
_refine_hist.pdbx_number_atoms_nucleic_acid   0 
_refine_hist.pdbx_number_atoms_ligand         16 
_refine_hist.pdbx_number_atoms_lipid          ? 
_refine_hist.pdbx_number_atoms_carb           ? 
_refine_hist.pdbx_pseudo_atom_details         ? 
# 
loop_
_refine_ls_restr.pdbx_refine_id 
_refine_ls_restr.criterion 
_refine_ls_restr.dev_ideal 
_refine_ls_restr.dev_ideal_target 
_refine_ls_restr.number 
_refine_ls_restr.rejects 
_refine_ls_restr.type 
_refine_ls_restr.weight 
_refine_ls_restr.pdbx_restraint_function 
'X-RAY DIFFRACTION' ? 0.010  0.013  1034 ? r_bond_refined_d             ? ? 
'X-RAY DIFFRACTION' ? 0.000  0.017  918  ? r_bond_other_d               ? ? 
'X-RAY DIFFRACTION' ? 1.499  1.646  1415 ? r_angle_refined_deg          ? ? 
'X-RAY DIFFRACTION' ? 1.458  1.563  2130 ? r_angle_other_deg            ? ? 
'X-RAY DIFFRACTION' ? 8.260  5.000  129  ? r_dihedral_angle_1_deg       ? ? 
'X-RAY DIFFRACTION' ? 35.560 24.490 49   ? r_dihedral_angle_2_deg       ? ? 
'X-RAY DIFFRACTION' ? 12.175 15.000 146  ? r_dihedral_angle_3_deg       ? ? 
'X-RAY DIFFRACTION' ? 10.926 15.000 3    ? r_dihedral_angle_4_deg       ? ? 
'X-RAY DIFFRACTION' ? 0.112  0.200  143  ? r_chiral_restr               ? ? 
'X-RAY DIFFRACTION' ? 0.013  0.020  1184 ? r_gen_planes_refined         ? ? 
'X-RAY DIFFRACTION' ? 0.002  0.020  205  ? r_gen_planes_other           ? ? 
'X-RAY DIFFRACTION' ? ?      ?      ?    ? r_nbd_refined                ? ? 
'X-RAY DIFFRACTION' ? ?      ?      ?    ? r_nbd_other                  ? ? 
'X-RAY DIFFRACTION' ? ?      ?      ?    ? r_nbtor_refined              ? ? 
'X-RAY DIFFRACTION' ? ?      ?      ?    ? r_nbtor_other                ? ? 
'X-RAY DIFFRACTION' ? ?      ?      ?    ? r_xyhbond_nbd_refined        ? ? 
'X-RAY DIFFRACTION' ? ?      ?      ?    ? r_xyhbond_nbd_other          ? ? 
'X-RAY DIFFRACTION' ? ?      ?      ?    ? r_metal_ion_refined          ? ? 
'X-RAY DIFFRACTION' ? ?      ?      ?    ? r_metal_ion_other            ? ? 
'X-RAY DIFFRACTION' ? ?      ?      ?    ? r_symmetry_vdw_refined       ? ? 
'X-RAY DIFFRACTION' ? ?      ?      ?    ? r_symmetry_vdw_other         ? ? 
'X-RAY DIFFRACTION' ? ?      ?      ?    ? r_symmetry_hbond_refined     ? ? 
'X-RAY DIFFRACTION' ? ?      ?      ?    ? r_symmetry_hbond_other       ? ? 
'X-RAY DIFFRACTION' ? ?      ?      ?    ? r_symmetry_metal_ion_refined ? ? 
'X-RAY DIFFRACTION' ? ?      ?      ?    ? r_symmetry_metal_ion_other   ? ? 
'X-RAY DIFFRACTION' ? 2.859  3.311  523  ? r_mcbond_it                  ? ? 
'X-RAY DIFFRACTION' ? 2.561  3.292  518  ? r_mcbond_other               ? ? 
'X-RAY DIFFRACTION' ? 3.788  4.933  647  ? r_mcangle_it                 ? ? 
'X-RAY DIFFRACTION' ? 3.811  4.935  648  ? r_mcangle_other              ? ? 
'X-RAY DIFFRACTION' ? 4.801  3.820  511  ? r_scbond_it                  ? ? 
'X-RAY DIFFRACTION' ? 4.802  3.822  512  ? r_scbond_other               ? ? 
'X-RAY DIFFRACTION' ? ?      ?      ?    ? r_scangle_it                 ? ? 
'X-RAY DIFFRACTION' ? 6.535  5.554  769  ? r_scangle_other              ? ? 
'X-RAY DIFFRACTION' ? 7.271  66.418 4267 ? r_long_range_B_refined       ? ? 
'X-RAY DIFFRACTION' ? 7.194  65.394 4110 ? r_long_range_B_other         ? ? 
'X-RAY DIFFRACTION' ? ?      ?      ?    ? r_rigid_bond_restr           ? ? 
'X-RAY DIFFRACTION' ? ?      ?      ?    ? r_sphericity_free            ? ? 
'X-RAY DIFFRACTION' ? ?      ?      ?    ? r_sphericity_bonded          ? ? 
# 
_refine_ls_shell.pdbx_refine_id                   'X-RAY DIFFRACTION' 
_refine_ls_shell.d_res_high                       1.620 
_refine_ls_shell.d_res_low                        1.662 
_refine_ls_shell.number_reflns_all                ? 
_refine_ls_shell.number_reflns_obs                ? 
_refine_ls_shell.number_reflns_R_free             69 
_refine_ls_shell.number_reflns_R_work             1616 
_refine_ls_shell.percent_reflns_obs               99.94 
_refine_ls_shell.percent_reflns_R_free            ? 
_refine_ls_shell.R_factor_all                     ? 
_refine_ls_shell.R_factor_obs                     ? 
_refine_ls_shell.R_factor_R_free                  0.282 
_refine_ls_shell.R_factor_R_free_error            ? 
_refine_ls_shell.R_factor_R_work                  0.246 
_refine_ls_shell.redundancy_reflns_all            ? 
_refine_ls_shell.redundancy_reflns_obs            ? 
_refine_ls_shell.wR_factor_all                    ? 
_refine_ls_shell.wR_factor_obs                    ? 
_refine_ls_shell.wR_factor_R_free                 ? 
_refine_ls_shell.wR_factor_R_work                 ? 
_refine_ls_shell.pdbx_total_number_of_bins_used   20 
_refine_ls_shell.pdbx_phase_error                 ? 
_refine_ls_shell.pdbx_fsc_work                    ? 
_refine_ls_shell.pdbx_fsc_free                    ? 
# 
_struct.entry_id                     6JJS 
_struct.title                        'Crystal structure of an enzyme from Penicillium herquei in condition2' 
_struct.pdbx_model_details           ? 
_struct.pdbx_formula_weight          ? 
_struct.pdbx_formula_weight_method   ? 
_struct.pdbx_model_type_details      ? 
_struct.pdbx_CASP_flag               N 
# 
_struct_keywords.entry_id        6JJS 
_struct_keywords.text            'prenyltransferase, TRANSFERASE' 
_struct_keywords.pdbx_keywords   TRANSFERASE 
# 
loop_
_struct_asym.id 
_struct_asym.pdbx_blank_PDB_chainid_flag 
_struct_asym.pdbx_modified 
_struct_asym.entity_id 
_struct_asym.details 
A N N 1 ? 
B N N 2 ? 
C N N 2 ? 
D N N 2 ? 
E N N 2 ? 
F N N 3 ? 
# 
_struct_conf.conf_type_id            HELX_P 
_struct_conf.id                      HELX_P1 
_struct_conf.pdbx_PDB_helix_id       AA1 
_struct_conf.beg_label_comp_id       TYR 
_struct_conf.beg_label_asym_id       A 
_struct_conf.beg_label_seq_id        122 
_struct_conf.pdbx_beg_PDB_ins_code   ? 
_struct_conf.end_label_comp_id       VAL 
_struct_conf.end_label_asym_id       A 
_struct_conf.end_label_seq_id        128 
_struct_conf.pdbx_end_PDB_ins_code   ? 
_struct_conf.beg_auth_comp_id        TYR 
_struct_conf.beg_auth_asym_id        A 
_struct_conf.beg_auth_seq_id         122 
_struct_conf.end_auth_comp_id        VAL 
_struct_conf.end_auth_asym_id        A 
_struct_conf.end_auth_seq_id         128 
_struct_conf.pdbx_PDB_helix_class    5 
_struct_conf.details                 ? 
_struct_conf.pdbx_PDB_helix_length   7 
# 
_struct_conf_type.id          HELX_P 
_struct_conf_type.criteria    ? 
_struct_conf_type.reference   ? 
# 
_struct_mon_prot_cis.pdbx_id                1 
_struct_mon_prot_cis.label_comp_id          ILE 
_struct_mon_prot_cis.label_seq_id           108 
_struct_mon_prot_cis.label_asym_id          A 
_struct_mon_prot_cis.label_alt_id           . 
_struct_mon_prot_cis.pdbx_PDB_ins_code      ? 
_struct_mon_prot_cis.auth_comp_id           ILE 
_struct_mon_prot_cis.auth_seq_id            108 
_struct_mon_prot_cis.auth_asym_id           A 
_struct_mon_prot_cis.pdbx_label_comp_id_2   PRO 
_struct_mon_prot_cis.pdbx_label_seq_id_2    109 
_struct_mon_prot_cis.pdbx_label_asym_id_2   A 
_struct_mon_prot_cis.pdbx_PDB_ins_code_2    ? 
_struct_mon_prot_cis.pdbx_auth_comp_id_2    PRO 
_struct_mon_prot_cis.pdbx_auth_seq_id_2     109 
_struct_mon_prot_cis.pdbx_auth_asym_id_2    A 
_struct_mon_prot_cis.pdbx_PDB_model_num     1 
_struct_mon_prot_cis.pdbx_omega_angle       12.87 
# 
_struct_sheet.id               AA1 
_struct_sheet.type             ? 
_struct_sheet.number_strands   10 
_struct_sheet.details          ? 
# 
loop_
_struct_sheet_order.sheet_id 
_struct_sheet_order.range_id_1 
_struct_sheet_order.range_id_2 
_struct_sheet_order.offset 
_struct_sheet_order.sense 
AA1 1 2  ? anti-parallel 
AA1 2 3  ? anti-parallel 
AA1 3 4  ? anti-parallel 
AA1 4 5  ? anti-parallel 
AA1 5 6  ? anti-parallel 
AA1 6 7  ? anti-parallel 
AA1 7 8  ? anti-parallel 
AA1 8 9  ? anti-parallel 
AA1 9 10 ? anti-parallel 
# 
loop_
_struct_sheet_range.sheet_id 
_struct_sheet_range.id 
_struct_sheet_range.beg_label_comp_id 
_struct_sheet_range.beg_label_asym_id 
_struct_sheet_range.beg_label_seq_id 
_struct_sheet_range.pdbx_beg_PDB_ins_code 
_struct_sheet_range.end_label_comp_id 
_struct_sheet_range.end_label_asym_id 
_struct_sheet_range.end_label_seq_id 
_struct_sheet_range.pdbx_end_PDB_ins_code 
_struct_sheet_range.beg_auth_comp_id 
_struct_sheet_range.beg_auth_asym_id 
_struct_sheet_range.beg_auth_seq_id 
_struct_sheet_range.end_auth_comp_id 
_struct_sheet_range.end_auth_asym_id 
_struct_sheet_range.end_auth_seq_id 
AA1 1  TYR A 40  ? GLN A 44  ? TYR A 40  GLN A 44  
AA1 2  GLN A 48  ? ALA A 61  ? GLN A 48  ALA A 61  
AA1 3  GLY A 67  ? GLY A 79  ? GLY A 67  GLY A 79  
AA1 4  ILE A 84  ? THR A 94  ? ILE A 84  THR A 94  
AA1 5  ASN A 99  ? ALA A 107 ? ASN A 99  ALA A 107 
AA1 6  TYR A 110 ? ASP A 116 ? TYR A 110 ASP A 116 
AA1 7  THR A 129 ? THR A 133 ? THR A 129 THR A 133 
AA1 8  PHE A 142 ? GLU A 149 ? PHE A 142 GLU A 149 
AA1 9  ASN A 25  ? LYS A 36  ? ASN A 25  LYS A 36  
AA1 10 GLN A 48  ? ALA A 61  ? GLN A 48  ALA A 61  
# 
loop_
_pdbx_struct_sheet_hbond.sheet_id 
_pdbx_struct_sheet_hbond.range_id_1 
_pdbx_struct_sheet_hbond.range_id_2 
_pdbx_struct_sheet_hbond.range_1_label_atom_id 
_pdbx_struct_sheet_hbond.range_1_label_comp_id 
_pdbx_struct_sheet_hbond.range_1_label_asym_id 
_pdbx_struct_sheet_hbond.range_1_label_seq_id 
_pdbx_struct_sheet_hbond.range_1_PDB_ins_code 
_pdbx_struct_sheet_hbond.range_1_auth_atom_id 
_pdbx_struct_sheet_hbond.range_1_auth_comp_id 
_pdbx_struct_sheet_hbond.range_1_auth_asym_id 
_pdbx_struct_sheet_hbond.range_1_auth_seq_id 
_pdbx_struct_sheet_hbond.range_2_label_atom_id 
_pdbx_struct_sheet_hbond.range_2_label_comp_id 
_pdbx_struct_sheet_hbond.range_2_label_asym_id 
_pdbx_struct_sheet_hbond.range_2_label_seq_id 
_pdbx_struct_sheet_hbond.range_2_PDB_ins_code 
_pdbx_struct_sheet_hbond.range_2_auth_atom_id 
_pdbx_struct_sheet_hbond.range_2_auth_comp_id 
_pdbx_struct_sheet_hbond.range_2_auth_asym_id 
_pdbx_struct_sheet_hbond.range_2_auth_seq_id 
AA1 1 2  N TYR A 40  ? N TYR A 40  O LEU A 52  ? O LEU A 52  
AA1 2 3  N ILE A 49  ? N ILE A 49  O ARG A 78  ? O ARG A 78  
AA1 3 4  N LEU A 75  ? N LEU A 75  O ASP A 87  ? O ASP A 87  
AA1 4 5  N TYR A 90  ? N TYR A 90  O VAL A 102 ? O VAL A 102 
AA1 5 6  N SER A 105 ? N SER A 105 O ALA A 112 ? O ALA A 112 
AA1 6 7  N VAL A 111 ? N VAL A 111 O GLY A 132 ? O GLY A 132 
AA1 7 8  N TRP A 131 ? N TRP A 131 O TRP A 146 ? O TRP A 146 
AA1 8 9  O GLU A 149 ? O GLU A 149 N ASN A 25  ? N ASN A 25  
AA1 9 10 N SER A 31  ? N SER A 31  O ALA A 61  ? O ALA A 61  
# 
loop_
_struct_site.id 
_struct_site.pdbx_evidence_code 
_struct_site.pdbx_auth_asym_id 
_struct_site.pdbx_auth_comp_id 
_struct_site.pdbx_auth_seq_id 
_struct_site.pdbx_auth_ins_code 
_struct_site.pdbx_num_residues 
_struct_site.details 
AC1 Software A ACT 201 ? 4 'binding site for residue ACT A 201' 
AC2 Software A ACT 202 ? 5 'binding site for residue ACT A 202' 
AC3 Software A ACT 203 ? 7 'binding site for residue ACT A 203' 
AC4 Software A ACT 204 ? 4 'binding site for residue ACT A 204' 
# 
loop_
_struct_site_gen.id 
_struct_site_gen.site_id 
_struct_site_gen.pdbx_num_res 
_struct_site_gen.label_comp_id 
_struct_site_gen.label_asym_id 
_struct_site_gen.label_seq_id 
_struct_site_gen.pdbx_auth_ins_code 
_struct_site_gen.auth_comp_id 
_struct_site_gen.auth_asym_id 
_struct_site_gen.auth_seq_id 
_struct_site_gen.label_atom_id 
_struct_site_gen.label_alt_id 
_struct_site_gen.symmetry 
_struct_site_gen.details 
1  AC1 4 LEU A 34  ? LEU A 34  . ? 1_555 ? 
2  AC1 4 LYS A 36  ? LYS A 36  . ? 1_555 ? 
3  AC1 4 GLU A 104 ? GLU A 104 . ? 1_555 ? 
4  AC1 4 TYR A 145 ? TYR A 145 . ? 1_555 ? 
5  AC2 5 ALA A 39  ? ALA A 39  . ? 7_554 ? 
6  AC2 5 TYR A 40  ? TYR A 40  . ? 7_554 ? 
7  AC2 5 GLN A 93  ? GLN A 93  . ? 1_555 ? 
8  AC2 5 ASN A 99  ? ASN A 99  . ? 1_555 ? 
9  AC2 5 HOH F .   ? HOH A 381 . ? 7_554 ? 
10 AC3 7 TYR A 42  ? TYR A 42  . ? 7_554 ? 
11 AC3 7 ALA A 98  ? ALA A 98  . ? 1_555 ? 
12 AC3 7 ASN A 99  ? ASN A 99  . ? 1_555 ? 
13 AC3 7 SER A 118 ? SER A 118 . ? 1_555 ? 
14 AC3 7 SER A 119 ? SER A 119 . ? 1_555 ? 
15 AC3 7 HOH F .   ? HOH A 346 . ? 1_555 ? 
16 AC3 7 HOH F .   ? HOH A 432 . ? 1_555 ? 
17 AC4 4 THR A 73  ? THR A 73  . ? 1_555 ? 
18 AC4 4 ASP A 87  ? ASP A 87  . ? 1_555 ? 
19 AC4 4 HIS A 89  ? HIS A 89  . ? 1_555 ? 
20 AC4 4 HOH F .   ? HOH A 402 . ? 1_555 ? 
# 
_atom_sites.entry_id                    6JJS 
_atom_sites.Cartn_transf_matrix[1][1]   ? 
_atom_sites.Cartn_transf_matrix[1][2]   ? 
_atom_sites.Cartn_transf_matrix[1][3]   ? 
_atom_sites.Cartn_transf_matrix[2][1]   ? 
_atom_sites.Cartn_transf_matrix[2][2]   ? 
_atom_sites.Cartn_transf_matrix[2][3]   ? 
_atom_sites.Cartn_transf_matrix[3][1]   ? 
_atom_sites.Cartn_transf_matrix[3][2]   ? 
_atom_sites.Cartn_transf_matrix[3][3]   ? 
_atom_sites.Cartn_transf_vector[1]      ? 
_atom_sites.Cartn_transf_vector[2]      ? 
_atom_sites.Cartn_transf_vector[3]      ? 
_atom_sites.fract_transf_matrix[1][1]   0.00093520 
_atom_sites.fract_transf_matrix[1][2]   -0.01309102 
_atom_sites.fract_transf_matrix[1][3]   -0.00820004 
_atom_sites.fract_transf_matrix[2][1]   -0.01290385 
_atom_sites.fract_transf_matrix[2][2]   -0.00702493 
_atom_sites.fract_transf_matrix[2][3]   -0.00485970 
_atom_sites.fract_transf_matrix[3][1]   0.00026622 
_atom_sites.fract_transf_matrix[3][2]   0.00488528 
_atom_sites.fract_transf_matrix[3][3]   -0.00776878 
_atom_sites.fract_transf_vector[1]      0.266577 
_atom_sites.fract_transf_vector[2]      0.459529 
_atom_sites.fract_transf_vector[3]      -0.163190 
_atom_sites.solution_primary            ? 
_atom_sites.solution_secondary          ? 
_atom_sites.solution_hydrogens          ? 
_atom_sites.special_details             ? 
# 
loop_
_atom_type.symbol 
C 
N 
O 
# 
loop_
_atom_site.group_PDB 
_atom_site.id 
_atom_site.type_symbol 
_atom_site.label_atom_id 
_atom_site.label_alt_id 
_atom_site.label_comp_id 
_atom_site.label_asym_id 
_atom_site.label_entity_id 
_atom_site.label_seq_id 
_atom_site.pdbx_PDB_ins_code 
_atom_site.Cartn_x 
_atom_site.Cartn_y 
_atom_site.Cartn_z 
_atom_site.occupancy 
_atom_site.B_iso_or_equiv 
_atom_site.pdbx_formal_charge 
_atom_site.auth_seq_id 
_atom_site.auth_comp_id 
_atom_site.auth_asym_id 
_atom_site.auth_atom_id 
_atom_site.pdbx_PDB_model_num 
ATOM   1    N N   . ARG A 1 20  ? -29.364 -11.990 -8.186  1.00 91.22  ? 20  ARG A N   1 
ATOM   2    C CA  . ARG A 1 20  ? -28.503 -10.775 -8.123  1.00 83.67  ? 20  ARG A CA  1 
ATOM   3    C C   . ARG A 1 20  ? -27.313 -11.064 -7.207  1.00 74.08  ? 20  ARG A C   1 
ATOM   4    O O   . ARG A 1 20  ? -27.500 -11.314 -6.019  1.00 70.45  ? 20  ARG A O   1 
ATOM   5    C CB  . ARG A 1 20  ? -29.326 -9.576  -7.638  1.00 84.90  ? 20  ARG A CB  1 
ATOM   6    C CG  . ARG A 1 20  ? -29.075 -8.294  -8.415  1.00 88.09  ? 20  ARG A CG  1 
ATOM   7    C CD  . ARG A 1 20  ? -29.996 -7.159  -8.000  1.00 97.22  ? 20  ARG A CD  1 
ATOM   8    N NE  . ARG A 1 20  ? -29.525 -5.883  -8.524  1.00 106.22 ? 20  ARG A NE  1 
ATOM   9    C CZ  . ARG A 1 20  ? -28.931 -4.931  -7.806  1.00 104.27 ? 20  ARG A CZ  1 
ATOM   10   N NH1 . ARG A 1 20  ? -28.764 -5.077  -6.503  1.00 103.62 ? 20  ARG A NH1 1 
ATOM   11   N NH2 . ARG A 1 20  ? -28.515 -3.824  -8.397  1.00 97.70  ? 20  ARG A NH2 1 
ATOM   12   N N   . PRO A 1 21  ? -26.060 -11.107 -7.723  1.00 59.58  ? 21  PRO A N   1 
ATOM   13   C CA  . PRO A 1 21  ? -24.894 -11.324 -6.862  1.00 47.70  ? 21  PRO A CA  1 
ATOM   14   C C   . PRO A 1 21  ? -24.920 -10.338 -5.686  1.00 41.26  ? 21  PRO A C   1 
ATOM   15   O O   . PRO A 1 21  ? -25.266 -9.197  -5.885  1.00 45.10  ? 21  PRO A O   1 
ATOM   16   C CB  . PRO A 1 21  ? -23.699 -11.085 -7.803  1.00 46.36  ? 21  PRO A CB  1 
ATOM   17   C CG  . PRO A 1 21  ? -24.251 -11.461 -9.173  1.00 56.52  ? 21  PRO A CG  1 
ATOM   18   C CD  . PRO A 1 21  ? -25.701 -11.005 -9.145  1.00 57.11  ? 21  PRO A CD  1 
ATOM   19   N N   . THR A 1 22  ? -24.455 -10.782 -4.515  1.00 44.51  ? 22  THR A N   1 
ATOM   20   C CA  . THR A 1 22  ? -24.360 -9.960  -3.282  1.00 47.65  ? 22  THR A CA  1 
ATOM   21   C C   . THR A 1 22  ? -22.965 -9.365  -3.178  1.00 41.47  ? 22  THR A C   1 
ATOM   22   O O   . THR A 1 22  ? -21.982 -10.105 -3.146  1.00 42.63  ? 22  THR A O   1 
ATOM   23   C CB  . THR A 1 22  ? -24.611 -10.788 -2.019  1.00 48.78  ? 22  THR A CB  1 
ATOM   24   O OG1 . THR A 1 22  ? -25.841 -11.475 -2.236  1.00 55.53  ? 22  THR A OG1 1 
ATOM   25   C CG2 . THR A 1 22  ? -24.667 -9.936  -0.770  1.00 50.44  ? 22  THR A CG2 1 
ATOM   26   N N   . PRO A 1 23  ? -22.844 -8.028  -3.089  1.00 39.30  ? 23  PRO A N   1 
ATOM   27   C CA  . PRO A 1 23  ? -21.534 -7.392  -2.988  1.00 38.14  ? 23  PRO A CA  1 
ATOM   28   C C   . PRO A 1 23  ? -20.925 -7.599  -1.614  1.00 38.00  ? 23  PRO A C   1 
ATOM   29   O O   . PRO A 1 23  ? -21.627 -7.796  -0.624  1.00 37.28  ? 23  PRO A O   1 
ATOM   30   C CB  . PRO A 1 23  ? -21.830 -5.911  -3.235  1.00 41.57  ? 23  PRO A CB  1 
ATOM   31   C CG  . PRO A 1 23  ? -23.260 -5.751  -2.788  1.00 45.89  ? 23  PRO A CG  1 
ATOM   32   C CD  . PRO A 1 23  ? -23.935 -7.050  -3.177  1.00 44.28  ? 23  PRO A CD  1 
ATOM   33   N N   . PRO A 1 24  ? -19.585 -7.541  -1.509  1.00 38.83  ? 24  PRO A N   1 
ATOM   34   C CA  . PRO A 1 24  ? -18.915 -7.583  -0.219  1.00 39.35  ? 24  PRO A CA  1 
ATOM   35   C C   . PRO A 1 24  ? -19.160 -6.296  0.576   1.00 32.89  ? 24  PRO A C   1 
ATOM   36   O O   . PRO A 1 24  ? -19.618 -5.314  0.020   1.00 37.01  ? 24  PRO A O   1 
ATOM   37   C CB  . PRO A 1 24  ? -17.429 -7.690  -0.594  1.00 36.61  ? 24  PRO A CB  1 
ATOM   38   C CG  . PRO A 1 24  ? -17.360 -6.992  -1.918  1.00 37.95  ? 24  PRO A CG  1 
ATOM   39   C CD  . PRO A 1 24  ? -18.647 -7.359  -2.629  1.00 41.24  ? 24  PRO A CD  1 
ATOM   40   N N   . ASN A 1 25  ? -18.902 -6.387  1.872   1.00 34.46  ? 25  ASN A N   1 
ATOM   41   C CA  . ASN A 1 25  ? -18.969 -5.258  2.819   1.00 37.86  ? 25  ASN A CA  1 
ATOM   42   C C   . ASN A 1 25  ? -17.590 -4.623  2.863   1.00 34.92  ? 25  ASN A C   1 
ATOM   43   O O   . ASN A 1 25  ? -16.574 -5.333  2.562   1.00 33.75  ? 25  ASN A O   1 
ATOM   44   C CB  . ASN A 1 25  ? -19.489 -5.702  4.189   1.00 41.25  ? 25  ASN A CB  1 
ATOM   45   C CG  . ASN A 1 25  ? -20.991 -5.918  4.171   1.00 50.89  ? 25  ASN A CG  1 
ATOM   46   O OD1 . ASN A 1 25  ? -21.745 -5.025  3.801   1.00 53.92  ? 25  ASN A OD1 1 
ATOM   47   N ND2 . ASN A 1 25  ? -21.430 -7.125  4.483   1.00 57.88  ? 25  ASN A ND2 1 
ATOM   48   N N   . LEU A 1 26  ? -17.584 -3.316  3.095   1.00 34.89  ? 26  LEU A N   1 
ATOM   49   C CA  . LEU A 1 26  ? -16.382 -2.458  3.140   1.00 33.67  ? 26  LEU A CA  1 
ATOM   50   C C   . LEU A 1 26  ? -16.303 -1.856  4.539   1.00 37.76  ? 26  LEU A C   1 
ATOM   51   O O   . LEU A 1 26  ? -17.306 -1.256  4.977   1.00 39.55  ? 26  LEU A O   1 
ATOM   52   C CB  . LEU A 1 26  ? -16.525 -1.359  2.090   1.00 39.33  ? 26  LEU A CB  1 
ATOM   53   C CG  . LEU A 1 26  ? -16.718 -1.860  0.663   1.00 47.60  ? 26  LEU A CG  1 
ATOM   54   C CD1 . LEU A 1 26  ? -17.165 -0.724  -0.249  1.00 52.96  ? 26  LEU A CD1 1 
ATOM   55   C CD2 . LEU A 1 26  ? -15.433 -2.489  0.155   1.00 47.34  ? 26  LEU A CD2 1 
ATOM   56   N N   . GLU A 1 27  ? -15.186 -2.017  5.231   1.00 34.00  ? 27  GLU A N   1 
ATOM   57   C CA  . GLU A 1 27  ? -14.990 -1.364  6.547   1.00 37.03  ? 27  GLU A CA  1 
ATOM   58   C C   . GLU A 1 27  ? -13.672 -0.594  6.528   1.00 38.18  ? 27  GLU A C   1 
ATOM   59   O O   . GLU A 1 27  ? -12.648 -1.143  6.070   1.00 33.63  ? 27  GLU A O   1 
ATOM   60   C CB  . GLU A 1 27  ? -15.042 -2.402  7.665   1.00 40.42  ? 27  GLU A CB  1 
ATOM   61   C CG  . GLU A 1 27  ? -15.179 -1.791  9.044   1.00 52.57  ? 27  GLU A CG  1 
ATOM   62   C CD  . GLU A 1 27  ? -15.042 -2.793  10.179  1.00 65.52  ? 27  GLU A CD  1 
ATOM   63   O OE1 . GLU A 1 27  ? -14.742 -2.362  11.314  1.00 79.63  ? 27  GLU A OE1 1 
ATOM   64   O OE2 . GLU A 1 27  ? -15.238 -4.004  9.928   1.00 59.25  ? 27  GLU A OE2 1 
ATOM   65   N N   . PHE A 1 28  ? -13.673 0.664   6.963   1.00 34.86  ? 28  PHE A N   1 
ATOM   66   C CA  . PHE A 1 28  ? -12.435 1.476   6.966   1.00 33.34  ? 28  PHE A CA  1 
ATOM   67   C C   . PHE A 1 28  ? -11.385 0.777   7.833   1.00 33.97  ? 28  PHE A C   1 
ATOM   68   O O   . PHE A 1 28  ? -11.691 0.396   8.967   1.00 35.58  ? 28  PHE A O   1 
ATOM   69   C CB  . PHE A 1 28  ? -12.672 2.914   7.436   1.00 34.94  ? 28  PHE A CB  1 
ATOM   70   C CG  . PHE A 1 28  ? -11.415 3.743   7.473   1.00 35.46  ? 28  PHE A CG  1 
ATOM   71   C CD1 . PHE A 1 28  ? -10.738 4.051   6.304   1.00 36.03  ? 28  PHE A CD1 1 
ATOM   72   C CD2 . PHE A 1 28  ? -10.873 4.168   8.675   1.00 34.63  ? 28  PHE A CD2 1 
ATOM   73   C CE1 . PHE A 1 28  ? -9.534  4.737   6.345   1.00 35.66  ? 28  PHE A CE1 1 
ATOM   74   C CE2 . PHE A 1 28  ? -9.683  4.879   8.710   1.00 35.73  ? 28  PHE A CE2 1 
ATOM   75   C CZ  . PHE A 1 28  ? -9.024  5.168   7.549   1.00 38.89  ? 28  PHE A CZ  1 
ATOM   76   N N   . LEU A 1 29  ? -10.184 0.574   7.292   1.00 30.52  ? 29  LEU A N   1 
ATOM   77   C CA  . LEU A 1 29  ? -9.133  -0.217  7.982   1.00 32.65  ? 29  LEU A CA  1 
ATOM   78   C C   . LEU A 1 29  ? -8.029  0.688   8.529   1.00 35.17  ? 29  LEU A C   1 
ATOM   79   O O   . LEU A 1 29  ? -7.718  0.580   9.729   1.00 35.50  ? 29  LEU A O   1 
ATOM   80   C CB  . LEU A 1 29  ? -8.575  -1.263  7.006   1.00 34.58  ? 29  LEU A CB  1 
ATOM   81   C CG  . LEU A 1 29  ? -7.613  -2.266  7.632   1.00 35.35  ? 29  LEU A CG  1 
ATOM   82   C CD1 . LEU A 1 29  ? -8.306  -3.124  8.679   1.00 33.56  ? 29  LEU A CD1 1 
ATOM   83   C CD2 . LEU A 1 29  ? -7.031  -3.143  6.543   1.00 33.02  ? 29  LEU A CD2 1 
ATOM   84   N N   . PHE A 1 30  ? -7.352  1.445   7.678   1.00 31.83  ? 30  PHE A N   1 
ATOM   85   C CA  . PHE A 1 30  ? -6.205  2.299   8.081   1.00 35.10  ? 30  PHE A CA  1 
ATOM   86   C C   . PHE A 1 30  ? -5.967  3.322   6.990   1.00 36.84  ? 30  PHE A C   1 
ATOM   87   O O   . PHE A 1 30  ? -6.443  3.157   5.860   1.00 33.60  ? 30  PHE A O   1 
ATOM   88   C CB  . PHE A 1 30  ? -4.936  1.485   8.371   1.00 34.19  ? 30  PHE A CB  1 
ATOM   89   C CG  . PHE A 1 30  ? -4.183  0.947   7.179   1.00 31.55  ? 30  PHE A CG  1 
ATOM   90   C CD1 . PHE A 1 30  ? -4.651  -0.158  6.480   1.00 34.51  ? 30  PHE A CD1 1 
ATOM   91   C CD2 . PHE A 1 30  ? -2.974  1.492   6.801   1.00 33.20  ? 30  PHE A CD2 1 
ATOM   92   C CE1 . PHE A 1 30  ? -3.910  -0.707  5.439   1.00 32.42  ? 30  PHE A CE1 1 
ATOM   93   C CE2 . PHE A 1 30  ? -2.233  0.945   5.765   1.00 32.79  ? 30  PHE A CE2 1 
ATOM   94   C CZ  . PHE A 1 30  ? -2.712  -0.146  5.075   1.00 32.37  ? 30  PHE A CZ  1 
ATOM   95   N N   . SER A 1 31  ? -5.240  4.366   7.340   1.00 35.63  ? 31  SER A N   1 
ATOM   96   C CA  . SER A 1 31  ? -4.667  5.303   6.360   1.00 36.02  ? 31  SER A CA  1 
ATOM   97   C C   . SER A 1 31  ? -3.149  5.246   6.459   1.00 36.23  ? 31  SER A C   1 
ATOM   98   O O   . SER A 1 31  ? -2.612  4.881   7.529   1.00 35.32  ? 31  SER A O   1 
ATOM   99   C CB  . SER A 1 31  ? -5.203  6.689   6.548   1.00 37.14  ? 31  SER A CB  1 
ATOM   100  O OG  . SER A 1 31  ? -4.711  7.239   7.755   1.00 38.49  ? 31  SER A OG  1 
ATOM   101  N N   . ALA A 1 32  ? -2.481  5.555   5.360   1.00 31.54  ? 32  ALA A N   1 
ATOM   102  C CA  . ALA A 1 32  ? -1.019  5.656   5.277   1.00 31.46  ? 32  ALA A CA  1 
ATOM   103  C C   . ALA A 1 32  ? -0.669  6.989   4.649   1.00 33.07  ? 32  ALA A C   1 
ATOM   104  O O   . ALA A 1 32  ? -1.181  7.306   3.558   1.00 34.94  ? 32  ALA A O   1 
ATOM   105  C CB  . ALA A 1 32  ? -0.429  4.509   4.499   1.00 35.12  ? 32  ALA A CB  1 
ATOM   106  N N   . ASN A 1 33  ? 0.223   7.721   5.320   1.00 33.36  ? 33  ASN A N   1 
ATOM   107  C CA  . ASN A 1 33  ? 0.829   8.956   4.782   1.00 35.96  ? 33  ASN A CA  1 
ATOM   108  C C   . ASN A 1 33  ? 2.307   8.687   4.563   1.00 38.08  ? 33  ASN A C   1 
ATOM   109  O O   . ASN A 1 33  ? 3.066   8.770   5.531   1.00 38.74  ? 33  ASN A O   1 
ATOM   110  C CB  . ASN A 1 33  ? 0.565   10.120  5.735   1.00 35.87  ? 33  ASN A CB  1 
ATOM   111  C CG  . ASN A 1 33  ? 0.834   11.450  5.068   1.00 44.29  ? 33  ASN A CG  1 
ATOM   112  O OD1 . ASN A 1 33  ? 1.317   11.486  3.942   1.00 44.82  ? 33  ASN A OD1 1 
ATOM   113  N ND2 . ASN A 1 33  ? 0.451   12.532  5.721   1.00 52.84  ? 33  ASN A ND2 1 
ATOM   114  N N   . LEU A 1 34  ? 2.660   8.267   3.358   1.00 35.53  ? 34  LEU A N   1 
ATOM   115  C CA  . LEU A 1 34  ? 3.970   7.669   3.035   1.00 35.95  ? 34  LEU A CA  1 
ATOM   116  C C   . LEU A 1 34  ? 4.958   8.752   2.626   1.00 41.61  ? 34  LEU A C   1 
ATOM   117  O O   . LEU A 1 34  ? 4.562   9.752   1.984   1.00 40.67  ? 34  LEU A O   1 
ATOM   118  C CB  . LEU A 1 34  ? 3.770   6.665   1.906   1.00 37.82  ? 34  LEU A CB  1 
ATOM   119  C CG  . LEU A 1 34  ? 2.820   5.523   2.232   1.00 39.62  ? 34  LEU A CG  1 
ATOM   120  C CD1 . LEU A 1 34  ? 2.621   4.665   1.003   1.00 41.03  ? 34  LEU A CD1 1 
ATOM   121  C CD2 . LEU A 1 34  ? 3.331   4.683   3.395   1.00 38.43  ? 34  LEU A CD2 1 
ATOM   122  N N   . THR A 1 35  ? 6.227   8.511   2.919   1.00 36.45  ? 35  THR A N   1 
ATOM   123  C CA  . THR A 1 35  ? 7.355   9.248   2.340   1.00 35.88  ? 35  THR A CA  1 
ATOM   124  C C   . THR A 1 35  ? 8.136   8.308   1.432   1.00 34.32  ? 35  THR A C   1 
ATOM   125  O O   . THR A 1 35  ? 8.309   7.095   1.783   1.00 35.43  ? 35  THR A O   1 
ATOM   126  C CB  . THR A 1 35  ? 8.167   9.902   3.464   1.00 37.92  ? 35  THR A CB  1 
ATOM   127  O OG1 . THR A 1 35  ? 8.662   8.885   4.333   1.00 40.55  ? 35  THR A OG1 1 
ATOM   128  C CG2 . THR A 1 35  ? 7.318   10.865  4.261   1.00 44.36  ? 35  THR A CG2 1 
ATOM   129  N N   . LYS A 1 36  ? 8.587   8.839   0.311   1.00 34.08  ? 36  LYS A N   1 
ATOM   130  C CA  . LYS A 1 36  ? 9.300   8.068   -0.728  1.00 32.40  ? 36  LYS A CA  1 
ATOM   131  C C   . LYS A 1 36  ? 10.561  8.800   -1.138  1.00 40.52  ? 36  LYS A C   1 
ATOM   132  O O   . LYS A 1 36  ? 10.547  10.047  -1.201  1.00 40.26  ? 36  LYS A O   1 
ATOM   133  C CB  . LYS A 1 36  ? 8.377   7.806   -1.916  1.00 34.35  ? 36  LYS A CB  1 
ATOM   134  C CG  . LYS A 1 36  ? 7.107   7.062   -1.539  1.00 38.22  ? 36  LYS A CG  1 
ATOM   135  C CD  . LYS A 1 36  ? 6.208   6.746   -2.706  1.00 42.05  ? 36  LYS A CD  1 
ATOM   136  C CE  . LYS A 1 36  ? 4.940   6.046   -2.259  1.00 46.57  ? 36  LYS A CE  1 
ATOM   137  N NZ  . LYS A 1 36  ? 4.109   5.656   -3.423  1.00 45.32  ? 36  LYS A NZ  1 
ATOM   138  N N   . GLY A 1 37  ? 11.578  8.036   -1.513  1.00 35.07  ? 37  GLY A N   1 
ATOM   139  C CA  . GLY A 1 37  ? 12.750  8.574   -2.205  1.00 37.21  ? 37  GLY A CA  1 
ATOM   140  C C   . GLY A 1 37  ? 12.414  8.843   -3.659  1.00 34.64  ? 37  GLY A C   1 
ATOM   141  O O   . GLY A 1 37  ? 11.269  8.714   -4.080  1.00 36.93  ? 37  GLY A O   1 
ATOM   142  N N   . PRO A 1 38  ? 13.402  9.316   -4.429  1.00 36.99  ? 38  PRO A N   1 
ATOM   143  C CA  . PRO A 1 38  ? 13.225  9.573   -5.844  1.00 39.79  ? 38  PRO A CA  1 
ATOM   144  C C   . PRO A 1 38  ? 12.934  8.266   -6.586  1.00 35.90  ? 38  PRO A C   1 
ATOM   145  O O   . PRO A 1 38  ? 13.393  7.214   -6.143  1.00 38.58  ? 38  PRO A O   1 
ATOM   146  C CB  . PRO A 1 38  ? 14.564  10.152  -6.329  1.00 42.51  ? 38  PRO A CB  1 
ATOM   147  C CG  . PRO A 1 38  ? 15.360  10.452  -5.073  1.00 43.56  ? 38  PRO A CG  1 
ATOM   148  C CD  . PRO A 1 38  ? 14.745  9.657   -3.945  1.00 40.82  ? 38  PRO A CD  1 
ATOM   149  N N   . ALA A 1 39  ? 12.140  8.348   -7.647  1.00 35.91  ? 39  ALA A N   1 
ATOM   150  C CA  . ALA A 1 39  ? 11.959  7.228   -8.599  1.00 36.42  ? 39  ALA A CA  1 
ATOM   151  C C   . ALA A 1 39  ? 13.240  7.061   -9.420  1.00 44.29  ? 39  ALA A C   1 
ATOM   152  O O   . ALA A 1 39  ? 13.771  8.060   -9.943  1.00 49.78  ? 39  ALA A O   1 
ATOM   153  C CB  . ALA A 1 39  ? 10.738  7.465   -9.447  1.00 41.17  ? 39  ALA A CB  1 
ATOM   154  N N   . TYR A 1 40  ? 13.857  5.888   -9.324  1.00 33.93  ? 40  TYR A N   1 
ATOM   155  C CA  . TYR A 1 40  ? 15.056  5.530   -10.094 1.00 31.74  ? 40  TYR A CA  1 
ATOM   156  C C   . TYR A 1 40  ? 14.577  4.737   -11.294 1.00 35.49  ? 40  TYR A C   1 
ATOM   157  O O   . TYR A 1 40  ? 14.095  3.605   -11.101 1.00 35.52  ? 40  TYR A O   1 
ATOM   158  C CB  . TYR A 1 40  ? 16.054  4.744   -9.251  1.00 34.98  ? 40  TYR A CB  1 
ATOM   159  C CG  . TYR A 1 40  ? 16.778  5.613   -8.255  1.00 36.07  ? 40  TYR A CG  1 
ATOM   160  C CD1 . TYR A 1 40  ? 16.244  5.895   -7.020  1.00 35.92  ? 40  TYR A CD1 1 
ATOM   161  C CD2 . TYR A 1 40  ? 18.005  6.166   -8.584  1.00 43.23  ? 40  TYR A CD2 1 
ATOM   162  C CE1 . TYR A 1 40  ? 16.901  6.748   -6.134  1.00 40.32  ? 40  TYR A CE1 1 
ATOM   163  C CE2 . TYR A 1 40  ? 18.681  6.997   -7.708  1.00 39.61  ? 40  TYR A CE2 1 
ATOM   164  C CZ  . TYR A 1 40  ? 18.095  7.340   -6.507  1.00 42.33  ? 40  TYR A CZ  1 
ATOM   165  O OH  . TYR A 1 40  ? 18.760  8.156   -5.629  1.00 46.50  ? 40  TYR A OH  1 
ATOM   166  N N   . ILE A 1 41  ? 14.608  5.353   -12.466 1.00 32.88  ? 41  ILE A N   1 
ATOM   167  C CA  . ILE A 1 41  ? 14.232  4.645   -13.720 1.00 31.01  ? 41  ILE A CA  1 
ATOM   168  C C   . ILE A 1 41  ? 15.378  3.730   -14.101 1.00 33.16  ? 41  ILE A C   1 
ATOM   169  O O   . ILE A 1 41  ? 16.458  4.227   -14.427 1.00 33.45  ? 41  ILE A O   1 
ATOM   170  C CB  . ILE A 1 41  ? 13.850  5.626   -14.841 1.00 31.15  ? 41  ILE A CB  1 
ATOM   171  C CG1 . ILE A 1 41  ? 12.631  6.450   -14.429 1.00 32.90  ? 41  ILE A CG1 1 
ATOM   172  C CG2 . ILE A 1 41  ? 13.666  4.892   -16.161 1.00 34.28  ? 41  ILE A CG2 1 
ATOM   173  C CD1 . ILE A 1 41  ? 12.387  7.662   -15.320 1.00 38.73  ? 41  ILE A CD1 1 
ATOM   174  N N   . TYR A 1 42  ? 15.120  2.430   -14.207 1.00 31.71  ? 42  TYR A N   1 
ATOM   175  C CA  . TYR A 1 42  ? 16.136  1.469   -14.690 1.00 29.10  ? 42  TYR A CA  1 
ATOM   176  C C   . TYR A 1 42  ? 15.813  0.984   -16.098 1.00 28.27  ? 42  TYR A C   1 
ATOM   177  O O   . TYR A 1 42  ? 16.657  0.355   -16.721 1.00 30.97  ? 42  TYR A O   1 
ATOM   178  C CB  . TYR A 1 42  ? 16.305  0.304   -13.710 1.00 31.18  ? 42  TYR A CB  1 
ATOM   179  C CG  . TYR A 1 42  ? 15.077  -0.544  -13.482 1.00 26.86  ? 42  TYR A CG  1 
ATOM   180  C CD1 . TYR A 1 42  ? 14.791  -1.586  -14.335 1.00 28.08  ? 42  TYR A CD1 1 
ATOM   181  C CD2 . TYR A 1 42  ? 14.185  -0.262  -12.463 1.00 28.97  ? 42  TYR A CD2 1 
ATOM   182  C CE1 . TYR A 1 42  ? 13.658  -2.360  -14.143 1.00 29.21  ? 42  TYR A CE1 1 
ATOM   183  C CE2 . TYR A 1 42  ? 13.044  -1.020  -12.260 1.00 28.29  ? 42  TYR A CE2 1 
ATOM   184  C CZ  . TYR A 1 42  ? 12.782  -2.073  -13.119 1.00 29.54  ? 42  TYR A CZ  1 
ATOM   185  O OH  . TYR A 1 42  ? 11.670  -2.872  -12.951 1.00 30.84  ? 42  TYR A OH  1 
ATOM   186  N N   . ASP A 1 43  ? 14.564  1.137   -16.556 1.00 28.77  ? 43  ASP A N   1 
ATOM   187  C CA  . ASP A 1 43  ? 14.188  0.668   -17.905 1.00 29.82  ? 43  ASP A CA  1 
ATOM   188  C C   . ASP A 1 43  ? 13.313  1.730   -18.550 1.00 31.41  ? 43  ASP A C   1 
ATOM   189  O O   . ASP A 1 43  ? 12.113  1.793   -18.281 1.00 30.44  ? 43  ASP A O   1 
ATOM   190  C CB  . ASP A 1 43  ? 13.577  -0.737  -17.889 1.00 31.23  ? 43  ASP A CB  1 
ATOM   191  C CG  . ASP A 1 43  ? 13.590  -1.398  -19.250 1.00 34.23  ? 43  ASP A CG  1 
ATOM   192  O OD1 . ASP A 1 43  ? 13.548  -0.653  -20.271 1.00 32.38  ? 43  ASP A OD1 1 
ATOM   193  O OD2 . ASP A 1 43  ? 13.591  -2.652  -19.303 1.00 35.56  ? 43  ASP A OD2 1 
ATOM   194  N N   . GLN A 1 44  ? 13.956  2.527   -19.385 1.00 29.69  ? 44  GLN A N   1 
ATOM   195  C CA  . GLN A 1 44  ? 13.367  3.662   -20.138 1.00 33.75  ? 44  GLN A CA  1 
ATOM   196  C C   . GLN A 1 44  ? 13.204  3.234   -21.592 1.00 31.43  ? 44  GLN A C   1 
ATOM   197  O O   . GLN A 1 44  ? 14.195  2.873   -22.222 1.00 33.04  ? 44  GLN A O   1 
ATOM   198  C CB  . GLN A 1 44  ? 14.355  4.831   -20.010 1.00 35.60  ? 44  GLN A CB  1 
ATOM   199  C CG  . GLN A 1 44  ? 14.101  5.946   -20.999 1.00 43.85  ? 44  GLN A CG  1 
ATOM   200  C CD  . GLN A 1 44  ? 12.904  6.695   -20.493 1.00 36.92  ? 44  GLN A CD  1 
ATOM   201  O OE1 . GLN A 1 44  ? 12.874  7.115   -19.334 1.00 44.37  ? 44  GLN A OE1 1 
ATOM   202  N NE2 . GLN A 1 44  ? 11.950  6.918   -21.381 1.00 43.63  ? 44  GLN A NE2 1 
ATOM   203  N N   . SER A 1 45  ? 11.999  3.272   -22.123 1.00 32.32  ? 45  SER A N   1 
ATOM   204  C CA  . SER A 1 45  ? 11.760  3.058   -23.564 1.00 33.55  ? 45  SER A CA  1 
ATOM   205  C C   . SER A 1 45  ? 10.538  3.870   -23.963 1.00 32.71  ? 45  SER A C   1 
ATOM   206  O O   . SER A 1 45  ? 9.845   4.407   -23.071 1.00 32.38  ? 45  SER A O   1 
ATOM   207  C CB  . SER A 1 45  ? 11.598  1.606   -23.914 1.00 34.66  ? 45  SER A CB  1 
ATOM   208  O OG  . SER A 1 45  ? 10.354  1.097   -23.471 1.00 34.13  ? 45  SER A OG  1 
ATOM   209  N N   . ASP A 1 46  ? 10.309  3.984   -25.268 1.00 36.99  ? 46  ASP A N   1 
ATOM   210  C CA  . ASP A 1 46  ? 9.109   4.678   -25.802 1.00 37.32  ? 46  ASP A CA  1 
ATOM   211  C C   . ASP A 1 46  ? 7.833   3.975   -25.310 1.00 33.08  ? 46  ASP A C   1 
ATOM   212  O O   . ASP A 1 46  ? 6.800   4.633   -25.237 1.00 36.94  ? 46  ASP A O   1 
ATOM   213  C CB  . ASP A 1 46  ? 9.156   4.723   -27.330 1.00 39.43  ? 46  ASP A CB  1 
ATOM   214  C CG  . ASP A 1 46  ? 10.181  5.688   -27.896 1.00 54.34  ? 46  ASP A CG  1 
ATOM   215  O OD1 . ASP A 1 46  ? 10.622  6.594   -27.155 1.00 61.75  ? 46  ASP A OD1 1 
ATOM   216  O OD2 . ASP A 1 46  ? 10.554  5.499   -29.066 1.00 68.00  ? 46  ASP A OD2 1 
ATOM   217  N N   . ALA A 1 47  ? 7.879   2.670   -25.035 1.00 32.13  ? 47  ALA A N   1 
ATOM   218  C CA  . ALA A 1 47  ? 6.676   1.883   -24.684 1.00 32.16  ? 47  ALA A CA  1 
ATOM   219  C C   . ALA A 1 47  ? 6.340   2.027   -23.200 1.00 30.73  ? 47  ALA A C   1 
ATOM   220  O O   . ALA A 1 47  ? 5.165   2.021   -22.866 1.00 30.81  ? 47  ALA A O   1 
ATOM   221  C CB  . ALA A 1 47  ? 6.874   0.434   -25.034 1.00 38.11  ? 47  ALA A CB  1 
ATOM   222  N N   . GLN A 1 48  ? 7.338   2.078   -22.319 1.00 30.66  ? 48  GLN A N   1 
ATOM   223  C CA  . GLN A 1 48  ? 7.087   2.075   -20.864 1.00 29.83  ? 48  GLN A CA  1 
ATOM   224  C C   . GLN A 1 48  ? 8.337   2.485   -20.100 1.00 29.89  ? 48  GLN A C   1 
ATOM   225  O O   . GLN A 1 48  ? 9.457   2.387   -20.647 1.00 31.03  ? 48  GLN A O   1 
ATOM   226  C CB  . GLN A 1 48  ? 6.480   0.739   -20.405 1.00 32.74  ? 48  GLN A CB  1 
ATOM   227  C CG  . GLN A 1 48  ? 7.282   -0.492  -20.776 1.00 35.88  ? 48  GLN A CG  1 
ATOM   228  C CD  . GLN A 1 48  ? 6.675   -1.793  -20.301 1.00 37.09  ? 48  GLN A CD  1 
ATOM   229  O OE1 . GLN A 1 48  ? 7.385   -2.787  -20.133 1.00 44.27  ? 48  GLN A OE1 1 
ATOM   230  N NE2 . GLN A 1 48  ? 5.356   -1.814  -20.122 1.00 33.77  ? 48  GLN A NE2 1 
ATOM   231  N N   . ILE A 1 49  ? 8.126   2.960   -18.892 1.00 27.36  ? 49  ILE A N   1 
ATOM   232  C CA  . ILE A 1 49  ? 9.195   3.285   -17.916 1.00 27.74  ? 49  ILE A CA  1 
ATOM   233  C C   . ILE A 1 49  ? 9.029   2.378   -16.703 1.00 29.01  ? 49  ILE A C   1 
ATOM   234  O O   . ILE A 1 49  ? 7.937   2.332   -16.117 1.00 30.87  ? 49  ILE A O   1 
ATOM   235  C CB  . ILE A 1 49  ? 9.113   4.756   -17.507 1.00 33.23  ? 49  ILE A CB  1 
ATOM   236  C CG1 . ILE A 1 49  ? 9.499   5.658   -18.680 1.00 34.24  ? 49  ILE A CG1 1 
ATOM   237  C CG2 . ILE A 1 49  ? 9.946   5.038   -16.268 1.00 41.25  ? 49  ILE A CG2 1 
ATOM   238  C CD1 . ILE A 1 49  ? 9.168   7.127   -18.418 1.00 39.37  ? 49  ILE A CD1 1 
ATOM   239  N N   . LYS A 1 50  ? 10.099  1.685   -16.337 1.00 27.06  ? 50  LYS A N   1 
ATOM   240  C CA  . LYS A 1 50  ? 10.143  0.889   -15.098 1.00 27.89  ? 50  LYS A CA  1 
ATOM   241  C C   . LYS A 1 50  ? 11.078  1.562   -14.095 1.00 26.51  ? 50  LYS A C   1 
ATOM   242  O O   . LYS A 1 50  ? 12.192  1.970   -14.466 1.00 28.75  ? 50  LYS A O   1 
ATOM   243  C CB  . LYS A 1 50  ? 10.610  -0.528  -15.399 1.00 27.93  ? 50  LYS A CB  1 
ATOM   244  C CG  . LYS A 1 50  ? 9.803   -1.265  -16.456 1.00 30.20  ? 50  LYS A CG  1 
ATOM   245  C CD  . LYS A 1 50  ? 10.153  -2.732  -16.497 1.00 34.68  ? 50  LYS A CD  1 
ATOM   246  C CE  . LYS A 1 50  ? 9.707   -3.439  -17.747 1.00 38.85  ? 50  LYS A CE  1 
ATOM   247  N NZ  . LYS A 1 50  ? 10.103  -4.864  -17.656 1.00 40.49  ? 50  LYS A NZ  1 
ATOM   248  N N   . ALA A 1 51  ? 10.610  1.670   -12.866 1.00 28.64  ? 51  ALA A N   1 
ATOM   249  C CA  . ALA A 1 51  ? 11.341  2.378   -11.800 1.00 28.90  ? 51  ALA A CA  1 
ATOM   250  C C   . ALA A 1 51  ? 11.293  1.584   -10.501 1.00 29.88  ? 51  ALA A C   1 
ATOM   251  O O   . ALA A 1 51  ? 10.296  0.868   -10.217 1.00 28.60  ? 51  ALA A O   1 
ATOM   252  C CB  . ALA A 1 51  ? 10.775  3.753   -11.630 1.00 31.93  ? 51  ALA A CB  1 
ATOM   253  N N   . LEU A 1 52  ? 12.298  1.827   -9.675  1.00 29.31  ? 52  LEU A N   1 
ATOM   254  C CA  . LEU A 1 52  ? 12.350  1.421   -8.262  1.00 28.98  ? 52  LEU A CA  1 
ATOM   255  C C   . LEU A 1 52  ? 12.262  2.676   -7.413  1.00 31.25  ? 52  LEU A C   1 
ATOM   256  O O   . LEU A 1 52  ? 12.923  3.679   -7.753  1.00 33.02  ? 52  LEU A O   1 
ATOM   257  C CB  . LEU A 1 52  ? 13.635  0.644   -7.986  1.00 30.46  ? 52  LEU A CB  1 
ATOM   258  C CG  . LEU A 1 52  ? 13.819  0.197   -6.539  1.00 31.04  ? 52  LEU A CG  1 
ATOM   259  C CD1 . LEU A 1 52  ? 14.623  -1.081  -6.489  1.00 30.76  ? 52  LEU A CD1 1 
ATOM   260  C CD2 . LEU A 1 52  ? 14.486  1.288   -5.707  1.00 35.62  ? 52  LEU A CD2 1 
ATOM   261  N N   . GLN A 1 53  ? 11.453  2.615   -6.381  1.00 29.18  ? 53  GLN A N   1 
ATOM   262  C CA  . GLN A 1 53  ? 11.286  3.735   -5.418  1.00 27.85  ? 53  GLN A CA  1 
ATOM   263  C C   . GLN A 1 53  ? 11.316  3.194   -4.002  1.00 33.31  ? 53  GLN A C   1 
ATOM   264  O O   . GLN A 1 53  ? 10.561  2.269   -3.676  1.00 31.52  ? 53  GLN A O   1 
ATOM   265  C CB  . GLN A 1 53  ? 10.001  4.486   -5.737  1.00 32.50  ? 53  GLN A CB  1 
ATOM   266  C CG  . GLN A 1 53  ? 9.793   5.759   -4.946  1.00 37.78  ? 53  GLN A CG  1 
ATOM   267  C CD  . GLN A 1 53  ? 8.746   6.635   -5.608  1.00 44.11  ? 53  GLN A CD  1 
ATOM   268  O OE1 . GLN A 1 53  ? 7.728   6.164   -6.106  1.00 41.32  ? 53  GLN A OE1 1 
ATOM   269  N NE2 . GLN A 1 53  ? 9.009   7.932   -5.652  1.00 36.44  ? 53  GLN A NE2 1 
ATOM   270  N N   . THR A 1 54  ? 12.175  3.765   -3.154  1.00 30.91  ? 54  THR A N   1 
ATOM   271  C CA  . THR A 1 54  ? 12.263  3.408   -1.727  1.00 34.48  ? 54  THR A CA  1 
ATOM   272  C C   . THR A 1 54  ? 11.115  4.064   -0.957  1.00 34.87  ? 54  THR A C   1 
ATOM   273  O O   . THR A 1 54  ? 10.818  5.254   -1.210  1.00 33.76  ? 54  THR A O   1 
ATOM   274  C CB  . THR A 1 54  ? 13.633  3.830   -1.184  1.00 37.73  ? 54  THR A CB  1 
ATOM   275  O OG1 . THR A 1 54  ? 14.603  3.068   -1.917  1.00 38.45  ? 54  THR A OG1 1 
ATOM   276  C CG2 . THR A 1 54  ? 13.769  3.633   0.304   1.00 47.44  ? 54  THR A CG2 1 
ATOM   277  N N   . LEU A 1 55  ? 10.486  3.332   -0.046  1.00 31.06  ? 55  LEU A N   1 
ATOM   278  C CA  . LEU A 1 55  ? 9.525   3.881   0.937   1.00 32.54  ? 55  LEU A CA  1 
ATOM   279  C C   . LEU A 1 55  ? 10.312  4.184   2.206   1.00 36.81  ? 55  LEU A C   1 
ATOM   280  O O   . LEU A 1 55  ? 10.908  3.252   2.771   1.00 36.88  ? 55  LEU A O   1 
ATOM   281  C CB  . LEU A 1 55  ? 8.371   2.905   1.179   1.00 36.56  ? 55  LEU A CB  1 
ATOM   282  C CG  . LEU A 1 55  ? 7.796   2.262   -0.091  1.00 44.30  ? 55  LEU A CG  1 
ATOM   283  C CD1 . LEU A 1 55  ? 6.588   1.405   0.230   1.00 49.16  ? 55  LEU A CD1 1 
ATOM   284  C CD2 . LEU A 1 55  ? 7.429   3.299   -1.136  1.00 46.74  ? 55  LEU A CD2 1 
ATOM   285  N N   . THR A 1 56  ? 10.513  5.462   2.501   1.00 35.47  ? 56  THR A N   1 
ATOM   286  C CA  . THR A 1 56  ? 11.498  5.897   3.530   1.00 35.78  ? 56  THR A CA  1 
ATOM   287  C C   . THR A 1 56  ? 10.809  6.019   4.880   1.00 40.35  ? 56  THR A C   1 
ATOM   288  O O   . THR A 1 56  ? 11.506  6.093   5.910   1.00 40.75  ? 56  THR A O   1 
ATOM   289  C CB  . THR A 1 56  ? 12.165  7.200   3.092   1.00 33.89  ? 56  THR A CB  1 
ATOM   290  O OG1 . THR A 1 56  ? 11.100  8.141   2.882   1.00 38.05  ? 56  THR A OG1 1 
ATOM   291  C CG2 . THR A 1 56  ? 13.000  7.033   1.849   1.00 37.56  ? 56  THR A CG2 1 
ATOM   292  N N   . GLY A 1 57  ? 9.489   6.019   4.908   1.00 35.99  ? 57  GLY A N   1 
ATOM   293  C CA  . GLY A 1 57  ? 8.762   6.144   6.168   1.00 35.11  ? 57  GLY A CA  1 
ATOM   294  C C   . GLY A 1 57  ? 7.292   6.391   5.941   1.00 32.66  ? 57  GLY A C   1 
ATOM   295  O O   . GLY A 1 57  ? 6.835   6.332   4.781   1.00 34.81  ? 57  GLY A O   1 
ATOM   296  N N   . GLY A 1 58  ? 6.580   6.728   7.001   1.00 35.52  ? 58  GLY A N   1 
ATOM   297  C CA  . GLY A 1 58  ? 5.155   7.028   6.862   1.00 35.18  ? 58  GLY A CA  1 
ATOM   298  C C   . GLY A 1 58  ? 4.418   6.880   8.151   1.00 36.63  ? 58  GLY A C   1 
ATOM   299  O O   . GLY A 1 58  ? 4.905   6.203   9.063   1.00 36.39  ? 58  GLY A O   1 
ATOM   300  N N   . ILE A 1 59  ? 3.277   7.552   8.219   1.00 33.25  ? 59  ILE A N   1 
ATOM   301  C CA  . ILE A 1 59  ? 2.359   7.505   9.368   1.00 33.71  ? 59  ILE A CA  1 
ATOM   302  C C   . ILE A 1 59  ? 1.198   6.587   9.015   1.00 35.69  ? 59  ILE A C   1 
ATOM   303  O O   . ILE A 1 59  ? 0.536   6.806   7.987   1.00 37.99  ? 59  ILE A O   1 
ATOM   304  C CB  . ILE A 1 59  ? 1.862   8.920   9.730   1.00 41.64  ? 59  ILE A CB  1 
ATOM   305  C CG1 . ILE A 1 59  ? 3.021   9.897   9.973   1.00 48.09  ? 59  ILE A CG1 1 
ATOM   306  C CG2 . ILE A 1 59  ? 0.904   8.833   10.895  1.00 39.66  ? 59  ILE A CG2 1 
ATOM   307  C CD1 . ILE A 1 59  ? 4.014   9.454   11.019  1.00 56.55  ? 59  ILE A CD1 1 
ATOM   308  N N   . ILE A 1 60  ? 0.924   5.645   9.894   1.00 34.18  ? 60  ILE A N   1 
ATOM   309  C CA  . ILE A 1 60  ? -0.241  4.743   9.809   1.00 33.43  ? 60  ILE A CA  1 
ATOM   310  C C   . ILE A 1 60  ? -1.204  5.174   10.900  1.00 37.79  ? 60  ILE A C   1 
ATOM   311  O O   . ILE A 1 60  ? -0.761  5.267   12.076  1.00 37.59  ? 60  ILE A O   1 
ATOM   312  C CB  . ILE A 1 60  ? 0.204   3.281   9.987   1.00 34.62  ? 60  ILE A CB  1 
ATOM   313  C CG1 . ILE A 1 60  ? 1.314   2.918   8.999   1.00 32.78  ? 60  ILE A CG1 1 
ATOM   314  C CG2 . ILE A 1 60  ? -0.991  2.349   9.950   1.00 35.54  ? 60  ILE A CG2 1 
ATOM   315  C CD1 . ILE A 1 60  ? 0.917   2.968   7.537   1.00 33.23  ? 60  ILE A CD1 1 
ATOM   316  N N   . ALA A 1 61  ? -2.470  5.335   10.542  1.00 36.52  ? 61  ALA A N   1 
ATOM   317  C CA  . ALA A 1 61  ? -3.532  5.784   11.464  1.00 36.72  ? 61  ALA A CA  1 
ATOM   318  C C   . ALA A 1 61  ? -4.816  5.028   11.164  1.00 40.16  ? 61  ALA A C   1 
ATOM   319  O O   . ALA A 1 61  ? -4.877  4.373   10.123  1.00 39.97  ? 61  ALA A O   1 
ATOM   320  C CB  . ALA A 1 61  ? -3.717  7.277   11.326  1.00 39.70  ? 61  ALA A CB  1 
ATOM   321  N N   . GLY A 1 62  ? -5.776  5.071   12.083  1.00 38.38  ? 62  GLY A N   1 
ATOM   322  C CA  . GLY A 1 62  ? -7.060  4.377   11.935  1.00 38.18  ? 62  GLY A CA  1 
ATOM   323  C C   . GLY A 1 62  ? -7.534  3.769   13.246  1.00 39.77  ? 62  GLY A C   1 
ATOM   324  O O   . GLY A 1 62  ? -6.814  3.754   14.234  1.00 42.56  ? 62  GLY A O   1 
ATOM   325  N N   . PRO A 1 63  ? -8.732  3.162   13.246  1.00 39.01  ? 63  PRO A N   1 
ATOM   326  C CA  . PRO A 1 63  ? -9.328  2.646   14.473  1.00 44.48  ? 63  PRO A CA  1 
ATOM   327  C C   . PRO A 1 63  ? -8.730  1.298   14.900  1.00 49.86  ? 63  PRO A C   1 
ATOM   328  O O   . PRO A 1 63  ? -9.041  0.849   15.983  1.00 54.20  ? 63  PRO A O   1 
ATOM   329  C CB  . PRO A 1 63  ? -10.808 2.513   14.102  1.00 44.44  ? 63  PRO A CB  1 
ATOM   330  C CG  . PRO A 1 63  ? -10.802 2.273   12.615  1.00 48.00  ? 63  PRO A CG  1 
ATOM   331  C CD  . PRO A 1 63  ? -9.624  3.062   12.083  1.00 45.59  ? 63  PRO A CD  1 
ATOM   332  N N   . ASN A 1 64  ? -7.893  0.683   14.054  1.00 42.41  ? 64  ASN A N   1 
ATOM   333  C CA  . ASN A 1 64  ? -7.430  -0.715  14.261  1.00 44.12  ? 64  ASN A CA  1 
ATOM   334  C C   . ASN A 1 64  ? -5.982  -0.721  14.723  1.00 46.70  ? 64  ASN A C   1 
ATOM   335  O O   . ASN A 1 64  ? -5.672  -1.462  15.668  1.00 48.43  ? 64  ASN A O   1 
ATOM   336  C CB  . ASN A 1 64  ? -7.608  -1.555  13.000  1.00 47.97  ? 64  ASN A CB  1 
ATOM   337  C CG  . ASN A 1 64  ? -9.061  -1.638  12.616  1.00 43.86  ? 64  ASN A CG  1 
ATOM   338  O OD1 . ASN A 1 64  ? -9.846  -2.251  13.334  1.00 46.05  ? 64  ASN A OD1 1 
ATOM   339  N ND2 . ASN A 1 64  ? -9.451  -0.882  11.602  1.00 43.83  ? 64  ASN A ND2 1 
ATOM   340  N N   . PHE A 1 65  ? -5.108  -0.064  13.973  1.00 43.02  ? 65  PHE A N   1 
ATOM   341  C CA  . PHE A 1 65  ? -3.679  0.056   14.331  1.00 46.33  ? 65  PHE A CA  1 
ATOM   342  C C   . PHE A 1 65  ? -3.215  1.433   13.894  1.00 51.18  ? 65  PHE A C   1 
ATOM   343  O O   . PHE A 1 65  ? -3.794  2.024   12.961  1.00 47.01  ? 65  PHE A O   1 
ATOM   344  C CB  . PHE A 1 65  ? -2.850  -1.089  13.734  1.00 45.52  ? 65  PHE A CB  1 
ATOM   345  C CG  . PHE A 1 65  ? -3.111  -1.383  12.282  1.00 44.52  ? 65  PHE A CG  1 
ATOM   346  C CD1 . PHE A 1 65  ? -4.152  -2.213  11.901  1.00 44.70  ? 65  PHE A CD1 1 
ATOM   347  C CD2 . PHE A 1 65  ? -2.337  -0.799  11.294  1.00 47.06  ? 65  PHE A CD2 1 
ATOM   348  C CE1 . PHE A 1 65  ? -4.408  -2.450  10.561  1.00 43.58  ? 65  PHE A CE1 1 
ATOM   349  C CE2 . PHE A 1 65  ? -2.587  -1.054  9.955   1.00 44.11  ? 65  PHE A CE2 1 
ATOM   350  C CZ  . PHE A 1 65  ? -3.623  -1.881  9.590   1.00 43.72  ? 65  PHE A CZ  1 
ATOM   351  N N   . ASP A 1 66  ? -2.266  1.971   14.643  1.00 45.83  ? 66  ASP A N   1 
ATOM   352  C CA  . ASP A 1 66  ? -1.498  3.160   14.235  1.00 44.05  ? 66  ASP A CA  1 
ATOM   353  C C   . ASP A 1 66  ? -0.032  2.841   14.451  1.00 34.14  ? 66  ASP A C   1 
ATOM   354  O O   . ASP A 1 66  ? 0.284   1.869   15.177  1.00 36.49  ? 66  ASP A O   1 
ATOM   355  C CB  . ASP A 1 66  ? -1.966  4.408   14.971  1.00 51.61  ? 66  ASP A CB  1 
ATOM   356  C CG  . ASP A 1 66  ? -1.951  4.234   16.470  1.00 58.89  ? 66  ASP A CG  1 
ATOM   357  O OD1 . ASP A 1 66  ? -0.842  4.199   17.026  1.00 61.01  ? 66  ASP A OD1 1 
ATOM   358  O OD2 . ASP A 1 66  ? -3.045  4.116   17.053  1.00 67.53  ? 66  ASP A OD2 1 
ATOM   359  N N   . GLY A 1 67  ? 0.809   3.555   13.741  1.00 35.14  ? 67  GLY A N   1 
ATOM   360  C CA  . GLY A 1 67  ? 2.254   3.360   13.843  1.00 40.61  ? 67  GLY A CA  1 
ATOM   361  C C   . GLY A 1 67  ? 2.968   4.011   12.699  1.00 37.51  ? 67  GLY A C   1 
ATOM   362  O O   . GLY A 1 67  ? 2.552   5.108   12.242  1.00 38.65  ? 67  GLY A O   1 
ATOM   363  N N   . THR A 1 68  ? 4.075   3.427   12.295  1.00 33.54  ? 68  THR A N   1 
ATOM   364  C CA  . THR A 1 68  ? 4.956   4.050   11.301  1.00 32.31  ? 68  THR A CA  1 
ATOM   365  C C   . THR A 1 68  ? 5.415   2.985   10.320  1.00 31.46  ? 68  THR A C   1 
ATOM   366  O O   . THR A 1 68  ? 5.202   1.800   10.600  1.00 34.74  ? 68  THR A O   1 
ATOM   367  C CB  . THR A 1 68  ? 6.169   4.759   11.913  1.00 39.01  ? 68  THR A CB  1 
ATOM   368  O OG1 . THR A 1 68  ? 6.977   3.766   12.536  1.00 38.27  ? 68  THR A OG1 1 
ATOM   369  C CG2 . THR A 1 68  ? 5.758   5.819   12.913  1.00 41.67  ? 68  THR A CG2 1 
ATOM   370  N N   . VAL A 1 69  ? 5.807   3.447   9.156   1.00 32.88  ? 69  VAL A N   1 
ATOM   371  C CA  . VAL A 1 69  ? 6.430   2.593   8.113   1.00 31.33  ? 69  VAL A CA  1 
ATOM   372  C C   . VAL A 1 69  ? 7.937   2.613   8.345   1.00 32.68  ? 69  VAL A C   1 
ATOM   373  O O   . VAL A 1 69  ? 8.552   3.700   8.298   1.00 33.90  ? 69  VAL A O   1 
ATOM   374  C CB  . VAL A 1 69  ? 6.043   3.035   6.693   1.00 31.82  ? 69  VAL A CB  1 
ATOM   375  C CG1 . VAL A 1 69  ? 6.759   2.199   5.636   1.00 32.95  ? 69  VAL A CG1 1 
ATOM   376  C CG2 . VAL A 1 69  ? 4.535   2.953   6.493   1.00 36.13  ? 69  VAL A CG2 1 
ATOM   377  N N   . ILE A 1 70  ? 8.511   1.432   8.570   1.00 31.90  ? 70  ILE A N   1 
ATOM   378  C CA  . ILE A 1 70  ? 9.959   1.250   8.831   1.00 32.83  ? 70  ILE A CA  1 
ATOM   379  C C   . ILE A 1 70  ? 10.712  1.363   7.519   1.00 33.88  ? 70  ILE A C   1 
ATOM   380  O O   . ILE A 1 70  ? 11.827  1.902   7.513   1.00 37.27  ? 70  ILE A O   1 
ATOM   381  C CB  . ILE A 1 70  ? 10.179  -0.127  9.492   1.00 38.63  ? 70  ILE A CB  1 
ATOM   382  C CG1 . ILE A 1 70  ? 9.637   -0.151  10.920  1.00 44.87  ? 70  ILE A CG1 1 
ATOM   383  C CG2 . ILE A 1 70  ? 11.637  -0.550  9.399   1.00 43.75  ? 70  ILE A CG2 1 
ATOM   384  C CD1 . ILE A 1 70  ? 10.166  0.959   11.803  1.00 45.86  ? 70  ILE A CD1 1 
ATOM   385  N N   . GLY A 1 71  ? 10.160  0.786   6.436   1.00 31.75  ? 71  GLY A N   1 
ATOM   386  C CA  . GLY A 1 71  ? 10.880  0.723   5.171   1.00 31.25  ? 71  GLY A CA  1 
ATOM   387  C C   . GLY A 1 71  ? 10.160  -0.152  4.164   1.00 30.51  ? 71  GLY A C   1 
ATOM   388  O O   . GLY A 1 71  ? 9.218   -0.822  4.535   1.00 30.40  ? 71  GLY A O   1 
ATOM   389  N N   . GLY A 1 72  ? 10.666  -0.137  2.949   1.00 33.11  ? 72  GLY A N   1 
ATOM   390  C CA  . GLY A 1 72  ? 10.103  -0.952  1.865   1.00 32.84  ? 72  GLY A CA  1 
ATOM   391  C C   . GLY A 1 72  ? 10.448  -0.370  0.521   1.00 30.00  ? 72  GLY A C   1 
ATOM   392  O O   . GLY A 1 72  ? 11.235  0.582   0.431   1.00 30.39  ? 72  GLY A O   1 
ATOM   393  N N   . THR A 1 73  ? 10.087  -1.106  -0.523  1.00 28.30  ? 73  THR A N   1 
ATOM   394  C CA  . THR A 1 73  ? 10.461  -0.828  -1.914  1.00 28.06  ? 73  THR A CA  1 
ATOM   395  C C   . THR A 1 73  ? 9.195   -0.983  -2.762  1.00 28.22  ? 73  THR A C   1 
ATOM   396  O O   . THR A 1 73  ? 8.437   -1.953  -2.513  1.00 29.86  ? 73  THR A O   1 
ATOM   397  C CB  . THR A 1 73  ? 11.582  -1.768  -2.396  1.00 33.25  ? 73  THR A CB  1 
ATOM   398  O OG1 . THR A 1 73  ? 12.726  -1.517  -1.570  1.00 34.54  ? 73  THR A OG1 1 
ATOM   399  C CG2 . THR A 1 73  ? 11.965  -1.537  -3.844  1.00 35.21  ? 73  THR A CG2 1 
ATOM   400  N N   . ALA A 1 74  ? 9.033   -0.115  -3.763  1.00 26.51  ? 74  ALA A N   1 
ATOM   401  C CA  . ALA A 1 74  ? 7.995   -0.202  -4.806  1.00 30.62  ? 74  ALA A CA  1 
ATOM   402  C C   . ALA A 1 74  ? 8.673   -0.349  -6.170  1.00 30.07  ? 74  ALA A C   1 
ATOM   403  O O   . ALA A 1 74  ? 9.631   0.400   -6.497  1.00 31.32  ? 74  ALA A O   1 
ATOM   404  C CB  . ALA A 1 74  ? 7.098   1.022   -4.763  1.00 30.65  ? 74  ALA A CB  1 
ATOM   405  N N   . LEU A 1 75  ? 8.174   -1.269  -6.984  1.00 28.40  ? 75  LEU A N   1 
ATOM   406  C CA  . LEU A 1 75  ? 8.550   -1.435  -8.404  1.00 28.29  ? 75  LEU A CA  1 
ATOM   407  C C   . LEU A 1 75  ? 7.337   -1.047  -9.249  1.00 32.15  ? 75  LEU A C   1 
ATOM   408  O O   . LEU A 1 75  ? 6.241   -1.535  -8.991  1.00 29.62  ? 75  LEU A O   1 
ATOM   409  C CB  . LEU A 1 75  ? 8.969   -2.886  -8.683  1.00 28.51  ? 75  LEU A CB  1 
ATOM   410  C CG  . LEU A 1 75  ? 10.270  -3.349  -8.034  1.00 31.12  ? 75  LEU A CG  1 
ATOM   411  C CD1 . LEU A 1 75  ? 10.588  -4.780  -8.431  1.00 37.14  ? 75  LEU A CD1 1 
ATOM   412  C CD2 . LEU A 1 75  ? 11.420  -2.455  -8.424  1.00 34.34  ? 75  LEU A CD2 1 
ATOM   413  N N   . SER A 1 76  ? 7.512   -0.140  -10.191 1.00 27.81  ? 76  SER A N   1 
ATOM   414  C CA  . SER A 1 76  ? 6.369   0.354   -11.003 1.00 28.41  ? 76  SER A CA  1 
ATOM   415  C C   . SER A 1 76  ? 6.703   0.246   -12.486 1.00 30.33  ? 76  SER A C   1 
ATOM   416  O O   . SER A 1 76  ? 7.889   0.391   -12.870 1.00 28.99  ? 76  SER A O   1 
ATOM   417  C CB  . SER A 1 76  ? 6.001   1.749   -10.628 1.00 27.88  ? 76  SER A CB  1 
ATOM   418  O OG  . SER A 1 76  ? 7.086   2.616   -10.862 1.00 34.77  ? 76  SER A OG  1 
ATOM   419  N N   . THR A 1 77  ? 5.688   0.000   -13.309 1.00 27.95  ? 77  THR A N   1 
ATOM   420  C CA  . THR A 1 77  ? 5.820   0.192   -14.771 1.00 27.85  ? 77  THR A CA  1 
ATOM   421  C C   . THR A 1 77  ? 4.706   1.104   -15.257 1.00 28.34  ? 77  THR A C   1 
ATOM   422  O O   . THR A 1 77  ? 3.548   0.831   -15.015 1.00 28.59  ? 77  THR A O   1 
ATOM   423  C CB  . THR A 1 77  ? 6.214   -1.008  -15.641 1.00 44.92  ? 77  THR A CB  1 
ATOM   424  O OG1 . THR A 1 77  ? 5.438   -1.207  -16.833 1.00 39.69  ? 77  THR A OG1 1 
ATOM   425  C CG2 . THR A 1 77  ? 6.532   -2.263  -14.880 1.00 24.64  ? 77  THR A CG2 1 
ATOM   426  N N   . ARG A 1 78  ? 5.159   2.206   -15.837 1.00 30.37  ? 78  ARG A N   1 
ATOM   427  C CA  . ARG A 1 78  ? 4.311   3.324   -16.326 1.00 27.94  ? 78  ARG A CA  1 
ATOM   428  C C   . ARG A 1 78  ? 4.291   3.204   -17.848 1.00 27.50  ? 78  ARG A C   1 
ATOM   429  O O   . ARG A 1 78  ? 5.323   3.431   -18.491 1.00 27.71  ? 78  ARG A O   1 
ATOM   430  C CB  . ARG A 1 78  ? 4.878   4.668   -15.845 1.00 31.64  ? 78  ARG A CB  1 
ATOM   431  C CG  . ARG A 1 78  ? 5.000   4.822   -14.340 1.00 40.93  ? 78  ARG A CG  1 
ATOM   432  C CD  . ARG A 1 78  ? 5.656   6.148   -13.961 1.00 46.15  ? 78  ARG A CD  1 
ATOM   433  N NE  . ARG A 1 78  ? 5.429   6.384   -12.549 1.00 61.99  ? 78  ARG A NE  1 
ATOM   434  C CZ  . ARG A 1 78  ? 4.443   7.133   -12.056 1.00 75.35  ? 78  ARG A CZ  1 
ATOM   435  N NH1 . ARG A 1 78  ? 4.282   7.224   -10.747 1.00 88.41  ? 78  ARG A NH1 1 
ATOM   436  N NH2 . ARG A 1 78  ? 3.659   7.830   -12.860 1.00 83.02  ? 78  ARG A NH2 1 
ATOM   437  N N   . GLY A 1 79  ? 3.147   2.806   -18.405 1.00 28.26  ? 79  GLY A N   1 
ATOM   438  C CA  . GLY A 1 79  ? 2.993   2.626   -19.851 1.00 28.65  ? 79  GLY A CA  1 
ATOM   439  C C   . GLY A 1 79  ? 2.844   3.941   -20.592 1.00 30.65  ? 79  GLY A C   1 
ATOM   440  O O   . GLY A 1 79  ? 2.344   4.917   -20.000 1.00 28.50  ? 79  GLY A O   1 
ATOM   441  N N   . ALA A 1 80  ? 3.338   3.988   -21.825 1.00 29.27  ? 80  ALA A N   1 
ATOM   442  C CA  . ALA A 1 80  ? 3.026   5.091   -22.765 1.00 29.88  ? 80  ALA A CA  1 
ATOM   443  C C   . ALA A 1 80  ? 1.510   5.215   -22.879 1.00 30.64  ? 80  ALA A C   1 
ATOM   444  O O   . ALA A 1 80  ? 1.053   6.298   -23.197 1.00 31.64  ? 80  ALA A O   1 
ATOM   445  C CB  . ALA A 1 80  ? 3.644   4.839   -24.106 1.00 30.65  ? 80  ALA A CB  1 
ATOM   446  N N   . ASP A 1 81  ? 0.769   4.146   -22.605 1.00 31.28  ? 81  ASP A N   1 
ATOM   447  C CA  . ASP A 1 81  ? -0.719  4.152   -22.633 1.00 32.84  ? 81  ASP A CA  1 
ATOM   448  C C   . ASP A 1 81  ? -1.333  4.727   -21.352 1.00 33.34  ? 81  ASP A C   1 
ATOM   449  O O   . ASP A 1 81  ? -2.582  4.762   -21.293 1.00 38.90  ? 81  ASP A O   1 
ATOM   450  C CB  . ASP A 1 81  ? -1.231  2.757   -22.976 1.00 38.41  ? 81  ASP A CB  1 
ATOM   451  C CG  . ASP A 1 81  ? -0.880  1.722   -21.919 1.00 45.26  ? 81  ASP A CG  1 
ATOM   452  O OD1 . ASP A 1 81  ? -0.343  2.132   -20.856 1.00 37.07  ? 81  ASP A OD1 1 
ATOM   453  O OD2 . ASP A 1 81  ? -1.130  0.514   -22.174 1.00 43.62  ? 81  ASP A OD2 1 
ATOM   454  N N   . GLY A 1 82  ? -0.558  5.164   -20.346 1.00 31.32  ? 82  GLY A N   1 
ATOM   455  C CA  . GLY A 1 82  ? -1.077  5.782   -19.110 1.00 33.56  ? 82  GLY A CA  1 
ATOM   456  C C   . GLY A 1 82  ? -1.368  4.764   -18.015 1.00 32.91  ? 82  GLY A C   1 
ATOM   457  O O   . GLY A 1 82  ? -1.704  5.181   -16.916 1.00 37.86  ? 82  GLY A O   1 
ATOM   458  N N   . THR A 1 83  ? -1.328  3.466   -18.323 1.00 32.98  ? 83  THR A N   1 
ATOM   459  C CA  . THR A 1 83  ? -1.542  2.408   -17.300 1.00 33.51  ? 83  THR A CA  1 
ATOM   460  C C   . THR A 1 83  ? -0.295  2.354   -16.429 1.00 33.18  ? 83  THR A C   1 
ATOM   461  O O   . THR A 1 83  ? 0.814   2.326   -16.991 1.00 35.44  ? 83  THR A O   1 
ATOM   462  C CB  . THR A 1 83  ? -1.814  1.031   -17.899 1.00 38.99  ? 83  THR A CB  1 
ATOM   463  O OG1 . THR A 1 83  ? -0.700  0.606   -18.681 1.00 49.24  ? 83  THR A OG1 1 
ATOM   464  C CG2 . THR A 1 83  ? -3.064  1.044   -18.736 1.00 38.00  ? 83  THR A CG2 1 
ATOM   465  N N   . ILE A 1 84  ? -0.484  2.292   -15.125 1.00 32.29  ? 84  ILE A N   1 
ATOM   466  C CA  . ILE A 1 84  ? 0.647   2.103   -14.190 1.00 29.78  ? 84  ILE A CA  1 
ATOM   467  C C   . ILE A 1 84  ? 0.348   0.879   -13.328 1.00 30.75  ? 84  ILE A C   1 
ATOM   468  O O   . ILE A 1 84  ? -0.703  0.849   -12.656 1.00 33.53  ? 84  ILE A O   1 
ATOM   469  C CB  . ILE A 1 84  ? 0.857   3.352   -13.328 1.00 34.28  ? 84  ILE A CB  1 
ATOM   470  C CG1 . ILE A 1 84  ? 1.079   4.608   -14.176 1.00 40.87  ? 84  ILE A CG1 1 
ATOM   471  C CG2 . ILE A 1 84  ? 1.974   3.093   -12.337 1.00 33.68  ? 84  ILE A CG2 1 
ATOM   472  C CD1 . ILE A 1 84  ? 1.085   5.891   -13.362 1.00 46.66  ? 84  ILE A CD1 1 
ATOM   473  N N   . ARG A 1 85  ? 1.250   -0.093  -13.343 1.00 29.46  ? 85  ARG A N   1 
ATOM   474  C CA  . ARG A 1 85  ? 1.161   -1.298  -12.497 1.00 28.15  ? 85  ARG A CA  1 
ATOM   475  C C   . ARG A 1 85  ? 2.289   -1.188  -11.480 1.00 31.60  ? 85  ARG A C   1 
ATOM   476  O O   . ARG A 1 85  ? 3.393   -0.782  -11.863 1.00 34.81  ? 85  ARG A O   1 
ATOM   477  C CB  . ARG A 1 85  ? 1.259   -2.576  -13.340 1.00 29.98  ? 85  ARG A CB  1 
ATOM   478  C CG  . ARG A 1 85  ? 1.283   -3.901  -12.576 1.00 39.27  ? 85  ARG A CG  1 
ATOM   479  C CD  . ARG A 1 85  ? -0.055  -4.425  -12.047 1.00 43.84  ? 85  ARG A CD  1 
ATOM   480  N NE  . ARG A 1 85  ? -1.147  -4.181  -12.981 1.00 44.65  ? 85  ARG A NE  1 
ATOM   481  C CZ  . ARG A 1 85  ? -1.650  -5.079  -13.835 1.00 51.45  ? 85  ARG A CZ  1 
ATOM   482  N NH1 . ARG A 1 85  ? -1.242  -6.342  -13.813 1.00 35.80  ? 85  ARG A NH1 1 
ATOM   483  N NH2 . ARG A 1 85  ? -2.611  -4.709  -14.672 1.00 46.52  ? 85  ARG A NH2 1 
ATOM   484  N N   . ALA A 1 86  ? 1.992   -1.384  -10.205 1.00 27.59  ? 86  ALA A N   1 
ATOM   485  C CA  . ALA A 1 86  ? 3.033   -1.283  -9.167  1.00 28.43  ? 86  ALA A CA  1 
ATOM   486  C C   . ALA A 1 86  ? 2.874   -2.449  -8.202  1.00 30.19  ? 86  ALA A C   1 
ATOM   487  O O   . ALA A 1 86  ? 1.773   -2.960  -8.017  1.00 29.42  ? 86  ALA A O   1 
ATOM   488  C CB  . ALA A 1 86  ? 2.956   0.039   -8.440  1.00 32.36  ? 86  ALA A CB  1 
ATOM   489  N N   . ASP A 1 87  ? 4.001   -2.901  -7.680  1.00 28.18  ? 87  ASP A N   1 
ATOM   490  C CA  . ASP A 1 87  ? 4.067   -3.924  -6.624  1.00 27.95  ? 87  ASP A CA  1 
ATOM   491  C C   . ASP A 1 87  ? 4.959   -3.351  -5.527  1.00 27.13  ? 87  ASP A C   1 
ATOM   492  O O   . ASP A 1 87  ? 5.962   -2.736  -5.854  1.00 30.75  ? 87  ASP A O   1 
ATOM   493  C CB  . ASP A 1 87  ? 4.625   -5.228  -7.198  1.00 30.87  ? 87  ASP A CB  1 
ATOM   494  C CG  . ASP A 1 87  ? 3.661   -5.884  -8.178  1.00 36.16  ? 87  ASP A CG  1 
ATOM   495  O OD1 . ASP A 1 87  ? 2.709   -6.505  -7.734  1.00 34.36  ? 87  ASP A OD1 1 
ATOM   496  O OD2 . ASP A 1 87  ? 3.837   -5.673  -9.364  1.00 41.59  ? 87  ASP A OD2 1 
ATOM   497  N N   . ALA A 1 88  ? 4.603   -3.518  -4.273  1.00 28.34  ? 88  ALA A N   1 
ATOM   498  C CA  . ALA A 1 88  ? 5.433   -2.997  -3.178  1.00 27.68  ? 88  ALA A CA  1 
ATOM   499  C C   . ALA A 1 88  ? 5.360   -3.943  -1.994  1.00 26.94  ? 88  ALA A C   1 
ATOM   500  O O   . ALA A 1 88  ? 4.360   -4.625  -1.793  1.00 27.17  ? 88  ALA A O   1 
ATOM   501  C CB  . ALA A 1 88  ? 5.003   -1.625  -2.772  1.00 28.28  ? 88  ALA A CB  1 
ATOM   502  N N   . HIS A 1 89  ? 6.398   -3.906  -1.171  1.00 27.36  ? 89  HIS A N   1 
ATOM   503  C CA  . HIS A 1 89  ? 6.370   -4.479  0.181   1.00 28.74  ? 89  HIS A CA  1 
ATOM   504  C C   . HIS A 1 89  ? 6.816   -3.365  1.111   1.00 30.85  ? 89  HIS A C   1 
ATOM   505  O O   . HIS A 1 89  ? 7.848   -2.730  0.810   1.00 33.58  ? 89  HIS A O   1 
ATOM   506  C CB  . HIS A 1 89  ? 7.323   -5.659  0.307   1.00 32.77  ? 89  HIS A CB  1 
ATOM   507  C CG  . HIS A 1 89  ? 6.882   -6.879  -0.417  1.00 31.61  ? 89  HIS A CG  1 
ATOM   508  N ND1 . HIS A 1 89  ? 7.514   -7.307  -1.572  1.00 35.05  ? 89  HIS A ND1 1 
ATOM   509  C CD2 . HIS A 1 89  ? 5.976   -7.830  -0.087  1.00 34.92  ? 89  HIS A CD2 1 
ATOM   510  C CE1 . HIS A 1 89  ? 6.928   -8.427  -1.970  1.00 34.79  ? 89  HIS A CE1 1 
ATOM   511  N NE2 . HIS A 1 89  ? 6.049   -8.796  -1.053  1.00 38.19  ? 89  HIS A NE2 1 
ATOM   512  N N   . TYR A 1 90  ? 6.163   -3.250  2.246   1.00 31.08  ? 90  TYR A N   1 
ATOM   513  C CA  . TYR A 1 90  ? 6.714   -2.390  3.313   1.00 31.95  ? 90  TYR A CA  1 
ATOM   514  C C   . TYR A 1 90  ? 6.315   -2.971  4.659   1.00 29.95  ? 90  TYR A C   1 
ATOM   515  O O   . TYR A 1 90  ? 5.382   -3.754  4.770   1.00 30.63  ? 90  TYR A O   1 
ATOM   516  C CB  . TYR A 1 90  ? 6.312   -0.930  3.091   1.00 28.95  ? 90  TYR A CB  1 
ATOM   517  C CG  . TYR A 1 90  ? 4.844   -0.616  3.092   1.00 29.63  ? 90  TYR A CG  1 
ATOM   518  C CD1 . TYR A 1 90  ? 4.154   -0.298  4.245   1.00 31.62  ? 90  TYR A CD1 1 
ATOM   519  C CD2 . TYR A 1 90  ? 4.152   -0.568  1.888   1.00 34.50  ? 90  TYR A CD2 1 
ATOM   520  C CE1 . TYR A 1 90  ? 2.808   0.018   4.224   1.00 30.82  ? 90  TYR A CE1 1 
ATOM   521  C CE2 . TYR A 1 90  ? 2.824   -0.182  1.845   1.00 34.38  ? 90  TYR A CE2 1 
ATOM   522  C CZ  . TYR A 1 90  ? 2.151   0.109   3.007   1.00 34.76  ? 90  TYR A CZ  1 
ATOM   523  O OH  . TYR A 1 90  ? 0.820   0.403   2.991   1.00 41.27  ? 90  TYR A OH  1 
ATOM   524  N N   . LEU A 1 91  ? 7.007   -2.528  5.700   1.00 29.29  ? 91  LEU A N   1 
ATOM   525  C CA  . LEU A 1 91  ? 6.889   -3.060  7.065   1.00 29.51  ? 91  LEU A CA  1 
ATOM   526  C C   . LEU A 1 91  ? 6.302   -1.928  7.923   1.00 27.89  ? 91  LEU A C   1 
ATOM   527  O O   . LEU A 1 91  ? 6.904   -0.834  7.912   1.00 33.61  ? 91  LEU A O   1 
ATOM   528  C CB  . LEU A 1 91  ? 8.304   -3.448  7.496   1.00 33.72  ? 91  LEU A CB  1 
ATOM   529  C CG  . LEU A 1 91  ? 8.530   -4.274  8.767   1.00 41.45  ? 91  LEU A CG  1 
ATOM   530  C CD1 . LEU A 1 91  ? 8.057   -3.566  10.015  1.00 38.49  ? 91  LEU A CD1 1 
ATOM   531  C CD2 . LEU A 1 91  ? 7.965   -5.681  8.674   1.00 39.19  ? 91  LEU A CD2 1 
ATOM   532  N N   . ILE A 1 92  ? 5.135   -2.166  8.472   1.00 29.27  ? 92  ILE A N   1 
ATOM   533  C CA  . ILE A 1 92  ? 4.531   -1.312  9.527   1.00 30.87  ? 92  ILE A CA  1 
ATOM   534  C C   . ILE A 1 92  ? 5.069   -1.786  10.864  1.00 34.24  ? 92  ILE A C   1 
ATOM   535  O O   . ILE A 1 92  ? 4.927   -2.972  11.160  1.00 30.43  ? 92  ILE A O   1 
ATOM   536  C CB  . ILE A 1 92  ? 3.011   -1.360  9.479   1.00 30.14  ? 92  ILE A CB  1 
ATOM   537  C CG1 . ILE A 1 92  ? 2.509   -0.724  8.180   1.00 32.17  ? 92  ILE A CG1 1 
ATOM   538  C CG2 . ILE A 1 92  ? 2.397   -0.703  10.709  1.00 35.48  ? 92  ILE A CG2 1 
ATOM   539  C CD1 . ILE A 1 92  ? 1.006   -0.859  7.973   1.00 30.57  ? 92  ILE A CD1 1 
ATOM   540  N N   . GLN A 1 93  ? 5.469   -0.837  11.724  1.00 33.94  ? 93  GLN A N   1 
ATOM   541  C CA  . GLN A 1 93  ? 5.638   -1.133  13.167  1.00 32.93  ? 93  GLN A CA  1 
ATOM   542  C C   . GLN A 1 93  ? 4.593   -0.339  13.942  1.00 32.44  ? 93  GLN A C   1 
ATOM   543  O O   . GLN A 1 93  ? 4.565   0.891   13.783  1.00 36.84  ? 93  GLN A O   1 
ATOM   544  C CB  . GLN A 1 93  ? 7.066   -0.864  13.616  1.00 36.04  ? 93  GLN A CB  1 
ATOM   545  C CG  . GLN A 1 93  ? 7.297   -1.345  15.053  1.00 40.88  ? 93  GLN A CG  1 
ATOM   546  C CD  . GLN A 1 93  ? 8.764   -1.342  15.406  1.00 49.78  ? 93  GLN A CD  1 
ATOM   547  O OE1 . GLN A 1 93  ? 9.318   -0.299  15.727  1.00 46.34  ? 93  GLN A OE1 1 
ATOM   548  N NE2 . GLN A 1 93  ? 9.430   -2.473  15.207  1.00 43.07  ? 93  GLN A NE2 1 
ATOM   549  N N   . THR A 1 94  ? 3.698   -1.042  14.618  1.00 31.21  ? 94  THR A N   1 
ATOM   550  C CA  . THR A 1 94  ? 2.564   -0.420  15.341  1.00 33.04  ? 94  THR A CA  1 
ATOM   551  C C   . THR A 1 94  ? 3.132   0.337   16.544  1.00 34.42  ? 94  THR A C   1 
ATOM   552  O O   . THR A 1 94  ? 4.300   0.090   16.942  1.00 35.95  ? 94  THR A O   1 
ATOM   553  C CB  . THR A 1 94  ? 1.491   -1.426  15.772  1.00 34.71  ? 94  THR A CB  1 
ATOM   554  O OG1 . THR A 1 94  ? 2.026   -2.318  16.753  1.00 34.21  ? 94  THR A OG1 1 
ATOM   555  C CG2 . THR A 1 94  ? 0.918   -2.210  14.602  1.00 36.03  ? 94  THR A CG2 1 
ATOM   556  N N   . SER A 1 95  ? 2.322   1.256   17.056  1.00 38.44  ? 95  SER A N   1 
ATOM   557  C CA  . SER A 1 95  ? 2.621   2.031   18.293  1.00 39.82  ? 95  SER A CA  1 
ATOM   558  C C   . SER A 1 95  ? 2.988   1.081   19.437  1.00 41.00  ? 95  SER A C   1 
ATOM   559  O O   . SER A 1 95  ? 3.907   1.454   20.202  1.00 45.40  ? 95  SER A O   1 
ATOM   560  C CB  . SER A 1 95  ? 1.447   2.906   18.641  1.00 36.25  ? 95  SER A CB  1 
ATOM   561  O OG  . SER A 1 95  ? 0.284   2.113   18.828  1.00 45.92  ? 95  SER A OG  1 
ATOM   562  N N   . ASP A 1 96  ? 2.347   -0.099  19.520  1.00 37.93  ? 96  ASP A N   1 
ATOM   563  C CA  . ASP A 1 96  ? 2.562   -1.112  20.591  1.00 42.19  ? 96  ASP A CA  1 
ATOM   564  C C   . ASP A 1 96  ? 3.553   -2.217  20.163  1.00 44.09  ? 96  ASP A C   1 
ATOM   565  O O   . ASP A 1 96  ? 3.684   -3.190  20.915  1.00 50.11  ? 96  ASP A O   1 
ATOM   566  C CB  . ASP A 1 96  ? 1.237   -1.664  21.110  1.00 42.43  ? 96  ASP A CB  1 
ATOM   567  C CG  . ASP A 1 96  ? 0.252   -2.202  20.083  1.00 46.49  ? 96  ASP A CG  1 
ATOM   568  O OD1 . ASP A 1 96  ? 0.449   -1.938  18.863  1.00 42.63  ? 96  ASP A OD1 1 
ATOM   569  O OD2 . ASP A 1 96  ? -0.745  -2.827  20.522  1.00 50.72  ? 96  ASP A OD2 1 
ATOM   570  N N   . GLY A 1 97  ? 4.343   -1.997  19.109  1.00 36.54  ? 97  GLY A N   1 
ATOM   571  C CA  . GLY A 1 97  ? 5.607   -2.703  18.817  1.00 37.31  ? 97  GLY A CA  1 
ATOM   572  C C   . GLY A 1 97  ? 5.464   -3.880  17.856  1.00 41.97  ? 97  GLY A C   1 
ATOM   573  O O   . GLY A 1 97  ? 6.479   -4.535  17.610  1.00 43.93  ? 97  GLY A O   1 
ATOM   574  N N   . ALA A 1 98  ? 4.271   -4.126  17.299  1.00 35.44  ? 98  ALA A N   1 
ATOM   575  C CA  . ALA A 1 98  ? 4.034   -5.262  16.367  1.00 32.44  ? 98  ALA A CA  1 
ATOM   576  C C   . ALA A 1 98  ? 4.597   -4.923  14.978  1.00 33.81  ? 98  ALA A C   1 
ATOM   577  O O   . ALA A 1 98  ? 4.369   -3.815  14.474  1.00 35.21  ? 98  ALA A O   1 
ATOM   578  C CB  . ALA A 1 98  ? 2.570   -5.579  16.293  1.00 33.99  ? 98  ALA A CB  1 
ATOM   579  N N   . ASN A 1 99  ? 5.230   -5.909  14.341  1.00 32.72  ? 99  ASN A N   1 
ATOM   580  C CA  . ASN A 1 99  ? 5.729   -5.808  12.949  1.00 30.72  ? 99  ASN A CA  1 
ATOM   581  C C   . ASN A 1 99  ? 4.717   -6.492  12.029  1.00 29.91  ? 99  ASN A C   1 
ATOM   582  O O   . ASN A 1 99  ? 4.305   -7.623  12.312  1.00 29.74  ? 99  ASN A O   1 
ATOM   583  C CB  . ASN A 1 99  ? 7.110   -6.431  12.791  1.00 29.98  ? 99  ASN A CB  1 
ATOM   584  C CG  . ASN A 1 99  ? 8.201   -5.647  13.491  1.00 35.75  ? 99  ASN A CG  1 
ATOM   585  O OD1 . ASN A 1 99  ? 8.054   -4.456  13.738  1.00 35.29  ? 99  ASN A OD1 1 
ATOM   586  N ND2 . ASN A 1 99  ? 9.286   -6.315  13.816  1.00 33.62  ? 99  ASN A ND2 1 
ATOM   587  N N   . ILE A 1 100 ? 4.310   -5.780  10.977  1.00 29.29  ? 100 ILE A N   1 
ATOM   588  C CA  . ILE A 1 100 ? 3.320   -6.296  9.994   1.00 31.11  ? 100 ILE A CA  1 
ATOM   589  C C   . ILE A 1 100 ? 3.883   -6.037  8.604   1.00 29.84  ? 100 ILE A C   1 
ATOM   590  O O   . ILE A 1 100 ? 4.159   -4.888  8.261   1.00 30.56  ? 100 ILE A O   1 
ATOM   591  C CB  . ILE A 1 100 ? 1.960   -5.610  10.170  1.00 31.58  ? 100 ILE A CB  1 
ATOM   592  C CG1 . ILE A 1 100 ? 1.444   -5.678  11.614  1.00 32.75  ? 100 ILE A CG1 1 
ATOM   593  C CG2 . ILE A 1 100 ? 0.969   -6.147  9.142   1.00 29.90  ? 100 ILE A CG2 1 
ATOM   594  C CD1 . ILE A 1 100 ? 0.240   -4.796  11.848  1.00 35.35  ? 100 ILE A CD1 1 
ATOM   595  N N   . LEU A 1 101 ? 4.048   -7.085  7.791   1.00 28.58  ? 101 LEU A N   1 
ATOM   596  C CA  . LEU A 1 101 ? 4.426   -6.924  6.376   1.00 27.56  ? 101 LEU A CA  1 
ATOM   597  C C   . LEU A 1 101 ? 3.180   -6.600  5.561   1.00 27.04  ? 101 LEU A C   1 
ATOM   598  O O   . LEU A 1 101 ? 2.173   -7.306  5.677   1.00 28.18  ? 101 LEU A O   1 
ATOM   599  C CB  . LEU A 1 101 ? 5.053   -8.206  5.823   1.00 28.44  ? 101 LEU A CB  1 
ATOM   600  C CG  . LEU A 1 101 ? 5.531   -8.104  4.377   1.00 28.22  ? 101 LEU A CG  1 
ATOM   601  C CD1 . LEU A 1 101 ? 6.733   -7.170  4.257   1.00 30.71  ? 101 LEU A CD1 1 
ATOM   602  C CD2 . LEU A 1 101 ? 5.827   -9.474  3.763   1.00 30.13  ? 101 LEU A CD2 1 
ATOM   603  N N   . VAL A 1 102 ? 3.291   -5.545  4.761   1.00 27.72  ? 102 VAL A N   1 
ATOM   604  C CA  . VAL A 1 102 ? 2.225   -5.137  3.824   1.00 28.47  ? 102 VAL A CA  1 
ATOM   605  C C   . VAL A 1 102 ? 2.692   -5.463  2.413   1.00 27.11  ? 102 VAL A C   1 
ATOM   606  O O   . VAL A 1 102 ? 3.776   -5.034  2.023   1.00 27.65  ? 102 VAL A O   1 
ATOM   607  C CB  . VAL A 1 102 ? 1.884   -3.653  3.967   1.00 27.88  ? 102 VAL A CB  1 
ATOM   608  C CG1 . VAL A 1 102 ? 0.762   -3.282  3.007   1.00 30.29  ? 102 VAL A CG1 1 
ATOM   609  C CG2 . VAL A 1 102 ? 1.516   -3.307  5.393   1.00 31.93  ? 102 VAL A CG2 1 
ATOM   610  N N   . THR A 1 103 ? 1.892   -6.236  1.694   1.00 26.20  ? 103 THR A N   1 
ATOM   611  C CA  . THR A 1 103 ? 2.148   -6.637  0.282   1.00 26.83  ? 103 THR A CA  1 
ATOM   612  C C   . THR A 1 103 ? 1.103   -5.937  -0.584  1.00 26.06  ? 103 THR A C   1 
ATOM   613  O O   . THR A 1 103 ? -0.091  -6.274  -0.488  1.00 27.09  ? 103 THR A O   1 
ATOM   614  C CB  . THR A 1 103 ? 2.089   -8.158  0.126   1.00 26.85  ? 103 THR A CB  1 
ATOM   615  O OG1 . THR A 1 103 ? 3.088   -8.779  0.939   1.00 27.34  ? 103 THR A OG1 1 
ATOM   616  C CG2 . THR A 1 103 ? 2.323   -8.554  -1.312  1.00 29.09  ? 103 THR A CG2 1 
ATOM   617  N N   . GLU A 1 104 ? 1.553   -4.985  -1.385  1.00 27.06  ? 104 GLU A N   1 
ATOM   618  C CA  . GLU A 1 104 ? 0.668   -4.189  -2.263  1.00 28.23  ? 104 GLU A CA  1 
ATOM   619  C C   . GLU A 1 104 ? 0.851   -4.637  -3.709  1.00 26.24  ? 104 GLU A C   1 
ATOM   620  O O   . GLU A 1 104 ? 1.972   -4.796  -4.187  1.00 26.86  ? 104 GLU A O   1 
ATOM   621  C CB  . GLU A 1 104 ? 0.985   -2.700  -2.113  1.00 30.18  ? 104 GLU A CB  1 
ATOM   622  C CG  . GLU A 1 104 ? 0.489   -2.113  -0.795  1.00 32.09  ? 104 GLU A CG  1 
ATOM   623  C CD  . GLU A 1 104 ? 0.527   -0.596  -0.750  1.00 33.50  ? 104 GLU A CD  1 
ATOM   624  O OE1 . GLU A 1 104 ? 1.260   -0.006  -1.587  1.00 36.06  ? 104 GLU A OE1 1 
ATOM   625  O OE2 . GLU A 1 104 ? -0.118  -0.042  0.167   1.00 33.09  ? 104 GLU A OE2 1 
ATOM   626  N N   . SER A 1 105 ? -0.264  -4.675  -4.422  1.00 26.53  ? 105 SER A N   1 
ATOM   627  C CA  . SER A 1 105 ? -0.290  -4.842  -5.894  1.00 25.43  ? 105 SER A CA  1 
ATOM   628  C C   . SER A 1 105 ? -1.351  -3.885  -6.421  1.00 26.16  ? 105 SER A C   1 
ATOM   629  O O   . SER A 1 105 ? -2.469  -3.858  -5.875  1.00 29.56  ? 105 SER A O   1 
ATOM   630  C CB  . SER A 1 105 ? -0.495  -6.269  -6.285  1.00 29.37  ? 105 SER A CB  1 
ATOM   631  O OG  . SER A 1 105 ? -1.576  -6.825  -5.607  1.00 32.48  ? 105 SER A OG  1 
ATOM   632  N N   . ALA A 1 106 ? -0.984  -3.076  -7.401  1.00 27.37  ? 106 ALA A N   1 
ATOM   633  C CA  . ALA A 1 106 ? -1.800  -1.914  -7.774  1.00 27.63  ? 106 ALA A CA  1 
ATOM   634  C C   . ALA A 1 106 ? -1.978  -1.832  -9.278  1.00 26.32  ? 106 ALA A C   1 
ATOM   635  O O   . ALA A 1 106 ? -0.998  -1.976  -10.043 1.00 27.11  ? 106 ALA A O   1 
ATOM   636  C CB  . ALA A 1 106 ? -1.144  -0.672  -7.241  1.00 28.51  ? 106 ALA A CB  1 
ATOM   637  N N   . ALA A 1 107 ? -3.167  -1.408  -9.660  1.00 27.67  ? 107 ALA A N   1 
ATOM   638  C CA  . ALA A 1 107 ? -3.455  -0.778  -10.967 1.00 27.93  ? 107 ALA A CA  1 
ATOM   639  C C   . ALA A 1 107 ? -3.703  0.690   -10.666 1.00 28.21  ? 107 ALA A C   1 
ATOM   640  O O   . ALA A 1 107 ? -4.813  1.040   -10.250 1.00 28.43  ? 107 ALA A O   1 
ATOM   641  C CB  . ALA A 1 107 ? -4.644  -1.435  -11.622 1.00 28.41  ? 107 ALA A CB  1 
ATOM   642  N N   . ILE A 1 108 ? -2.623  1.446   -10.621 1.00 29.10  ? 108 ILE A N   1 
ATOM   643  C CA  . ILE A 1 108 ? -2.615  2.783   -9.967  1.00 29.33  ? 108 ILE A CA  1 
ATOM   644  C C   . ILE A 1 108 ? -3.752  3.596   -10.575 1.00 30.09  ? 108 ILE A C   1 
ATOM   645  O O   . ILE A 1 108 ? -3.942  3.569   -11.793 1.00 31.40  ? 108 ILE A O   1 
ATOM   646  C CB  . ILE A 1 108 ? -1.250  3.431   -10.212 1.00 33.20  ? 108 ILE A CB  1 
ATOM   647  C CG1 . ILE A 1 108 ? -0.149  2.739   -9.407  1.00 34.23  ? 108 ILE A CG1 1 
ATOM   648  C CG2 . ILE A 1 108 ? -1.322  4.933   -9.982  1.00 37.54  ? 108 ILE A CG2 1 
ATOM   649  C CD1 . ILE A 1 108 ? -0.328  2.809   -7.948  1.00 36.41  ? 108 ILE A CD1 1 
ATOM   650  N N   . PRO A 1 109 ? -4.593  4.290   -9.777  1.00 29.89  ? 109 PRO A N   1 
ATOM   651  C CA  . PRO A 1 109 ? -4.366  4.561   -8.357  1.00 32.57  ? 109 PRO A CA  1 
ATOM   652  C C   . PRO A 1 109 ? -5.042  3.622   -7.353  1.00 28.04  ? 109 PRO A C   1 
ATOM   653  O O   . PRO A 1 109 ? -5.141  3.950   -6.177  1.00 29.89  ? 109 PRO A O   1 
ATOM   654  C CB  . PRO A 1 109 ? -5.020  5.944   -8.186  1.00 30.73  ? 109 PRO A CB  1 
ATOM   655  C CG  . PRO A 1 109 ? -6.223  5.880   -9.138  1.00 31.14  ? 109 PRO A CG  1 
ATOM   656  C CD  . PRO A 1 109 ? -5.764  5.022   -10.299 1.00 30.25  ? 109 PRO A CD  1 
ATOM   657  N N   . TYR A 1 110 ? -5.457  2.441   -7.825  1.00 27.28  ? 110 TYR A N   1 
ATOM   658  C CA  . TYR A 1 110 ? -6.177  1.429   -7.028  1.00 27.91  ? 110 TYR A CA  1 
ATOM   659  C C   . TYR A 1 110 ? -5.172  0.414   -6.481  1.00 28.16  ? 110 TYR A C   1 
ATOM   660  O O   . TYR A 1 110 ? -4.461  -0.200  -7.268  1.00 27.77  ? 110 TYR A O   1 
ATOM   661  C CB  . TYR A 1 110 ? -7.253  0.783   -7.893  1.00 27.10  ? 110 TYR A CB  1 
ATOM   662  C CG  . TYR A 1 110 ? -8.109  1.777   -8.633  1.00 28.16  ? 110 TYR A CG  1 
ATOM   663  C CD1 . TYR A 1 110 ? -8.702  2.844   -7.977  1.00 31.42  ? 110 TYR A CD1 1 
ATOM   664  C CD2 . TYR A 1 110 ? -8.301  1.638   -9.992  1.00 31.17  ? 110 TYR A CD2 1 
ATOM   665  C CE1 . TYR A 1 110 ? -9.465  3.766   -8.683  1.00 32.97  ? 110 TYR A CE1 1 
ATOM   666  C CE2 . TYR A 1 110 ? -9.083  2.536   -10.698 1.00 35.03  ? 110 TYR A CE2 1 
ATOM   667  C CZ  . TYR A 1 110 ? -9.651  3.603   -10.039 1.00 35.39  ? 110 TYR A CZ  1 
ATOM   668  O OH  . TYR A 1 110 ? -10.427 4.465   -10.770 1.00 40.44  ? 110 TYR A OH  1 
ATOM   669  N N   . VAL A 1 111 ? -5.178  0.201   -5.169  1.00 26.86  ? 111 VAL A N   1 
ATOM   670  C CA  . VAL A 1 111 ? -4.130  -0.599  -4.494  1.00 27.28  ? 111 VAL A CA  1 
ATOM   671  C C   . VAL A 1 111 ? -4.764  -1.746  -3.729  1.00 27.75  ? 111 VAL A C   1 
ATOM   672  O O   . VAL A 1 111 ? -5.515  -1.489  -2.768  1.00 30.27  ? 111 VAL A O   1 
ATOM   673  C CB  . VAL A 1 111 ? -3.282  0.272   -3.573  1.00 29.93  ? 111 VAL A CB  1 
ATOM   674  C CG1 . VAL A 1 111 ? -2.122  -0.546  -3.024  1.00 31.09  ? 111 VAL A CG1 1 
ATOM   675  C CG2 . VAL A 1 111 ? -2.800  1.518   -4.288  1.00 30.29  ? 111 VAL A CG2 1 
ATOM   676  N N   . ALA A 1 112 ? -4.399  -2.977  -4.090  1.00 27.00  ? 112 ALA A N   1 
ATOM   677  C CA  . ALA A 1 112 ? -4.814  -4.183  -3.336  1.00 28.83  ? 112 ALA A CA  1 
ATOM   678  C C   . ALA A 1 112 ? -3.736  -4.538  -2.308  1.00 27.48  ? 112 ALA A C   1 
ATOM   679  O O   . ALA A 1 112 ? -2.539  -4.358  -2.587  1.00 27.82  ? 112 ALA A O   1 
ATOM   680  C CB  . ALA A 1 112 ? -5.071  -5.342  -4.264  1.00 28.24  ? 112 ALA A CB  1 
ATOM   681  N N   . VAL A 1 113 ? -4.158  -4.998  -1.134  1.00 26.90  ? 113 VAL A N   1 
ATOM   682  C CA  . VAL A 1 113 ? -3.263  -5.196  0.024   1.00 26.00  ? 113 VAL A CA  1 
ATOM   683  C C   . VAL A 1 113 ? -3.517  -6.537  0.708   1.00 26.59  ? 113 VAL A C   1 
ATOM   684  O O   . VAL A 1 113 ? -4.678  -6.942  0.886   1.00 27.41  ? 113 VAL A O   1 
ATOM   685  C CB  . VAL A 1 113 ? -3.471  -4.066  1.044   1.00 32.32  ? 113 VAL A CB  1 
ATOM   686  C CG1 . VAL A 1 113 ? -2.437  -4.151  2.146   1.00 36.46  ? 113 VAL A CG1 1 
ATOM   687  C CG2 . VAL A 1 113 ? -3.439  -2.717  0.355   1.00 35.75  ? 113 VAL A CG2 1 
ATOM   688  N N   . LEU A 1 114 ? -2.424  -7.228  1.021   1.00 26.00  ? 114 LEU A N   1 
ATOM   689  C CA  . LEU A 1 114 ? -2.386  -8.372  1.948   1.00 25.53  ? 114 LEU A CA  1 
ATOM   690  C C   . LEU A 1 114 ? -1.418  -8.064  3.089   1.00 24.76  ? 114 LEU A C   1 
ATOM   691  O O   . LEU A 1 114 ? -0.547  -7.197  2.926   1.00 26.63  ? 114 LEU A O   1 
ATOM   692  C CB  . LEU A 1 114 ? -1.974  -9.640  1.179   1.00 26.74  ? 114 LEU A CB  1 
ATOM   693  C CG  . LEU A 1 114 ? -2.968  -10.093 0.114   1.00 28.21  ? 114 LEU A CG  1 
ATOM   694  C CD1 . LEU A 1 114 ? -2.329  -11.099 -0.831  1.00 32.25  ? 114 LEU A CD1 1 
ATOM   695  C CD2 . LEU A 1 114 ? -4.220  -10.680 0.730   1.00 28.15  ? 114 LEU A CD2 1 
ATOM   696  N N   . PHE A 1 115 ? -1.533  -8.830  4.171   1.00 27.62  ? 115 PHE A N   1 
ATOM   697  C CA  . PHE A 1 115 ? -0.787  -8.601  5.424   1.00 27.40  ? 115 PHE A CA  1 
ATOM   698  C C   . PHE A 1 115 ? -0.209  -9.920  5.917   1.00 26.15  ? 115 PHE A C   1 
ATOM   699  O O   . PHE A 1 115 ? -0.868  -10.976 5.757   1.00 27.06  ? 115 PHE A O   1 
ATOM   700  C CB  . PHE A 1 115 ? -1.719  -8.037  6.498   1.00 29.12  ? 115 PHE A CB  1 
ATOM   701  C CG  . PHE A 1 115 ? -2.454  -6.782  6.109   1.00 29.92  ? 115 PHE A CG  1 
ATOM   702  C CD1 . PHE A 1 115 ? -1.878  -5.543  6.314   1.00 28.36  ? 115 PHE A CD1 1 
ATOM   703  C CD2 . PHE A 1 115 ? -3.719  -6.858  5.556   1.00 31.01  ? 115 PHE A CD2 1 
ATOM   704  C CE1 . PHE A 1 115 ? -2.583  -4.394  5.998   1.00 30.25  ? 115 PHE A CE1 1 
ATOM   705  C CE2 . PHE A 1 115 ? -4.398  -5.708  5.197   1.00 35.43  ? 115 PHE A CE2 1 
ATOM   706  C CZ  . PHE A 1 115 ? -3.816  -4.481  5.426   1.00 32.25  ? 115 PHE A CZ  1 
ATOM   707  N N   . ASP A 1 116 ? 0.963   -9.843  6.541   1.00 26.53  ? 116 ASP A N   1 
ATOM   708  C CA  . ASP A 1 116 ? 1.547   -10.972 7.303   1.00 28.23  ? 116 ASP A CA  1 
ATOM   709  C C   . ASP A 1 116 ? 2.056   -10.467 8.643   1.00 26.78  ? 116 ASP A C   1 
ATOM   710  O O   . ASP A 1 116 ? 2.879   -9.552  8.659   1.00 28.22  ? 116 ASP A O   1 
ATOM   711  C CB  . ASP A 1 116 ? 2.685   -11.627 6.533   1.00 28.67  ? 116 ASP A CB  1 
ATOM   712  C CG  . ASP A 1 116 ? 2.196   -12.349 5.293   1.00 31.66  ? 116 ASP A CG  1 
ATOM   713  O OD1 . ASP A 1 116 ? 2.110   -11.679 4.245   1.00 31.62  ? 116 ASP A OD1 1 
ATOM   714  O OD2 . ASP A 1 116 ? 1.860   -13.574 5.405   1.00 33.58  ? 116 ASP A OD2 1 
ATOM   715  N N   . THR A 1 117 ? 1.628   -11.132 9.706   1.00 28.36  ? 117 THR A N   1 
ATOM   716  C CA  . THR A 1 117 ? 2.167   -10.873 11.065  1.00 27.15  ? 117 THR A CA  1 
ATOM   717  C C   . THR A 1 117 ? 1.973   -12.132 11.892  1.00 29.82  ? 117 THR A C   1 
ATOM   718  O O   . THR A 1 117 ? 0.932   -12.775 11.725  1.00 34.09  ? 117 THR A O   1 
ATOM   719  C CB  . THR A 1 117 ? 1.502   -9.650  11.705  1.00 31.63  ? 117 THR A CB  1 
ATOM   720  O OG1 . THR A 1 117 ? 2.257   -9.341  12.884  1.00 32.66  ? 117 THR A OG1 1 
ATOM   721  C CG2 . THR A 1 117 ? 0.040   -9.872  11.995  1.00 33.71  ? 117 THR A CG2 1 
ATOM   722  N N   . SER A 1 118 ? 2.817   -12.322 12.898  1.00 30.19  ? 118 SER A N   1 
ATOM   723  C CA  . SER A 1 118 ? 2.568   -13.330 13.950  1.00 30.52  ? 118 SER A CA  1 
ATOM   724  C C   . SER A 1 118 ? 2.118   -12.667 15.256  1.00 33.41  ? 118 SER A C   1 
ATOM   725  O O   . SER A 1 118 ? 1.845   -13.400 16.207  1.00 33.17  ? 118 SER A O   1 
ATOM   726  C CB  . SER A 1 118 ? 3.787   -14.153 14.176  1.00 27.66  ? 118 SER A CB  1 
ATOM   727  O OG  . SER A 1 118 ? 4.907   -13.346 14.444  1.00 31.81  ? 118 SER A OG  1 
ATOM   728  N N   . SER A 1 119 ? 1.968   -11.350 15.285  1.00 32.44  ? 119 SER A N   1 
ATOM   729  C CA  . SER A 1 119 ? 1.404   -10.675 16.487  1.00 32.62  ? 119 SER A CA  1 
ATOM   730  C C   . SER A 1 119 ? 0.052   -11.302 16.812  1.00 33.87  ? 119 SER A C   1 
ATOM   731  O O   . SER A 1 119 ? -0.811  -11.341 15.929  1.00 34.30  ? 119 SER A O   1 
ATOM   732  C CB  . SER A 1 119 ? 1.288   -9.218  16.232  1.00 33.79  ? 119 SER A CB  1 
ATOM   733  O OG  . SER A 1 119 ? 0.409   -8.613  17.170  1.00 36.22  ? 119 SER A OG  1 
ATOM   734  N N   . GLU A 1 120 ? -0.200  -11.699 18.070  1.00 34.66  ? 120 GLU A N   1 
ATOM   735  C CA  . GLU A 1 120 ? -1.525  -12.246 18.448  1.00 34.85  ? 120 GLU A CA  1 
ATOM   736  C C   . GLU A 1 120 ? -2.583  -11.140 18.349  1.00 30.21  ? 120 GLU A C   1 
ATOM   737  O O   . GLU A 1 120 ? -3.707  -11.452 17.923  1.00 36.79  ? 120 GLU A O   1 
ATOM   738  C CB  . GLU A 1 120 ? -1.499  -12.924 19.828  1.00 39.87  ? 120 GLU A CB  1 
ATOM   739  C CG  . GLU A 1 120 ? -0.872  -14.315 19.756  1.00 51.88  ? 120 GLU A CG  1 
ATOM   740  C CD  . GLU A 1 120 ? -0.654  -15.041 21.075  1.00 68.39  ? 120 GLU A CD  1 
ATOM   741  O OE1 . GLU A 1 120 ? -1.406  -14.775 22.036  1.00 72.77  ? 120 GLU A OE1 1 
ATOM   742  O OE2 . GLU A 1 120 ? 0.263   -15.884 21.130  1.00 77.45  ? 120 GLU A OE2 1 
ATOM   743  N N   . LYS A 1 121 ? -2.234  -9.900  18.683  1.00 35.24  ? 121 LYS A N   1 
ATOM   744  C CA  . LYS A 1 121 ? -3.218  -8.790  18.651  1.00 36.10  ? 121 LYS A CA  1 
ATOM   745  C C   . LYS A 1 121 ? -3.657  -8.512  17.208  1.00 35.37  ? 121 LYS A C   1 
ATOM   746  O O   . LYS A 1 121 ? -4.874  -8.284  16.990  1.00 38.64  ? 121 LYS A O   1 
ATOM   747  C CB  . LYS A 1 121 ? -2.637  -7.521  19.272  1.00 37.98  ? 121 LYS A CB  1 
ATOM   748  C CG  . LYS A 1 121 ? -3.595  -6.346  19.245  1.00 41.70  ? 121 LYS A CG  1 
ATOM   749  C CD  . LYS A 1 121 ? -3.076  -5.155  19.999  1.00 42.39  ? 121 LYS A CD  1 
ATOM   750  C CE  . LYS A 1 121 ? -4.017  -3.981  19.857  1.00 46.64  ? 121 LYS A CE  1 
ATOM   751  N NZ  . LYS A 1 121 ? -3.372  -2.760  20.381  1.00 50.45  ? 121 LYS A NZ  1 
ATOM   752  N N   . TYR A 1 122 ? -2.745  -8.666  16.249  1.00 34.64  ? 122 TYR A N   1 
ATOM   753  C CA  . TYR A 1 122 ? -2.979  -8.232  14.842  1.00 33.59  ? 122 TYR A CA  1 
ATOM   754  C C   . TYR A 1 122 ? -3.072  -9.431  13.880  1.00 35.32  ? 122 TYR A C   1 
ATOM   755  O O   . TYR A 1 122 ? -3.294  -9.211  12.679  1.00 33.71  ? 122 TYR A O   1 
ATOM   756  C CB  . TYR A 1 122 ? -1.916  -7.213  14.447  1.00 35.48  ? 122 TYR A CB  1 
ATOM   757  C CG  . TYR A 1 122 ? -1.905  -5.973  15.304  1.00 36.36  ? 122 TYR A CG  1 
ATOM   758  C CD1 . TYR A 1 122 ? -2.952  -5.066  15.263  1.00 40.97  ? 122 TYR A CD1 1 
ATOM   759  C CD2 . TYR A 1 122 ? -0.886  -5.756  16.210  1.00 37.96  ? 122 TYR A CD2 1 
ATOM   760  C CE1 . TYR A 1 122 ? -2.943  -3.923  16.055  1.00 40.99  ? 122 TYR A CE1 1 
ATOM   761  C CE2 . TYR A 1 122 ? -0.847  -4.598  16.980  1.00 36.69  ? 122 TYR A CE2 1 
ATOM   762  C CZ  . TYR A 1 122 ? -1.888  -3.694  16.914  1.00 40.66  ? 122 TYR A CZ  1 
ATOM   763  O OH  . TYR A 1 122 ? -1.839  -2.548  17.678  1.00 43.60  ? 122 TYR A OH  1 
ATOM   764  N N   . ASN A 1 123 ? -3.119  -10.656 14.404  1.00 35.19  ? 123 ASN A N   1 
ATOM   765  C CA  . ASN A 1 123 ? -3.133  -11.934 13.632  1.00 37.45  ? 123 ASN A CA  1 
ATOM   766  C C   . ASN A 1 123 ? -4.304  -11.944 12.646  1.00 36.22  ? 123 ASN A C   1 
ATOM   767  O O   . ASN A 1 123 ? -4.226  -12.607 11.584  1.00 32.07  ? 123 ASN A O   1 
ATOM   768  C CB  . ASN A 1 123 ? -3.224  -13.146 14.588  1.00 40.09  ? 123 ASN A CB  1 
ATOM   769  C CG  . ASN A 1 123 ? -1.917  -13.907 14.637  1.00 58.39  ? 123 ASN A CG  1 
ATOM   770  O OD1 . ASN A 1 123 ? -1.049  -13.716 13.787  1.00 56.36  ? 123 ASN A OD1 1 
ATOM   771  N ND2 . ASN A 1 123 ? -1.745  -14.739 15.648  1.00 57.55  ? 123 ASN A ND2 1 
ATOM   772  N N   . TRP A 1 124 ? -5.407  -11.309 13.006  1.00 33.67  ? 124 TRP A N   1 
ATOM   773  C CA  . TRP A 1 124 ? -6.645  -11.281 12.193  1.00 33.00  ? 124 TRP A CA  1 
ATOM   774  C C   . TRP A 1 124 ? -6.326  -10.683 10.814  1.00 32.26  ? 124 TRP A C   1 
ATOM   775  O O   . TRP A 1 124 ? -6.981  -11.087 9.852   1.00 32.19  ? 124 TRP A O   1 
ATOM   776  C CB  . TRP A 1 124 ? -7.745  -10.511 12.934  1.00 35.97  ? 124 TRP A CB  1 
ATOM   777  C CG  . TRP A 1 124 ? -7.388  -9.104  13.298  1.00 37.48  ? 124 TRP A CG  1 
ATOM   778  C CD1 . TRP A 1 124 ? -6.732  -8.641  14.406  1.00 39.81  ? 124 TRP A CD1 1 
ATOM   779  C CD2 . TRP A 1 124 ? -7.790  -7.938  12.559  1.00 37.29  ? 124 TRP A CD2 1 
ATOM   780  N NE1 . TRP A 1 124 ? -6.660  -7.267  14.378  1.00 39.10  ? 124 TRP A NE1 1 
ATOM   781  C CE2 . TRP A 1 124 ? -7.309  -6.812  13.259  1.00 39.45  ? 124 TRP A CE2 1 
ATOM   782  C CE3 . TRP A 1 124 ? -8.488  -7.758  11.361  1.00 40.87  ? 124 TRP A CE3 1 
ATOM   783  C CZ2 . TRP A 1 124 ? -7.513  -5.516  12.798  1.00 44.05  ? 124 TRP A CZ2 1 
ATOM   784  C CZ3 . TRP A 1 124 ? -8.703  -6.476  10.915  1.00 40.10  ? 124 TRP A CZ3 1 
ATOM   785  C CH2 . TRP A 1 124 ? -8.214  -5.374  11.621  1.00 44.89  ? 124 TRP A CH2 1 
ATOM   786  N N   . LEU A 1 125 ? -5.290  -9.853  10.699  1.00 30.59  ? 125 LEU A N   1 
ATOM   787  C CA  . LEU A 1 125 ? -4.923  -9.221  9.396   1.00 28.10  ? 125 LEU A CA  1 
ATOM   788  C C   . LEU A 1 125 ? -4.430  -10.287 8.418   1.00 31.45  ? 125 LEU A C   1 
ATOM   789  O O   . LEU A 1 125 ? -4.520  -10.057 7.204   1.00 28.72  ? 125 LEU A O   1 
ATOM   790  C CB  . LEU A 1 125 ? -3.850  -8.154  9.579   1.00 28.79  ? 125 LEU A CB  1 
ATOM   791  C CG  . LEU A 1 125 ? -4.303  -6.871  10.282  1.00 30.64  ? 125 LEU A CG  1 
ATOM   792  C CD1 . LEU A 1 125 ? -3.102  -5.979  10.538  1.00 32.45  ? 125 LEU A CD1 1 
ATOM   793  C CD2 . LEU A 1 125 ? -5.361  -6.150  9.462   1.00 34.89  ? 125 LEU A CD2 1 
ATOM   794  N N   . ASN A 1 126 ? -3.910  -11.416 8.903   1.00 29.38  ? 126 ASN A N   1 
ATOM   795  C CA  . ASN A 1 126 ? -3.458  -12.497 7.984   1.00 29.49  ? 126 ASN A CA  1 
ATOM   796  C C   . ASN A 1 126 ? -4.615  -13.025 7.127   1.00 30.13  ? 126 ASN A C   1 
ATOM   797  O O   . ASN A 1 126 ? -4.325  -13.605 6.038   1.00 31.93  ? 126 ASN A O   1 
ATOM   798  C CB  . ASN A 1 126 ? -2.833  -13.657 8.738   1.00 28.80  ? 126 ASN A CB  1 
ATOM   799  C CG  . ASN A 1 126 ? -1.561  -13.283 9.443   1.00 31.83  ? 126 ASN A CG  1 
ATOM   800  O OD1 . ASN A 1 126 ? -0.754  -12.541 8.925   1.00 34.85  ? 126 ASN A OD1 1 
ATOM   801  N ND2 . ASN A 1 126 ? -1.410  -13.736 10.683  1.00 36.84  ? 126 ASN A ND2 1 
ATOM   802  N N   . ASN A 1 127 ? -5.869  -12.797 7.536   1.00 30.47  ? 127 ASN A N   1 
ATOM   803  C CA  . ASN A 1 127 ? -7.072  -13.275 6.828   1.00 30.03  ? 127 ASN A CA  1 
ATOM   804  C C   . ASN A 1 127 ? -7.748  -12.136 6.054   1.00 29.79  ? 127 ASN A C   1 
ATOM   805  O O   . ASN A 1 127 ? -8.852  -12.384 5.526   1.00 32.17  ? 127 ASN A O   1 
ATOM   806  C CB  . ASN A 1 127 ? -8.069  -13.920 7.787   1.00 33.49  ? 127 ASN A CB  1 
ATOM   807  C CG  . ASN A 1 127 ? -7.538  -15.210 8.359   1.00 45.60  ? 127 ASN A CG  1 
ATOM   808  O OD1 . ASN A 1 127 ? -7.005  -16.029 7.616   1.00 40.73  ? 127 ASN A OD1 1 
ATOM   809  N ND2 . ASN A 1 127 ? -7.530  -15.312 9.683   1.00 50.28  ? 127 ASN A ND2 1 
ATOM   810  N N   . VAL A 1 128 ? -7.124  -10.962 5.967   1.00 29.25  ? 128 VAL A N   1 
ATOM   811  C CA  . VAL A 1 128 ? -7.764  -9.747  5.387   1.00 28.69  ? 128 VAL A CA  1 
ATOM   812  C C   . VAL A 1 128 ? -7.232  -9.478  3.973   1.00 29.34  ? 128 VAL A C   1 
ATOM   813  O O   . VAL A 1 128 ? -6.008  -9.440  3.778   1.00 29.27  ? 128 VAL A O   1 
ATOM   814  C CB  . VAL A 1 128 ? -7.561  -8.532  6.292   1.00 30.13  ? 128 VAL A CB  1 
ATOM   815  C CG1 . VAL A 1 128 ? -8.019  -7.242  5.618   1.00 31.62  ? 128 VAL A CG1 1 
ATOM   816  C CG2 . VAL A 1 128 ? -8.294  -8.757  7.603   1.00 32.80  ? 128 VAL A CG2 1 
ATOM   817  N N   . THR A 1 129 ? -8.158  -9.215  3.052   1.00 29.04  ? 129 THR A N   1 
ATOM   818  C CA  . THR A 1 129 ? -7.881  -8.479  1.796   1.00 26.98  ? 129 THR A CA  1 
ATOM   819  C C   . THR A 1 129 ? -8.328  -7.036  1.988   1.00 26.91  ? 129 THR A C   1 
ATOM   820  O O   . THR A 1 129 ? -9.521  -6.817  2.329   1.00 29.16  ? 129 THR A O   1 
ATOM   821  C CB  . THR A 1 129 ? -8.625  -9.093  0.618   1.00 27.51  ? 129 THR A CB  1 
ATOM   822  O OG1 . THR A 1 129 ? -9.997  -9.212  1.017   1.00 28.73  ? 129 THR A OG1 1 
ATOM   823  C CG2 . THR A 1 129 ? -8.072  -10.441 0.218   1.00 28.82  ? 129 THR A CG2 1 
ATOM   824  N N   . ALA A 1 130 ? -7.418  -6.098  1.792   1.00 27.98  ? 130 ALA A N   1 
ATOM   825  C CA  . ALA A 1 130 ? -7.757  -4.674  1.838   1.00 26.39  ? 130 ALA A CA  1 
ATOM   826  C C   . ALA A 1 130 ? -7.532  -4.035  0.470   1.00 28.68  ? 130 ALA A C   1 
ATOM   827  O O   . ALA A 1 130 ? -6.936  -4.641  -0.477  1.00 28.36  ? 130 ALA A O   1 
ATOM   828  C CB  . ALA A 1 130 ? -7.015  -3.978  2.943   1.00 28.00  ? 130 ALA A CB  1 
ATOM   829  N N   . TRP A 1 131 ? -8.011  -2.813  0.370   1.00 28.51  ? 131 TRP A N   1 
ATOM   830  C CA  . TRP A 1 131 ? -8.008  -2.057  -0.895  1.00 27.28  ? 131 TRP A CA  1 
ATOM   831  C C   . TRP A 1 131 ? -7.946  -0.587  -0.536  1.00 26.73  ? 131 TRP A C   1 
ATOM   832  O O   . TRP A 1 131 ? -8.638  -0.177  0.414   1.00 29.18  ? 131 TRP A O   1 
ATOM   833  C CB  . TRP A 1 131 ? -9.266  -2.385  -1.697  1.00 28.93  ? 131 TRP A CB  1 
ATOM   834  C CG  . TRP A 1 131 ? -9.335  -1.712  -3.026  1.00 28.53  ? 131 TRP A CG  1 
ATOM   835  C CD1 . TRP A 1 131 ? -9.058  -2.286  -4.228  1.00 29.08  ? 131 TRP A CD1 1 
ATOM   836  C CD2 . TRP A 1 131 ? -9.671  -0.340  -3.304  1.00 29.99  ? 131 TRP A CD2 1 
ATOM   837  N NE1 . TRP A 1 131 ? -9.214  -1.385  -5.240  1.00 29.53  ? 131 TRP A NE1 1 
ATOM   838  C CE2 . TRP A 1 131 ? -9.650  -0.196  -4.712  1.00 29.29  ? 131 TRP A CE2 1 
ATOM   839  C CE3 . TRP A 1 131 ? -10.120 0.736   -2.525  1.00 30.87  ? 131 TRP A CE3 1 
ATOM   840  C CZ2 . TRP A 1 131 ? -9.965  1.000   -5.352  1.00 28.65  ? 131 TRP A CZ2 1 
ATOM   841  C CZ3 . TRP A 1 131 ? -10.481 1.895   -3.165  1.00 29.67  ? 131 TRP A CZ3 1 
ATOM   842  C CH2 . TRP A 1 131 ? -10.364 2.041   -4.547  1.00 28.56  ? 131 TRP A CH2 1 
ATOM   843  N N   . GLY A 1 132 ? -7.109  0.153   -1.231  1.00 28.44  ? 132 GLY A N   1 
ATOM   844  C CA  . GLY A 1 132 ? -6.951  1.587   -0.948  1.00 28.74  ? 132 GLY A CA  1 
ATOM   845  C C   . GLY A 1 132 ? -6.735  2.403   -2.189  1.00 29.54  ? 132 GLY A C   1 
ATOM   846  O O   . GLY A 1 132 ? -6.376  1.884   -3.267  1.00 28.77  ? 132 GLY A O   1 
ATOM   847  N N   . THR A 1 133 ? -6.882  3.709   -2.013  1.00 28.30  ? 133 THR A N   1 
ATOM   848  C CA  . THR A 1 133 ? -6.684  4.705   -3.076  1.00 30.11  ? 133 THR A CA  1 
ATOM   849  C C   . THR A 1 133 ? -6.479  6.044   -2.376  1.00 30.52  ? 133 THR A C   1 
ATOM   850  O O   . THR A 1 133 ? -6.975  6.232   -1.266  1.00 31.64  ? 133 THR A O   1 
ATOM   851  C CB  . THR A 1 133 ? -7.846  4.675   -4.082  1.00 30.21  ? 133 THR A CB  1 
ATOM   852  O OG1 . THR A 1 133 ? -7.385  5.318   -5.274  1.00 30.53  ? 133 THR A OG1 1 
ATOM   853  C CG2 . THR A 1 133 ? -9.098  5.358   -3.567  1.00 33.52  ? 133 THR A CG2 1 
ATOM   854  N N   . PRO A 1 134 ? -5.753  6.998   -2.998  1.00 32.06  ? 134 PRO A N   1 
ATOM   855  C CA  . PRO A 1 134 ? -5.634  8.333   -2.412  1.00 30.02  ? 134 PRO A CA  1 
ATOM   856  C C   . PRO A 1 134 ? -7.000  8.991   -2.529  1.00 29.76  ? 134 PRO A C   1 
ATOM   857  O O   . PRO A 1 134 ? -7.575  9.056   -3.629  1.00 31.38  ? 134 PRO A O   1 
ATOM   858  C CB  . PRO A 1 134 ? -4.596  9.029   -3.288  1.00 31.73  ? 134 PRO A CB  1 
ATOM   859  C CG  . PRO A 1 134 ? -3.891  7.900   -4.035  1.00 31.07  ? 134 PRO A CG  1 
ATOM   860  C CD  . PRO A 1 134 ? -4.964  6.855   -4.224  1.00 30.18  ? 134 PRO A CD  1 
ATOM   861  N N   . PRO A 1 135 ? -7.565  9.529   -1.423  1.00 30.45  ? 135 PRO A N   1 
ATOM   862  C CA  . PRO A 1 135 ? -8.836  10.235  -1.530  1.00 33.02  ? 135 PRO A CA  1 
ATOM   863  C C   . PRO A 1 135 ? -8.692  11.476  -2.409  1.00 33.53  ? 135 PRO A C   1 
ATOM   864  O O   . PRO A 1 135 ? -9.683  11.925  -2.988  1.00 35.80  ? 135 PRO A O   1 
ATOM   865  C CB  . PRO A 1 135 ? -9.193  10.617  -0.088  1.00 35.84  ? 135 PRO A CB  1 
ATOM   866  C CG  . PRO A 1 135 ? -7.883  10.509  0.652   1.00 32.22  ? 135 PRO A CG  1 
ATOM   867  C CD  . PRO A 1 135 ? -7.135  9.366   -0.027  1.00 28.95  ? 135 PRO A CD  1 
ATOM   868  N N   . ASN A 1 136 ? -7.495  12.056  -2.402  1.00 30.95  ? 136 ASN A N   1 
ATOM   869  C CA  . ASN A 1 136 ? -7.147  13.245  -3.215  1.00 32.25  ? 136 ASN A CA  1 
ATOM   870  C C   . ASN A 1 136 ? -6.023  12.875  -4.178  1.00 32.20  ? 136 ASN A C   1 
ATOM   871  O O   . ASN A 1 136 ? -4.873  12.687  -3.728  1.00 30.90  ? 136 ASN A O   1 
ATOM   872  C CB  . ASN A 1 136 ? -6.740  14.407  -2.314  1.00 33.03  ? 136 ASN A CB  1 
ATOM   873  C CG  . ASN A 1 136 ? -6.390  15.654  -3.085  1.00 32.69  ? 136 ASN A CG  1 
ATOM   874  O OD1 . ASN A 1 136 ? -6.221  15.639  -4.298  1.00 31.96  ? 136 ASN A OD1 1 
ATOM   875  N ND2 . ASN A 1 136 ? -6.251  16.751  -2.368  1.00 37.36  ? 136 ASN A ND2 1 
ATOM   876  N N   . LEU A 1 137 ? -6.334  12.749  -5.467  1.00 32.12  ? 137 LEU A N   1 
ATOM   877  C CA  . LEU A 1 137 ? -5.357  12.273  -6.464  1.00 29.04  ? 137 LEU A CA  1 
ATOM   878  C C   . LEU A 1 137 ? -4.269  13.304  -6.735  1.00 30.39  ? 137 LEU A C   1 
ATOM   879  O O   . LEU A 1 137 ? -3.337  13.001  -7.468  1.00 34.51  ? 137 LEU A O   1 
ATOM   880  C CB  . LEU A 1 137 ? -6.077  11.812  -7.728  1.00 31.45  ? 137 LEU A CB  1 
ATOM   881  C CG  . LEU A 1 137 ? -6.905  10.548  -7.526  1.00 33.30  ? 137 LEU A CG  1 
ATOM   882  C CD1 . LEU A 1 137 ? -7.791  10.270  -8.730  1.00 36.01  ? 137 LEU A CD1 1 
ATOM   883  C CD2 . LEU A 1 137 ? -6.003  9.349   -7.240  1.00 35.38  ? 137 LEU A CD2 1 
ATOM   884  N N   . ASN A 1 138 ? -4.366  14.508  -6.154  1.00 30.82  ? 138 ASN A N   1 
ATOM   885  C CA  . ASN A 1 138 ? -3.252  15.473  -6.147  1.00 29.29  ? 138 ASN A CA  1 
ATOM   886  C C   . ASN A 1 138 ? -2.240  15.122  -5.041  1.00 33.07  ? 138 ASN A C   1 
ATOM   887  O O   . ASN A 1 138 ? -1.172  15.723  -5.041  1.00 36.69  ? 138 ASN A O   1 
ATOM   888  C CB  . ASN A 1 138 ? -3.773  16.902  -5.983  1.00 32.16  ? 138 ASN A CB  1 
ATOM   889  C CG  . ASN A 1 138 ? -4.550  17.378  -7.186  1.00 29.56  ? 138 ASN A CG  1 
ATOM   890  O OD1 . ASN A 1 138 ? -4.130  17.170  -8.306  1.00 33.39  ? 138 ASN A OD1 1 
ATOM   891  N ND2 . ASN A 1 138 ? -5.613  18.129  -6.929  1.00 29.40  ? 138 ASN A ND2 1 
ATOM   892  N N   . GLU A 1 139 ? -2.600  14.249  -4.103  1.00 32.01  ? 139 GLU A N   1 
ATOM   893  C CA  . GLU A 1 139 ? -1.751  13.893  -2.932  1.00 32.70  ? 139 GLU A CA  1 
ATOM   894  C C   . GLU A 1 139 ? -1.605  12.367  -2.897  1.00 31.54  ? 139 GLU A C   1 
ATOM   895  O O   . GLU A 1 139 ? -2.346  11.721  -2.154  1.00 31.62  ? 139 GLU A O   1 
ATOM   896  C CB  . GLU A 1 139 ? -2.367  14.449  -1.657  1.00 34.50  ? 139 GLU A CB  1 
ATOM   897  C CG  . GLU A 1 139 ? -2.415  15.974  -1.663  1.00 37.18  ? 139 GLU A CG  1 
ATOM   898  C CD  . GLU A 1 139 ? -3.118  16.631  -0.488  1.00 51.67  ? 139 GLU A CD  1 
ATOM   899  O OE1 . GLU A 1 139 ? -3.510  15.917  0.460   1.00 45.64  ? 139 GLU A OE1 1 
ATOM   900  O OE2 . GLU A 1 139 ? -3.303  17.864  -0.542  1.00 50.45  ? 139 GLU A OE2 1 
ATOM   901  N N   . ILE A 1 140 ? -0.789  11.841  -3.803  1.00 32.07  ? 140 ILE A N   1 
ATOM   902  C CA  . ILE A 1 140 ? -0.783  10.384  -4.112  1.00 35.00  ? 140 ILE A CA  1 
ATOM   903  C C   . ILE A 1 140 ? -0.171  9.611   -2.948  1.00 35.69  ? 140 ILE A C   1 
ATOM   904  O O   . ILE A 1 140 ? -0.296  8.367   -2.974  1.00 37.20  ? 140 ILE A O   1 
ATOM   905  C CB  . ILE A 1 140 ? -0.058  10.091  -5.435  1.00 35.80  ? 140 ILE A CB  1 
ATOM   906  C CG1 . ILE A 1 140 ? 1.421   10.483  -5.408  1.00 39.76  ? 140 ILE A CG1 1 
ATOM   907  C CG2 . ILE A 1 140 ? -0.797  10.752  -6.583  1.00 40.09  ? 140 ILE A CG2 1 
ATOM   908  C CD1 . ILE A 1 140 ? 2.187   10.087  -6.665  1.00 46.02  ? 140 ILE A CD1 1 
ATOM   909  N N   . ASN A 1 141 ? 0.490   10.278  -1.999  1.00 35.29  ? 141 ASN A N   1 
ATOM   910  C CA  . ASN A 1 141 ? 1.197   9.554   -0.912  1.00 35.54  ? 141 ASN A CA  1 
ATOM   911  C C   . ASN A 1 141 ? 0.315   9.425   0.326   1.00 34.22  ? 141 ASN A C   1 
ATOM   912  O O   . ASN A 1 141 ? 0.716   8.676   1.247   1.00 35.62  ? 141 ASN A O   1 
ATOM   913  C CB  . ASN A 1 141 ? 2.557   10.181  -0.631  1.00 40.06  ? 141 ASN A CB  1 
ATOM   914  C CG  . ASN A 1 141 ? 3.538   9.896   -1.746  1.00 42.14  ? 141 ASN A CG  1 
ATOM   915  O OD1 . ASN A 1 141 ? 4.556   10.571  -1.861  1.00 57.26  ? 141 ASN A OD1 1 
ATOM   916  N ND2 . ASN A 1 141 ? 3.257   8.891   -2.557  1.00 42.71  ? 141 ASN A ND2 1 
ATOM   917  N N   . PHE A 1 142 ? -0.921  9.933   0.293   1.00 31.76  ? 142 PHE A N   1 
ATOM   918  C CA  . PHE A 1 142 ? -1.904  9.706   1.371   1.00 31.84  ? 142 PHE A CA  1 
ATOM   919  C C   . PHE A 1 142 ? -3.036  8.814   0.862   1.00 33.63  ? 142 PHE A C   1 
ATOM   920  O O   . PHE A 1 142 ? -3.792  9.231   -0.040  1.00 32.62  ? 142 PHE A O   1 
ATOM   921  C CB  . PHE A 1 142 ? -2.483  11.013  1.926   1.00 33.88  ? 142 PHE A CB  1 
ATOM   922  C CG  . PHE A 1 142 ? -3.447  10.785  3.056   1.00 33.47  ? 142 PHE A CG  1 
ATOM   923  C CD1 . PHE A 1 142 ? -2.982  10.413  4.310   1.00 37.54  ? 142 PHE A CD1 1 
ATOM   924  C CD2 . PHE A 1 142 ? -4.820  10.803  2.851   1.00 36.25  ? 142 PHE A CD2 1 
ATOM   925  C CE1 . PHE A 1 142 ? -3.869  10.122  5.337   1.00 38.90  ? 142 PHE A CE1 1 
ATOM   926  C CE2 . PHE A 1 142 ? -5.701  10.519  3.884   1.00 35.22  ? 142 PHE A CE2 1 
ATOM   927  C CZ  . PHE A 1 142 ? -5.224  10.184  5.127   1.00 35.42  ? 142 PHE A CZ  1 
ATOM   928  N N   . LEU A 1 143 ? -3.105  7.591   1.385   1.00 31.62  ? 143 LEU A N   1 
ATOM   929  C CA  . LEU A 1 143 ? -4.113  6.590   0.954   1.00 33.96  ? 143 LEU A CA  1 
ATOM   930  C C   . LEU A 1 143 ? -4.987  6.184   2.122   1.00 31.91  ? 143 LEU A C   1 
ATOM   931  O O   . LEU A 1 143 ? -4.502  6.111   3.276   1.00 33.31  ? 143 LEU A O   1 
ATOM   932  C CB  . LEU A 1 143 ? -3.418  5.372   0.353   1.00 31.48  ? 143 LEU A CB  1 
ATOM   933  C CG  . LEU A 1 143 ? -2.570  5.640   -0.885  1.00 37.18  ? 143 LEU A CG  1 
ATOM   934  C CD1 . LEU A 1 143 ? -1.126  5.900   -0.473  1.00 40.42  ? 143 LEU A CD1 1 
ATOM   935  C CD2 . LEU A 1 143 ? -2.672  4.465   -1.840  1.00 38.65  ? 143 LEU A CD2 1 
ATOM   936  N N   . GLU A 1 144 ? -6.247  5.896   1.808   1.00 29.38  ? 144 GLU A N   1 
ATOM   937  C CA  . GLU A 1 144 ? -7.227  5.328   2.741   1.00 29.41  ? 144 GLU A CA  1 
ATOM   938  C C   . GLU A 1 144 ? -7.528  3.907   2.285   1.00 31.79  ? 144 GLU A C   1 
ATOM   939  O O   . GLU A 1 144 ? -7.782  3.715   1.077   1.00 30.75  ? 144 GLU A O   1 
ATOM   940  C CB  . GLU A 1 144 ? -8.486  6.191   2.783   1.00 33.01  ? 144 GLU A CB  1 
ATOM   941  C CG  . GLU A 1 144 ? -8.240  7.509   3.500   1.00 34.69  ? 144 GLU A CG  1 
ATOM   942  C CD  . GLU A 1 144 ? -9.375  8.517   3.344   1.00 37.77  ? 144 GLU A CD  1 
ATOM   943  O OE1 . GLU A 1 144 ? -10.191 8.360   2.422   1.00 38.67  ? 144 GLU A OE1 1 
ATOM   944  O OE2 . GLU A 1 144 ? -9.426  9.448   4.156   1.00 44.41  ? 144 GLU A OE2 1 
ATOM   945  N N   . TYR A 1 145 ? -7.441  2.971   3.221   1.00 29.27  ? 145 TYR A N   1 
ATOM   946  C CA  . TYR A 1 145 ? -7.623  1.531   2.946   1.00 30.73  ? 145 TYR A CA  1 
ATOM   947  C C   . TYR A 1 145 ? -8.849  0.987   3.657   1.00 31.38  ? 145 TYR A C   1 
ATOM   948  O O   . TYR A 1 145 ? -9.121  1.337   4.821   1.00 31.98  ? 145 TYR A O   1 
ATOM   949  C CB  . TYR A 1 145 ? -6.381  0.741   3.338   1.00 29.91  ? 145 TYR A CB  1 
ATOM   950  C CG  . TYR A 1 145 ? -5.110  1.134   2.637   1.00 29.47  ? 145 TYR A CG  1 
ATOM   951  C CD1 . TYR A 1 145 ? -4.319  2.144   3.133   1.00 29.53  ? 145 TYR A CD1 1 
ATOM   952  C CD2 . TYR A 1 145 ? -4.638  0.433   1.537   1.00 29.90  ? 145 TYR A CD2 1 
ATOM   953  C CE1 . TYR A 1 145 ? -3.115  2.489   2.562   1.00 32.81  ? 145 TYR A CE1 1 
ATOM   954  C CE2 . TYR A 1 145 ? -3.428  0.761   0.956   1.00 31.24  ? 145 TYR A CE2 1 
ATOM   955  C CZ  . TYR A 1 145 ? -2.637  1.753   1.500   1.00 33.88  ? 145 TYR A CZ  1 
ATOM   956  O OH  . TYR A 1 145 ? -1.417  2.034   0.962   1.00 37.81  ? 145 TYR A OH  1 
ATOM   957  N N   . TRP A 1 146 ? -9.503  0.040   2.984   1.00 30.53  ? 146 TRP A N   1 
ATOM   958  C CA  . TRP A 1 146 ? -10.767 -0.613  3.381   1.00 30.74  ? 146 TRP A CA  1 
ATOM   959  C C   . TRP A 1 146 ? -10.582 -2.126  3.432   1.00 30.07  ? 146 TRP A C   1 
ATOM   960  O O   . TRP A 1 146 ? -9.923  -2.667  2.528   1.00 31.18  ? 146 TRP A O   1 
ATOM   961  C CB  . TRP A 1 146 ? -11.845 -0.245  2.376   1.00 31.82  ? 146 TRP A CB  1 
ATOM   962  C CG  . TRP A 1 146 ? -12.107 1.228   2.344   1.00 31.52  ? 146 TRP A CG  1 
ATOM   963  C CD1 . TRP A 1 146 ? -11.382 2.200   1.717   1.00 34.05  ? 146 TRP A CD1 1 
ATOM   964  C CD2 . TRP A 1 146 ? -13.122 1.892   3.097   1.00 37.64  ? 146 TRP A CD2 1 
ATOM   965  N NE1 . TRP A 1 146 ? -11.918 3.431   1.993   1.00 40.79  ? 146 TRP A NE1 1 
ATOM   966  C CE2 . TRP A 1 146 ? -12.962 3.271   2.865   1.00 38.50  ? 146 TRP A CE2 1 
ATOM   967  C CE3 . TRP A 1 146 ? -14.161 1.440   3.910   1.00 38.12  ? 146 TRP A CE3 1 
ATOM   968  C CZ2 . TRP A 1 146 ? -13.843 4.202   3.409   1.00 43.70  ? 146 TRP A CZ2 1 
ATOM   969  C CZ3 . TRP A 1 146 ? -15.030 2.362   4.445   1.00 40.80  ? 146 TRP A CZ3 1 
ATOM   970  C CH2 . TRP A 1 146 ? -14.866 3.723   4.193   1.00 41.89  ? 146 TRP A CH2 1 
ATOM   971  N N   . GLN A 1 147 ? -11.084 -2.769  4.487   1.00 29.56  ? 147 GLN A N   1 
ATOM   972  C CA  . GLN A 1 147 ? -11.229 -4.241  4.557   1.00 32.27  ? 147 GLN A CA  1 
ATOM   973  C C   . GLN A 1 147 ? -12.411 -4.616  3.666   1.00 32.65  ? 147 GLN A C   1 
ATOM   974  O O   . GLN A 1 147 ? -13.515 -4.081  3.866   1.00 33.26  ? 147 GLN A O   1 
ATOM   975  C CB  . GLN A 1 147 ? -11.401 -4.670  6.014   1.00 33.63  ? 147 GLN A CB  1 
ATOM   976  C CG  . GLN A 1 147 ? -11.722 -6.139  6.205   1.00 35.84  ? 147 GLN A CG  1 
ATOM   977  C CD  . GLN A 1 147 ? -11.714 -6.481  7.678   1.00 38.00  ? 147 GLN A CD  1 
ATOM   978  O OE1 . GLN A 1 147 ? -11.431 -5.645  8.526   1.00 45.31  ? 147 GLN A OE1 1 
ATOM   979  N NE2 . GLN A 1 147 ? -11.823 -7.760  7.972   1.00 47.12  ? 147 GLN A NE2 1 
ATOM   980  N N   . ILE A 1 148 ? -12.186 -5.520  2.721   1.00 28.82  ? 148 ILE A N   1 
ATOM   981  C CA  . ILE A 1 148 ? -13.235 -6.068  1.827   1.00 29.48  ? 148 ILE A CA  1 
ATOM   982  C C   . ILE A 1 148 ? -13.523 -7.511  2.238   1.00 30.65  ? 148 ILE A C   1 
ATOM   983  O O   . ILE A 1 148 ? -12.568 -8.317  2.253   1.00 30.32  ? 148 ILE A O   1 
ATOM   984  C CB  . ILE A 1 148 ? -12.814 -5.987  0.353   1.00 31.68  ? 148 ILE A CB  1 
ATOM   985  C CG1 . ILE A 1 148 ? -12.236 -4.617  -0.005  1.00 36.54  ? 148 ILE A CG1 1 
ATOM   986  C CG2 . ILE A 1 148 ? -14.012 -6.359  -0.518  1.00 33.26  ? 148 ILE A CG2 1 
ATOM   987  C CD1 . ILE A 1 148 ? -11.990 -4.445  -1.482  1.00 47.44  ? 148 ILE A CD1 1 
ATOM   988  N N   . GLU A 1 149 ? -14.767 -7.804  2.631   1.00 31.40  ? 149 GLU A N   1 
ATOM   989  C CA  . GLU A 1 149 ? -15.205 -9.193  2.910   1.00 33.16  ? 149 GLU A CA  1 
ATOM   990  C C   . GLU A 1 149 ? -16.728 -9.296  2.923   1.00 47.72  ? 149 GLU A C   1 
ATOM   991  O O   . GLU A 1 149 ? -17.453 -8.331  2.898   1.00 57.99  ? 149 GLU A O   1 
ATOM   992  C CB  . GLU A 1 149 ? -14.648 -9.780  4.200   1.00 41.06  ? 149 GLU A CB  1 
ATOM   993  C CG  . GLU A 1 149 ? -14.425 -8.820  5.328   1.00 48.03  ? 149 GLU A CG  1 
ATOM   994  C CD  . GLU A 1 149 ? -13.758 -9.558  6.477   1.00 64.68  ? 149 GLU A CD  1 
ATOM   995  O OE1 . GLU A 1 149 ? -12.502 -9.787  6.401   1.00 46.18  ? 149 GLU A OE1 1 
ATOM   996  O OE2 . GLU A 1 149 ? -14.506 -10.045 7.350   1.00 59.04  ? 149 GLU A OE2 1 
ATOM   997  O OXT . GLU A 1 149 ? -17.190 -10.425 2.966   1.00 52.49  ? 149 GLU A OXT 1 
HETATM 998  C C   . ACT B 2 .   ? 1.774   3.060   -2.170  1.00 55.55  ? 201 ACT A C   1 
HETATM 999  O O   . ACT B 2 .   ? 0.623   2.579   -1.978  1.00 46.61  ? 201 ACT A O   1 
HETATM 1000 O OXT . ACT B 2 .   ? 1.988   4.204   -2.639  1.00 49.91  ? 201 ACT A OXT 1 
HETATM 1001 C CH3 . ACT B 2 .   ? 2.997   2.212   -1.799  1.00 55.11  ? 201 ACT A CH3 1 
HETATM 1002 C C   . ACT C 2 .   ? 12.541  -4.426  15.403  1.00 57.26  ? 202 ACT A C   1 
HETATM 1003 O O   . ACT C 2 .   ? 11.632  -5.296  15.340  1.00 45.02  ? 202 ACT A O   1 
HETATM 1004 O OXT . ACT C 2 .   ? 12.377  -3.284  15.903  1.00 54.00  ? 202 ACT A OXT 1 
HETATM 1005 C CH3 . ACT C 2 .   ? 13.932  -4.773  14.831  1.00 55.41  ? 202 ACT A CH3 1 
HETATM 1006 C C   . ACT D 2 .   ? 5.440   -9.311  15.802  1.00 51.94  ? 203 ACT A C   1 
HETATM 1007 O O   . ACT D 2 .   ? 5.732   -8.116  15.991  1.00 40.38  ? 203 ACT A O   1 
HETATM 1008 O OXT . ACT D 2 .   ? 5.521   -9.902  14.683  1.00 52.29  ? 203 ACT A OXT 1 
HETATM 1009 C CH3 . ACT D 2 .   ? 5.010   -10.111 17.009  1.00 39.49  ? 203 ACT A CH3 1 
HETATM 1010 C C   . ACT E 2 .   ? 8.232   -5.609  -4.124  1.00 67.32  ? 204 ACT A C   1 
HETATM 1011 O O   . ACT E 2 .   ? 8.791   -6.010  -3.058  1.00 61.40  ? 204 ACT A O   1 
HETATM 1012 O OXT . ACT E 2 .   ? 7.254   -6.184  -4.703  1.00 52.87  ? 204 ACT A OXT 1 
HETATM 1013 C CH3 . ACT E 2 .   ? 8.777   -4.333  -4.754  1.00 47.57  ? 204 ACT A CH3 1 
HETATM 1014 O O   . HOH F 3 .   ? -17.790 -12.054 1.533   1.00 51.34  ? 301 HOH A O   1 
HETATM 1015 O O   . HOH F 3 .   ? 8.579   1.829   15.916  1.00 54.75  ? 302 HOH A O   1 
HETATM 1016 O O   . HOH F 3 .   ? 18.250  8.166   -3.267  1.00 48.44  ? 303 HOH A O   1 
HETATM 1017 O O   . HOH F 3 .   ? -14.279 -10.225 9.758   1.00 53.28  ? 304 HOH A O   1 
HETATM 1018 O O   . HOH F 3 .   ? -6.754  -8.501  18.527  1.00 56.77  ? 305 HOH A O   1 
HETATM 1019 O O   . HOH F 3 .   ? -0.219  -14.672 6.151   1.00 55.45  ? 306 HOH A O   1 
HETATM 1020 O O   . HOH F 3 .   ? 9.660   -1.849  -11.928 1.00 39.78  ? 307 HOH A O   1 
HETATM 1021 O O   . HOH F 3 .   ? 11.959  9.279   -18.507 1.00 53.92  ? 308 HOH A O   1 
HETATM 1022 O O   . HOH F 3 .   ? 5.390   3.793   -4.483  1.00 58.22  ? 309 HOH A O   1 
HETATM 1023 O O   . HOH F 3 .   ? 14.240  0.486   -1.613  1.00 41.31  ? 310 HOH A O   1 
HETATM 1024 O O   . HOH F 3 .   ? 1.193   -15.873 16.233  1.00 55.93  ? 311 HOH A O   1 
HETATM 1025 O O   . HOH F 3 .   ? 2.933   -6.964  -11.385 1.00 49.17  ? 312 HOH A O   1 
HETATM 1026 O O   . HOH F 3 .   ? -6.500  8.734   8.827   1.00 51.64  ? 313 HOH A O   1 
HETATM 1027 O O   . HOH F 3 .   ? -21.243 -3.318  0.045   1.00 44.01  ? 314 HOH A O   1 
HETATM 1028 O O   . HOH F 3 .   ? -13.581 1.170   10.541  1.00 52.32  ? 315 HOH A O   1 
HETATM 1029 O O   . HOH F 3 .   ? 6.671   3.881   -6.738  1.00 45.21  ? 316 HOH A O   1 
HETATM 1030 O O   . HOH F 3 .   ? 1.799   -7.791  19.215  1.00 46.75  ? 317 HOH A O   1 
HETATM 1031 O O   . HOH F 3 .   ? 7.978   5.938   -22.091 1.00 37.13  ? 318 HOH A O   1 
HETATM 1032 O O   . HOH F 3 .   ? 13.759  9.867   -11.825 1.00 64.68  ? 319 HOH A O   1 
HETATM 1033 O O   . HOH F 3 .   ? -12.470 5.660   -9.654  1.00 50.89  ? 320 HOH A O   1 
HETATM 1034 O O   . HOH F 3 .   ? 5.081   -11.188 -1.518  1.00 46.92  ? 321 HOH A O   1 
HETATM 1035 O O   . HOH F 3 .   ? 9.691   8.217   -21.679 1.00 41.38  ? 322 HOH A O   1 
HETATM 1036 O O   . HOH F 3 .   ? 5.143   4.911   -27.254 1.00 52.96  ? 323 HOH A O   1 
HETATM 1037 O O   . HOH F 3 .   ? 3.501   -11.336 0.474   1.00 46.57  ? 324 HOH A O   1 
HETATM 1038 O O   . HOH F 3 .   ? -10.645 4.217   -13.382 1.00 54.76  ? 325 HOH A O   1 
HETATM 1039 O O   . HOH F 3 .   ? 14.249  -1.358  -22.712 1.00 42.94  ? 326 HOH A O   1 
HETATM 1040 O O   . HOH F 3 .   ? 5.998   2.717   15.034  1.00 42.88  ? 327 HOH A O   1 
HETATM 1041 O O   . HOH F 3 .   ? 3.769   7.750   -5.003  1.00 60.85  ? 328 HOH A O   1 
HETATM 1042 O O   . HOH F 3 .   ? 1.518   -15.581 3.714   1.00 54.51  ? 329 HOH A O   1 
HETATM 1043 O O   . HOH F 3 .   ? -12.371 9.623   1.607   1.00 45.30  ? 330 HOH A O   1 
HETATM 1044 O O   . HOH F 3 .   ? 2.121   -9.153  3.422   1.00 28.27  ? 331 HOH A O   1 
HETATM 1045 O O   . HOH F 3 .   ? 13.894  5.861   -3.910  1.00 35.88  ? 332 HOH A O   1 
HETATM 1046 O O   . HOH F 3 .   ? -0.806  -3.944  22.937  1.00 69.04  ? 333 HOH A O   1 
HETATM 1047 O O   . HOH F 3 .   ? -23.587 -6.557  0.693   1.00 53.99  ? 334 HOH A O   1 
HETATM 1048 O O   . HOH F 3 .   ? 12.248  10.443  2.157   1.00 53.72  ? 335 HOH A O   1 
HETATM 1049 O O   . HOH F 3 .   ? 5.585   -4.025  -10.549 1.00 46.91  ? 336 HOH A O   1 
HETATM 1050 O O   . HOH F 3 .   ? -11.475 6.271   1.343   1.00 50.18  ? 337 HOH A O   1 
HETATM 1051 O O   . HOH F 3 .   ? 2.400   6.311   -17.709 1.00 43.98  ? 338 HOH A O   1 
HETATM 1052 O O   . HOH F 3 .   ? 11.071  0.156   -20.909 1.00 34.83  ? 339 HOH A O   1 
HETATM 1053 O O   . HOH F 3 .   ? -2.791  11.226  -9.405  1.00 43.19  ? 340 HOH A O   1 
HETATM 1054 O O   . HOH F 3 .   ? -3.728  -10.728 4.366   1.00 28.18  ? 341 HOH A O   1 
HETATM 1055 O O   . HOH F 3 .   ? -8.715  9.386   6.744   1.00 55.49  ? 342 HOH A O   1 
HETATM 1056 O O   . HOH F 3 .   ? -11.867 -1.675  10.740  1.00 57.93  ? 343 HOH A O   1 
HETATM 1057 O O   . HOH F 3 .   ? 12.914  -4.589  -17.569 1.00 37.93  ? 344 HOH A O   1 
HETATM 1058 O O   . HOH F 3 .   ? 12.098  -3.931  -21.137 1.00 38.59  ? 345 HOH A O   1 
HETATM 1059 O O   . HOH F 3 .   ? 5.217   -12.626 17.016  1.00 37.89  ? 346 HOH A O   1 
HETATM 1060 O O   . HOH F 3 .   ? -10.923 -9.217  4.181   1.00 34.69  ? 347 HOH A O   1 
HETATM 1061 O O   . HOH F 3 .   ? -6.106  1.485   11.694  1.00 38.25  ? 348 HOH A O   1 
HETATM 1062 O O   . HOH F 3 .   ? -9.880  8.859   -5.009  1.00 37.97  ? 349 HOH A O   1 
HETATM 1063 O O   . HOH F 3 .   ? 4.326   10.905  6.593   1.00 51.62  ? 350 HOH A O   1 
HETATM 1064 O O   . HOH F 3 .   ? 0.028   6.106   -4.417  1.00 63.27  ? 351 HOH A O   1 
HETATM 1065 O O   . HOH F 3 .   ? -1.538  17.312  -9.111  1.00 56.99  ? 352 HOH A O   1 
HETATM 1066 O O   . HOH F 3 .   ? 13.445  2.961   9.425   1.00 48.78  ? 353 HOH A O   1 
HETATM 1067 O O   . HOH F 3 .   ? 0.903   -8.040  -9.070  1.00 44.21  ? 354 HOH A O   1 
HETATM 1068 O O   . HOH F 3 .   ? 1.450   6.946   13.919  1.00 55.81  ? 355 HOH A O   1 
HETATM 1069 O O   . HOH F 3 .   ? 12.031  12.115  -2.195  1.00 60.44  ? 356 HOH A O   1 
HETATM 1070 O O   . HOH F 3 .   ? -0.276  1.465   21.428  1.00 62.68  ? 357 HOH A O   1 
HETATM 1071 O O   . HOH F 3 .   ? -4.931  11.562  -0.920  1.00 31.48  ? 358 HOH A O   1 
HETATM 1072 O O   . HOH F 3 .   ? -9.455  -15.022 5.093   1.00 36.15  ? 359 HOH A O   1 
HETATM 1073 O O   . HOH F 3 .   ? 11.237  -5.459  -13.746 1.00 44.51  ? 360 HOH A O   1 
HETATM 1074 O O   . HOH F 3 .   ? -19.335 -10.519 -2.568  1.00 49.37  ? 361 HOH A O   1 
HETATM 1075 O O   . HOH F 3 .   ? 8.954   9.879   6.871   1.00 47.18  ? 362 HOH A O   1 
HETATM 1076 O O   . HOH F 3 .   ? -10.865 -11.644 7.600   1.00 41.10  ? 363 HOH A O   1 
HETATM 1077 O O   . HOH F 3 .   ? 17.080  4.183   -1.469  1.00 50.37  ? 364 HOH A O   1 
HETATM 1078 O O   . HOH F 3 .   ? -4.235  -15.743 4.295   1.00 41.91  ? 365 HOH A O   1 
HETATM 1079 O O   . HOH F 3 .   ? -4.975  13.614  0.905   1.00 38.96  ? 366 HOH A O   1 
HETATM 1080 O O   . HOH F 3 .   ? -9.282  -13.877 11.271  1.00 45.72  ? 367 HOH A O   1 
HETATM 1081 O O   . HOH F 3 .   ? 2.823   -7.725  -5.254  1.00 35.90  ? 368 HOH A O   1 
HETATM 1082 O O   . HOH F 3 .   ? 0.553   -7.525  -12.065 1.00 46.87  ? 369 HOH A O   1 
HETATM 1083 O O   . HOH F 3 .   ? 3.706   -3.918  -19.384 1.00 40.87  ? 370 HOH A O   1 
HETATM 1084 O O   . HOH F 3 .   ? -9.748  -11.278 9.934   1.00 40.42  ? 371 HOH A O   1 
HETATM 1085 O O   . HOH F 3 .   ? -7.023  -17.179 5.087   1.00 37.87  ? 372 HOH A O   1 
HETATM 1086 O O   . HOH F 3 .   ? 0.829   13.800  -5.190  1.00 40.14  ? 373 HOH A O   1 
HETATM 1087 O O   . HOH F 3 .   ? -9.213  6.807   -6.750  1.00 37.30  ? 374 HOH A O   1 
HETATM 1088 O O   . HOH F 3 .   ? 15.210  7.736   -17.947 1.00 47.58  ? 375 HOH A O   1 
HETATM 1089 O O   . HOH F 3 .   ? 13.249  1.745   2.914   1.00 36.96  ? 376 HOH A O   1 
HETATM 1090 O O   . HOH F 3 .   ? 7.890   3.673   -13.323 1.00 43.59  ? 377 HOH A O   1 
HETATM 1091 O O   . HOH F 3 .   ? -4.141  -7.774  -6.248  1.00 27.17  ? 378 HOH A O   1 
HETATM 1092 O O   . HOH F 3 .   ? 8.985   -6.012  -15.348 1.00 48.03  ? 379 HOH A O   1 
HETATM 1093 O O   . HOH F 3 .   ? -19.920 -9.570  3.440   1.00 49.32  ? 380 HOH A O   1 
HETATM 1094 O O   . HOH F 3 .   ? 15.839  7.870   -12.879 1.00 37.07  ? 381 HOH A O   1 
HETATM 1095 O O   . HOH F 3 .   ? 11.283  10.972  -8.295  1.00 48.96  ? 382 HOH A O   1 
HETATM 1096 O O   . HOH F 3 .   ? -2.023  8.118   7.979   1.00 35.86  ? 383 HOH A O   1 
HETATM 1097 O O   . HOH F 3 .   ? 3.935   -12.813 2.388   1.00 48.78  ? 384 HOH A O   1 
HETATM 1098 O O   . HOH F 3 .   ? 8.347   6.929   9.217   1.00 47.59  ? 385 HOH A O   1 
HETATM 1099 O O   . HOH F 3 .   ? -5.838  -8.021  -1.473  1.00 29.25  ? 386 HOH A O   1 
HETATM 1100 O O   . HOH F 3 .   ? 14.188  5.162   5.801   1.00 49.73  ? 387 HOH A O   1 
HETATM 1101 O O   . HOH F 3 .   ? 8.437   2.539   -8.361  1.00 37.07  ? 388 HOH A O   1 
HETATM 1102 O O   . HOH F 3 .   ? -16.115 1.775   7.918   1.00 41.26  ? 389 HOH A O   1 
HETATM 1103 O O   . HOH F 3 .   ? 15.029  0.936   -24.141 1.00 47.40  ? 390 HOH A O   1 
HETATM 1104 O O   . HOH F 3 .   ? 0.349   -15.960 12.705  1.00 53.43  ? 391 HOH A O   1 
HETATM 1105 O O   . HOH F 3 .   ? -0.076  17.815  -6.653  1.00 57.44  ? 392 HOH A O   1 
HETATM 1106 O O   . HOH F 3 .   ? -1.150  -7.625  -2.894  1.00 27.66  ? 393 HOH A O   1 
HETATM 1107 O O   . HOH F 3 .   ? 10.003  -2.280  -21.192 1.00 41.76  ? 394 HOH A O   1 
HETATM 1108 O O   . HOH F 3 .   ? -11.671 -8.987  10.562  1.00 59.26  ? 395 HOH A O   1 
HETATM 1109 O O   . HOH F 3 .   ? -8.024  -6.499  -2.377  1.00 29.63  ? 396 HOH A O   1 
HETATM 1110 O O   . HOH F 3 .   ? 17.452  6.480   -15.921 1.00 50.91  ? 397 HOH A O   1 
HETATM 1111 O O   . HOH F 3 .   ? -1.795  0.262   17.046  1.00 53.01  ? 398 HOH A O   1 
HETATM 1112 O O   . HOH F 3 .   ? -21.446 -9.905  1.343   1.00 54.21  ? 399 HOH A O   1 
HETATM 1113 O O   . HOH F 3 .   ? 0.898   13.008  -1.143  1.00 40.52  ? 400 HOH A O   1 
HETATM 1114 O O   . HOH F 3 .   ? 6.694   0.869   18.364  1.00 50.47  ? 401 HOH A O   1 
HETATM 1115 O O   . HOH F 3 .   ? 4.618   -6.916  -3.705  1.00 36.92  ? 402 HOH A O   1 
HETATM 1116 O O   . HOH F 3 .   ? -5.957  -11.337 16.074  1.00 40.36  ? 403 HOH A O   1 
HETATM 1117 O O   . HOH F 3 .   ? -1.045  6.388   -25.231 1.00 44.14  ? 404 HOH A O   1 
HETATM 1118 O O   . HOH F 3 .   ? 0.016   -9.480  20.508  1.00 45.29  ? 405 HOH A O   1 
HETATM 1119 O O   . HOH F 3 .   ? 2.995   -0.546  -21.300 1.00 56.88  ? 406 HOH A O   1 
HETATM 1120 O O   . HOH F 3 .   ? 1.980   -0.446  -17.135 1.00 36.93  ? 407 HOH A O   1 
HETATM 1121 O O   . HOH F 3 .   ? 7.919   11.692  0.055   1.00 45.37  ? 408 HOH A O   1 
HETATM 1122 O O   . HOH F 3 .   ? -15.524 -5.485  5.497   1.00 38.40  ? 409 HOH A O   1 
HETATM 1123 O O   . HOH F 3 .   ? 9.387   10.987  -3.998  1.00 51.93  ? 410 HOH A O   1 
HETATM 1124 O O   . HOH F 3 .   ? 0.746   13.112  1.543   1.00 51.86  ? 411 HOH A O   1 
HETATM 1125 O O   . HOH F 3 .   ? -9.748  7.117   -0.715  1.00 38.26  ? 412 HOH A O   1 
HETATM 1126 O O   . HOH F 3 .   ? -20.260 -2.054  2.935   1.00 50.63  ? 413 HOH A O   1 
HETATM 1127 O O   . HOH F 3 .   ? -0.454  12.162  8.517   1.00 62.89  ? 414 HOH A O   1 
HETATM 1128 O O   . HOH F 3 .   ? -4.111  5.896   -23.565 1.00 45.77  ? 415 HOH A O   1 
HETATM 1129 O O   . HOH F 3 .   ? 2.127   -11.734 19.922  1.00 40.95  ? 416 HOH A O   1 
HETATM 1130 O O   . HOH F 3 .   ? -1.152  7.574   13.922  1.00 53.47  ? 417 HOH A O   1 
HETATM 1131 O O   . HOH F 3 .   ? 1.944   1.436   -23.103 1.00 38.86  ? 418 HOH A O   1 
HETATM 1132 O O   . HOH F 3 .   ? 12.393  3.052   -27.209 1.00 47.60  ? 419 HOH A O   1 
HETATM 1133 O O   . HOH F 3 .   ? 12.611  6.462   -24.268 1.00 47.76  ? 420 HOH A O   1 
HETATM 1134 O O   . HOH F 3 .   ? -4.610  4.287   -19.103 1.00 61.49  ? 421 HOH A O   1 
HETATM 1135 O O   . HOH F 3 .   ? -2.280  4.755   -5.591  1.00 40.97  ? 422 HOH A O   1 
HETATM 1136 O O   . HOH F 3 .   ? 1.749   5.570   16.222  1.00 60.33  ? 423 HOH A O   1 
HETATM 1137 O O   . HOH F 3 .   ? -4.650  4.814   -16.227 1.00 55.27  ? 424 HOH A O   1 
HETATM 1138 O O   . HOH F 3 .   ? 10.343  -1.363  -25.289 1.00 49.96  ? 425 HOH A O   1 
HETATM 1139 O O   . HOH F 3 .   ? 6.414   0.032   21.277  1.00 65.46  ? 426 HOH A O   1 
HETATM 1140 O O   . HOH F 3 .   ? -2.653  5.487   -13.840 1.00 65.89  ? 427 HOH A O   1 
HETATM 1141 O O   . HOH F 3 .   ? -5.028  6.780   14.585  1.00 51.43  ? 428 HOH A O   1 
HETATM 1142 O O   . HOH F 3 .   ? 9.691   0.920   -26.951 1.00 43.10  ? 429 HOH A O   1 
HETATM 1143 O O   . HOH F 3 .   ? 1.877   0.161   -4.714  1.00 52.55  ? 430 HOH A O   1 
HETATM 1144 O O   . HOH F 3 .   ? -9.943  7.293   -9.324  1.00 39.02  ? 431 HOH A O   1 
HETATM 1145 O O   . HOH F 3 .   ? 4.159   -8.349  18.813  1.00 57.99  ? 432 HOH A O   1 
HETATM 1146 O O   . HOH F 3 .   ? 7.489   -2.801  -12.369 1.00 40.64  ? 433 HOH A O   1 
HETATM 1147 O O   . HOH F 3 .   ? 14.391  11.300  -9.840  1.00 72.37  ? 434 HOH A O   1 
HETATM 1148 O O   . HOH F 3 .   ? 6.094   10.000  -4.750  1.00 57.78  ? 435 HOH A O   1 
HETATM 1149 O O   . HOH F 3 .   ? 12.352  0.781   14.847  1.00 61.84  ? 436 HOH A O   1 
HETATM 1150 O O   . HOH F 3 .   ? 7.131   -6.241  -9.879  1.00 43.32  ? 437 HOH A O   1 
HETATM 1151 O O   . HOH F 3 .   ? 1.383   -5.587  20.156  1.00 61.89  ? 438 HOH A O   1 
HETATM 1152 O O   . HOH F 3 .   ? 2.749   3.902   -6.043  1.00 54.83  ? 439 HOH A O   1 
HETATM 1153 O O   . HOH F 3 .   ? -0.633  -9.899  -7.118  1.00 36.88  ? 440 HOH A O   1 
HETATM 1154 O O   . HOH F 3 .   ? 6.176   -4.649  -16.111 1.00 41.76  ? 441 HOH A O   1 
HETATM 1155 O O   . HOH F 3 .   ? -8.466  7.435   -11.555 1.00 53.09  ? 442 HOH A O   1 
HETATM 1156 O O   . HOH F 3 .   ? 5.786   -2.496  -23.690 1.00 47.48  ? 443 HOH A O   1 
HETATM 1157 O O   . HOH F 3 .   ? 1.586   1.536   23.039  1.00 66.50  ? 444 HOH A O   1 
HETATM 1158 O O   . HOH F 3 .   ? 6.484   10.258  8.071   1.00 52.00  ? 445 HOH A O   1 
HETATM 1159 O O   . HOH F 3 .   ? -10.289 -7.600  15.041  1.00 70.24  ? 446 HOH A O   1 
HETATM 1160 O O   . HOH F 3 .   ? -4.120  -10.337 21.857  1.00 66.40  ? 447 HOH A O   1 
HETATM 1161 O O   . HOH F 3 .   ? -19.478 -11.331 0.056   1.00 50.11  ? 448 HOH A O   1 
HETATM 1162 O O   . HOH F 3 .   ? 2.184   -3.182  -17.048 1.00 44.19  ? 449 HOH A O   1 
HETATM 1163 O O   . HOH F 3 .   ? 14.550  2.793   4.960   1.00 53.52  ? 450 HOH A O   1 
HETATM 1164 O O   . HOH F 3 .   ? 14.472  8.472   -23.833 1.00 64.44  ? 451 HOH A O   1 
HETATM 1165 O O   . HOH F 3 .   ? 16.234  6.507   -2.493  1.00 42.61  ? 452 HOH A O   1 
HETATM 1166 O O   . HOH F 3 .   ? 0.541   8.372   -10.524 1.00 50.79  ? 453 HOH A O   1 
HETATM 1167 O O   . HOH F 3 .   ? 10.302  -8.772  -17.969 1.00 48.16  ? 454 HOH A O   1 
HETATM 1168 O O   . HOH F 3 .   ? -7.269  4.250   -13.822 1.00 53.20  ? 455 HOH A O   1 
HETATM 1169 O O   . HOH F 3 .   ? 1.296   6.471   -6.307  1.00 63.74  ? 456 HOH A O   1 
HETATM 1170 O O   . HOH F 3 .   ? 14.353  4.925   -25.796 1.00 50.59  ? 457 HOH A O   1 
HETATM 1171 O O   . HOH F 3 .   ? 17.907  10.181  -2.125  1.00 60.46  ? 458 HOH A O   1 
HETATM 1172 O O   . HOH F 3 .   ? -1.546  6.955   -6.706  1.00 52.68  ? 459 HOH A O   1 
HETATM 1173 O O   . HOH F 3 .   ? 4.846   4.587   16.602  1.00 50.40  ? 460 HOH A O   1 
HETATM 1174 O O   . HOH F 3 .   ? 6.244   3.167   -29.159 1.00 50.80  ? 461 HOH A O   1 
HETATM 1175 O O   . HOH F 3 .   ? -10.052 7.005   11.873  1.00 71.50  ? 462 HOH A O   1 
HETATM 1176 O O   . HOH F 3 .   ? -0.927  -6.464  22.836  1.00 68.35  ? 463 HOH A O   1 
HETATM 1177 O O   . HOH F 3 .   ? -2.182  10.469  9.254   1.00 43.88  ? 464 HOH A O   1 
HETATM 1178 O O   . HOH F 3 .   ? -8.794  -13.851 14.079  1.00 63.51  ? 465 HOH A O   1 
HETATM 1179 O O   . HOH F 3 .   ? 3.576   -11.945 -3.074  1.00 56.80  ? 466 HOH A O   1 
HETATM 1180 O O   . HOH F 3 .   ? 15.711  7.113   4.472   1.00 55.56  ? 467 HOH A O   1 
HETATM 1181 O O   . HOH F 3 .   ? 3.600   9.032   14.351  1.00 58.76  ? 468 HOH A O   1 
HETATM 1182 O O   . HOH F 3 .   ? -13.789 3.913   11.418  1.00 61.35  ? 469 HOH A O   1 
HETATM 1183 O O   . HOH F 3 .   ? -11.518 -7.513  12.977  1.00 63.88  ? 470 HOH A O   1 
HETATM 1184 O O   . HOH F 3 .   ? -2.043  8.379   -9.072  1.00 55.19  ? 471 HOH A O   1 
HETATM 1185 O O   . HOH F 3 .   ? -3.493  -7.557  22.873  1.00 72.67  ? 472 HOH A O   1 
HETATM 1186 O O   . HOH F 3 .   ? 16.602  7.351   2.001   1.00 57.10  ? 473 HOH A O   1 
HETATM 1187 O O   . HOH F 3 .   ? -5.235  13.092  6.849   1.00 62.20  ? 474 HOH A O   1 
# 
loop_
_pdbx_poly_seq_scheme.asym_id 
_pdbx_poly_seq_scheme.entity_id 
_pdbx_poly_seq_scheme.seq_id 
_pdbx_poly_seq_scheme.mon_id 
_pdbx_poly_seq_scheme.ndb_seq_num 
_pdbx_poly_seq_scheme.pdb_seq_num 
_pdbx_poly_seq_scheme.auth_seq_num 
_pdbx_poly_seq_scheme.pdb_mon_id 
_pdbx_poly_seq_scheme.auth_mon_id 
_pdbx_poly_seq_scheme.pdb_strand_id 
_pdbx_poly_seq_scheme.pdb_ins_code 
_pdbx_poly_seq_scheme.hetero 
A 1 1   MET 1   1   ?   ?   ?   A . n 
A 1 2   LYS 2   2   ?   ?   ?   A . n 
A 1 3   PHE 3   3   ?   ?   ?   A . n 
A 1 4   THR 4   4   ?   ?   ?   A . n 
A 1 5   TYR 5   5   ?   ?   ?   A . n 
A 1 6   LEU 6   6   ?   ?   ?   A . n 
A 1 7   VAL 7   7   ?   ?   ?   A . n 
A 1 8   SER 8   8   ?   ?   ?   A . n 
A 1 9   LEU 9   9   ?   ?   ?   A . n 
A 1 10  ALA 10  10  ?   ?   ?   A . n 
A 1 11  ALA 11  11  ?   ?   ?   A . n 
A 1 12  PHE 12  12  ?   ?   ?   A . n 
A 1 13  ALA 13  13  ?   ?   ?   A . n 
A 1 14  VAL 14  14  ?   ?   ?   A . n 
A 1 15  THR 15  15  ?   ?   ?   A . n 
A 1 16  ALA 16  16  ?   ?   ?   A . n 
A 1 17  LEU 17  17  ?   ?   ?   A . n 
A 1 18  GLY 18  18  ?   ?   ?   A . n 
A 1 19  SER 19  19  ?   ?   ?   A . n 
A 1 20  ARG 20  20  20  ARG ARG A . n 
A 1 21  PRO 21  21  21  PRO PRO A . n 
A 1 22  THR 22  22  22  THR THR A . n 
A 1 23  PRO 23  23  23  PRO PRO A . n 
A 1 24  PRO 24  24  24  PRO PRO A . n 
A 1 25  ASN 25  25  25  ASN ASN A . n 
A 1 26  LEU 26  26  26  LEU LEU A . n 
A 1 27  GLU 27  27  27  GLU GLU A . n 
A 1 28  PHE 28  28  28  PHE PHE A . n 
A 1 29  LEU 29  29  29  LEU LEU A . n 
A 1 30  PHE 30  30  30  PHE PHE A . n 
A 1 31  SER 31  31  31  SER SER A . n 
A 1 32  ALA 32  32  32  ALA ALA A . n 
A 1 33  ASN 33  33  33  ASN ASN A . n 
A 1 34  LEU 34  34  34  LEU LEU A . n 
A 1 35  THR 35  35  35  THR THR A . n 
A 1 36  LYS 36  36  36  LYS LYS A . n 
A 1 37  GLY 37  37  37  GLY GLY A . n 
A 1 38  PRO 38  38  38  PRO PRO A . n 
A 1 39  ALA 39  39  39  ALA ALA A . n 
A 1 40  TYR 40  40  40  TYR TYR A . n 
A 1 41  ILE 41  41  41  ILE ILE A . n 
A 1 42  TYR 42  42  42  TYR TYR A . n 
A 1 43  ASP 43  43  43  ASP ASP A . n 
A 1 44  GLN 44  44  44  GLN GLN A . n 
A 1 45  SER 45  45  45  SER SER A . n 
A 1 46  ASP 46  46  46  ASP ASP A . n 
A 1 47  ALA 47  47  47  ALA ALA A . n 
A 1 48  GLN 48  48  48  GLN GLN A . n 
A 1 49  ILE 49  49  49  ILE ILE A . n 
A 1 50  LYS 50  50  50  LYS LYS A . n 
A 1 51  ALA 51  51  51  ALA ALA A . n 
A 1 52  LEU 52  52  52  LEU LEU A . n 
A 1 53  GLN 53  53  53  GLN GLN A . n 
A 1 54  THR 54  54  54  THR THR A . n 
A 1 55  LEU 55  55  55  LEU LEU A . n 
A 1 56  THR 56  56  56  THR THR A . n 
A 1 57  GLY 57  57  57  GLY GLY A . n 
A 1 58  GLY 58  58  58  GLY GLY A . n 
A 1 59  ILE 59  59  59  ILE ILE A . n 
A 1 60  ILE 60  60  60  ILE ILE A . n 
A 1 61  ALA 61  61  61  ALA ALA A . n 
A 1 62  GLY 62  62  62  GLY GLY A . n 
A 1 63  PRO 63  63  63  PRO PRO A . n 
A 1 64  ASN 64  64  64  ASN ASN A . n 
A 1 65  PHE 65  65  65  PHE PHE A . n 
A 1 66  ASP 66  66  66  ASP ASP A . n 
A 1 67  GLY 67  67  67  GLY GLY A . n 
A 1 68  THR 68  68  68  THR THR A . n 
A 1 69  VAL 69  69  69  VAL VAL A . n 
A 1 70  ILE 70  70  70  ILE ILE A . n 
A 1 71  GLY 71  71  71  GLY GLY A . n 
A 1 72  GLY 72  72  72  GLY GLY A . n 
A 1 73  THR 73  73  73  THR THR A . n 
A 1 74  ALA 74  74  74  ALA ALA A . n 
A 1 75  LEU 75  75  75  LEU LEU A . n 
A 1 76  SER 76  76  76  SER SER A . n 
A 1 77  THR 77  77  77  THR THR A . n 
A 1 78  ARG 78  78  78  ARG ARG A . n 
A 1 79  GLY 79  79  79  GLY GLY A . n 
A 1 80  ALA 80  80  80  ALA ALA A . n 
A 1 81  ASP 81  81  81  ASP ASP A . n 
A 1 82  GLY 82  82  82  GLY GLY A . n 
A 1 83  THR 83  83  83  THR THR A . n 
A 1 84  ILE 84  84  84  ILE ILE A . n 
A 1 85  ARG 85  85  85  ARG ARG A . n 
A 1 86  ALA 86  86  86  ALA ALA A . n 
A 1 87  ASP 87  87  87  ASP ASP A . n 
A 1 88  ALA 88  88  88  ALA ALA A . n 
A 1 89  HIS 89  89  89  HIS HIS A . n 
A 1 90  TYR 90  90  90  TYR TYR A . n 
A 1 91  LEU 91  91  91  LEU LEU A . n 
A 1 92  ILE 92  92  92  ILE ILE A . n 
A 1 93  GLN 93  93  93  GLN GLN A . n 
A 1 94  THR 94  94  94  THR THR A . n 
A 1 95  SER 95  95  95  SER SER A . n 
A 1 96  ASP 96  96  96  ASP ASP A . n 
A 1 97  GLY 97  97  97  GLY GLY A . n 
A 1 98  ALA 98  98  98  ALA ALA A . n 
A 1 99  ASN 99  99  99  ASN ASN A . n 
A 1 100 ILE 100 100 100 ILE ILE A . n 
A 1 101 LEU 101 101 101 LEU LEU A . n 
A 1 102 VAL 102 102 102 VAL VAL A . n 
A 1 103 THR 103 103 103 THR THR A . n 
A 1 104 GLU 104 104 104 GLU GLU A . n 
A 1 105 SER 105 105 105 SER SER A . n 
A 1 106 ALA 106 106 106 ALA ALA A . n 
A 1 107 ALA 107 107 107 ALA ALA A . n 
A 1 108 ILE 108 108 108 ILE ILE A . n 
A 1 109 PRO 109 109 109 PRO PRO A . n 
A 1 110 TYR 110 110 110 TYR TYR A . n 
A 1 111 VAL 111 111 111 VAL VAL A . n 
A 1 112 ALA 112 112 112 ALA ALA A . n 
A 1 113 VAL 113 113 113 VAL VAL A . n 
A 1 114 LEU 114 114 114 LEU LEU A . n 
A 1 115 PHE 115 115 115 PHE PHE A . n 
A 1 116 ASP 116 116 116 ASP ASP A . n 
A 1 117 THR 117 117 117 THR THR A . n 
A 1 118 SER 118 118 118 SER SER A . n 
A 1 119 SER 119 119 119 SER SER A . n 
A 1 120 GLU 120 120 120 GLU GLU A . n 
A 1 121 LYS 121 121 121 LYS LYS A . n 
A 1 122 TYR 122 122 122 TYR TYR A . n 
A 1 123 ASN 123 123 123 ASN ASN A . n 
A 1 124 TRP 124 124 124 TRP TRP A . n 
A 1 125 LEU 125 125 125 LEU LEU A . n 
A 1 126 ASN 126 126 126 ASN ASN A . n 
A 1 127 ASN 127 127 127 ASN ASN A . n 
A 1 128 VAL 128 128 128 VAL VAL A . n 
A 1 129 THR 129 129 129 THR THR A . n 
A 1 130 ALA 130 130 130 ALA ALA A . n 
A 1 131 TRP 131 131 131 TRP TRP A . n 
A 1 132 GLY 132 132 132 GLY GLY A . n 
A 1 133 THR 133 133 133 THR THR A . n 
A 1 134 PRO 134 134 134 PRO PRO A . n 
A 1 135 PRO 135 135 135 PRO PRO A . n 
A 1 136 ASN 136 136 136 ASN ASN A . n 
A 1 137 LEU 137 137 137 LEU LEU A . n 
A 1 138 ASN 138 138 138 ASN ASN A . n 
A 1 139 GLU 139 139 139 GLU GLU A . n 
A 1 140 ILE 140 140 140 ILE ILE A . n 
A 1 141 ASN 141 141 141 ASN ASN A . n 
A 1 142 PHE 142 142 142 PHE PHE A . n 
A 1 143 LEU 143 143 143 LEU LEU A . n 
A 1 144 GLU 144 144 144 GLU GLU A . n 
A 1 145 TYR 145 145 145 TYR TYR A . n 
A 1 146 TRP 146 146 146 TRP TRP A . n 
A 1 147 GLN 147 147 147 GLN GLN A . n 
A 1 148 ILE 148 148 148 ILE ILE A . n 
A 1 149 GLU 149 149 149 GLU GLU A . n 
# 
loop_
_pdbx_nonpoly_scheme.asym_id 
_pdbx_nonpoly_scheme.entity_id 
_pdbx_nonpoly_scheme.mon_id 
_pdbx_nonpoly_scheme.ndb_seq_num 
_pdbx_nonpoly_scheme.pdb_seq_num 
_pdbx_nonpoly_scheme.auth_seq_num 
_pdbx_nonpoly_scheme.pdb_mon_id 
_pdbx_nonpoly_scheme.auth_mon_id 
_pdbx_nonpoly_scheme.pdb_strand_id 
_pdbx_nonpoly_scheme.pdb_ins_code 
B 2 ACT 1   201 201 ACT ACT A . 
C 2 ACT 1   202 301 ACT ACT A . 
D 2 ACT 1   203 401 ACT ACT A . 
E 2 ACT 1   204 601 ACT ACT A . 
F 3 HOH 1   301 400 HOH HOH A . 
F 3 HOH 2   302 391 HOH HOH A . 
F 3 HOH 3   303 335 HOH HOH A . 
F 3 HOH 4   304 357 HOH HOH A . 
F 3 HOH 5   305 379 HOH HOH A . 
F 3 HOH 6   306 99  HOH HOH A . 
F 3 HOH 7   307 70  HOH HOH A . 
F 3 HOH 8   308 342 HOH HOH A . 
F 3 HOH 9   309 358 HOH HOH A . 
F 3 HOH 10  310 338 HOH HOH A . 
F 3 HOH 11  311 271 HOH HOH A . 
F 3 HOH 12  312 31  HOH HOH A . 
F 3 HOH 13  313 372 HOH HOH A . 
F 3 HOH 14  314 255 HOH HOH A . 
F 3 HOH 15  315 383 HOH HOH A . 
F 3 HOH 16  316 269 HOH HOH A . 
F 3 HOH 17  317 394 HOH HOH A . 
F 3 HOH 18  318 254 HOH HOH A . 
F 3 HOH 19  319 398 HOH HOH A . 
F 3 HOH 20  320 340 HOH HOH A . 
F 3 HOH 21  321 363 HOH HOH A . 
F 3 HOH 22  322 60  HOH HOH A . 
F 3 HOH 23  323 334 HOH HOH A . 
F 3 HOH 24  324 359 HOH HOH A . 
F 3 HOH 25  325 336 HOH HOH A . 
F 3 HOH 26  326 178 HOH HOH A . 
F 3 HOH 27  327 324 HOH HOH A . 
F 3 HOH 28  328 382 HOH HOH A . 
F 3 HOH 29  329 104 HOH HOH A . 
F 3 HOH 30  330 129 HOH HOH A . 
F 3 HOH 31  331 21  HOH HOH A . 
F 3 HOH 32  332 26  HOH HOH A . 
F 3 HOH 33  333 378 HOH HOH A . 
F 3 HOH 34  334 327 HOH HOH A . 
F 3 HOH 35  335 153 HOH HOH A . 
F 3 HOH 36  336 93  HOH HOH A . 
F 3 HOH 37  337 376 HOH HOH A . 
F 3 HOH 38  338 266 HOH HOH A . 
F 3 HOH 39  339 57  HOH HOH A . 
F 3 HOH 40  340 323 HOH HOH A . 
F 3 HOH 41  341 20  HOH HOH A . 
F 3 HOH 42  342 322 HOH HOH A . 
F 3 HOH 43  343 347 HOH HOH A . 
F 3 HOH 44  344 23  HOH HOH A . 
F 3 HOH 45  345 6   HOH HOH A . 
F 3 HOH 46  346 46  HOH HOH A . 
F 3 HOH 47  347 67  HOH HOH A . 
F 3 HOH 48  348 100 HOH HOH A . 
F 3 HOH 49  349 28  HOH HOH A . 
F 3 HOH 50  350 365 HOH HOH A . 
F 3 HOH 51  351 374 HOH HOH A . 
F 3 HOH 52  352 355 HOH HOH A . 
F 3 HOH 53  353 325 HOH HOH A . 
F 3 HOH 54  354 319 HOH HOH A . 
F 3 HOH 55  355 380 HOH HOH A . 
F 3 HOH 56  356 396 HOH HOH A . 
F 3 HOH 57  357 385 HOH HOH A . 
F 3 HOH 58  358 54  HOH HOH A . 
F 3 HOH 59  359 32  HOH HOH A . 
F 3 HOH 60  360 368 HOH HOH A . 
F 3 HOH 61  361 386 HOH HOH A . 
F 3 HOH 62  362 69  HOH HOH A . 
F 3 HOH 63  363 42  HOH HOH A . 
F 3 HOH 64  364 97  HOH HOH A . 
F 3 HOH 65  365 105 HOH HOH A . 
F 3 HOH 66  366 58  HOH HOH A . 
F 3 HOH 67  367 320 HOH HOH A . 
F 3 HOH 68  368 59  HOH HOH A . 
F 3 HOH 69  369 317 HOH HOH A . 
F 3 HOH 70  370 95  HOH HOH A . 
F 3 HOH 71  371 25  HOH HOH A . 
F 3 HOH 72  372 77  HOH HOH A . 
F 3 HOH 73  373 258 HOH HOH A . 
F 3 HOH 74  374 19  HOH HOH A . 
F 3 HOH 75  375 267 HOH HOH A . 
F 3 HOH 76  376 24  HOH HOH A . 
F 3 HOH 77  377 65  HOH HOH A . 
F 3 HOH 78  378 7   HOH HOH A . 
F 3 HOH 79  379 328 HOH HOH A . 
F 3 HOH 80  380 166 HOH HOH A . 
F 3 HOH 81  381 253 HOH HOH A . 
F 3 HOH 82  382 36  HOH HOH A . 
F 3 HOH 83  383 89  HOH HOH A . 
F 3 HOH 84  384 371 HOH HOH A . 
F 3 HOH 85  385 37  HOH HOH A . 
F 3 HOH 86  386 2   HOH HOH A . 
F 3 HOH 87  387 270 HOH HOH A . 
F 3 HOH 88  388 4   HOH HOH A . 
F 3 HOH 89  389 12  HOH HOH A . 
F 3 HOH 90  390 209 HOH HOH A . 
F 3 HOH 91  391 387 HOH HOH A . 
F 3 HOH 92  392 381 HOH HOH A . 
F 3 HOH 93  393 11  HOH HOH A . 
F 3 HOH 94  394 354 HOH HOH A . 
F 3 HOH 95  395 167 HOH HOH A . 
F 3 HOH 96  396 9   HOH HOH A . 
F 3 HOH 97  397 62  HOH HOH A . 
F 3 HOH 98  398 345 HOH HOH A . 
F 3 HOH 99  399 102 HOH HOH A . 
F 3 HOH 100 400 44  HOH HOH A . 
F 3 HOH 101 401 132 HOH HOH A . 
F 3 HOH 102 402 14  HOH HOH A . 
F 3 HOH 103 403 107 HOH HOH A . 
F 3 HOH 104 404 8   HOH HOH A . 
F 3 HOH 105 405 39  HOH HOH A . 
F 3 HOH 106 406 183 HOH HOH A . 
F 3 HOH 107 407 35  HOH HOH A . 
F 3 HOH 108 408 118 HOH HOH A . 
F 3 HOH 109 409 126 HOH HOH A . 
F 3 HOH 110 410 348 HOH HOH A . 
F 3 HOH 111 411 45  HOH HOH A . 
F 3 HOH 112 412 40  HOH HOH A . 
F 3 HOH 113 413 71  HOH HOH A . 
F 3 HOH 114 414 375 HOH HOH A . 
F 3 HOH 115 415 256 HOH HOH A . 
F 3 HOH 116 416 81  HOH HOH A . 
F 3 HOH 117 417 332 HOH HOH A . 
F 3 HOH 118 418 66  HOH HOH A . 
F 3 HOH 119 419 177 HOH HOH A . 
F 3 HOH 120 420 53  HOH HOH A . 
F 3 HOH 121 421 51  HOH HOH A . 
F 3 HOH 122 422 61  HOH HOH A . 
F 3 HOH 123 423 384 HOH HOH A . 
F 3 HOH 124 424 106 HOH HOH A . 
F 3 HOH 125 425 80  HOH HOH A . 
F 3 HOH 126 426 406 HOH HOH A . 
F 3 HOH 127 427 364 HOH HOH A . 
F 3 HOH 128 428 72  HOH HOH A . 
F 3 HOH 129 429 73  HOH HOH A . 
F 3 HOH 130 430 312 HOH HOH A . 
F 3 HOH 131 431 182 HOH HOH A . 
F 3 HOH 132 432 393 HOH HOH A . 
F 3 HOH 133 433 369 HOH HOH A . 
F 3 HOH 134 434 397 HOH HOH A . 
F 3 HOH 135 435 392 HOH HOH A . 
F 3 HOH 136 436 34  HOH HOH A . 
F 3 HOH 137 437 192 HOH HOH A . 
F 3 HOH 138 438 395 HOH HOH A . 
F 3 HOH 139 439 318 HOH HOH A . 
F 3 HOH 140 440 350 HOH HOH A . 
F 3 HOH 141 441 315 HOH HOH A . 
F 3 HOH 142 442 206 HOH HOH A . 
F 3 HOH 143 443 115 HOH HOH A . 
F 3 HOH 144 444 405 HOH HOH A . 
F 3 HOH 145 445 195 HOH HOH A . 
F 3 HOH 146 446 401 HOH HOH A . 
F 3 HOH 147 447 239 HOH HOH A . 
F 3 HOH 148 448 194 HOH HOH A . 
F 3 HOH 149 449 352 HOH HOH A . 
F 3 HOH 150 450 27  HOH HOH A . 
F 3 HOH 151 451 82  HOH HOH A . 
F 3 HOH 152 452 181 HOH HOH A . 
F 3 HOH 153 453 326 HOH HOH A . 
F 3 HOH 154 454 346 HOH HOH A . 
F 3 HOH 155 455 367 HOH HOH A . 
F 3 HOH 156 456 333 HOH HOH A . 
F 3 HOH 157 457 111 HOH HOH A . 
F 3 HOH 158 458 202 HOH HOH A . 
F 3 HOH 159 459 351 HOH HOH A . 
F 3 HOH 160 460 390 HOH HOH A . 
F 3 HOH 161 461 241 HOH HOH A . 
F 3 HOH 162 462 404 HOH HOH A . 
F 3 HOH 163 463 407 HOH HOH A . 
F 3 HOH 164 464 112 HOH HOH A . 
F 3 HOH 165 465 321 HOH HOH A . 
F 3 HOH 166 466 343 HOH HOH A . 
F 3 HOH 167 467 399 HOH HOH A . 
F 3 HOH 168 468 265 HOH HOH A . 
F 3 HOH 169 469 403 HOH HOH A . 
F 3 HOH 170 470 402 HOH HOH A . 
F 3 HOH 171 471 344 HOH HOH A . 
F 3 HOH 172 472 408 HOH HOH A . 
F 3 HOH 173 473 389 HOH HOH A . 
F 3 HOH 174 474 388 HOH HOH A . 
# 
_pdbx_struct_assembly.id                   1 
_pdbx_struct_assembly.details              author_and_software_defined_assembly 
_pdbx_struct_assembly.method_details       PISA 
_pdbx_struct_assembly.oligomeric_details   tetrameric 
_pdbx_struct_assembly.oligomeric_count     4 
# 
_pdbx_struct_assembly_gen.assembly_id       1 
_pdbx_struct_assembly_gen.oper_expression   1,2,3,4 
_pdbx_struct_assembly_gen.asym_id_list      A,B,C,D,E,F 
# 
loop_
_pdbx_struct_assembly_prop.biol_id 
_pdbx_struct_assembly_prop.type 
_pdbx_struct_assembly_prop.value 
_pdbx_struct_assembly_prop.details 
1 'ABSA (A^2)' 12850 ? 
1 MORE         -62   ? 
1 'SSA (A^2)'  21170 ? 
# 
loop_
_pdbx_struct_oper_list.id 
_pdbx_struct_oper_list.type 
_pdbx_struct_oper_list.name 
_pdbx_struct_oper_list.symmetry_operation 
_pdbx_struct_oper_list.matrix[1][1] 
_pdbx_struct_oper_list.matrix[1][2] 
_pdbx_struct_oper_list.matrix[1][3] 
_pdbx_struct_oper_list.vector[1] 
_pdbx_struct_oper_list.matrix[2][1] 
_pdbx_struct_oper_list.matrix[2][2] 
_pdbx_struct_oper_list.matrix[2][3] 
_pdbx_struct_oper_list.vector[2] 
_pdbx_struct_oper_list.matrix[3][1] 
_pdbx_struct_oper_list.matrix[3][2] 
_pdbx_struct_oper_list.matrix[3][3] 
_pdbx_struct_oper_list.vector[3] 
1 'identity operation'         1_555  x,y,z            1.0000000000  0.0000000000  0.0000000000  0.0000000000  0.0000000000  1.0000000000  0.0000000000  0.0000000000   0.0000000000  0.0000000000  1.0000000000  0.0000000000   
2 'crystal symmetry operation' 4_665  -x+1,-y+1,z      -0.9983183940 0.0308586190  -0.0490726993 13.1771468191 0.0308586190  -0.4337232559 -0.9005175639 -25.1138950490 -0.0490726993 -0.9005175639 0.4320416499  -15.3409402771 
3 'crystal symmetry operation' 7_554  y,x,-z-1/3       -0.6012345288 0.6702150744  0.4351192888  22.2812645763 0.6702150744  0.1264471936  0.7313158423  -10.1793112492 0.4351192888  0.7313158423  -0.5252126648 -4.7404727297  
4 'crystal symmetry operation' 10_664 -y+1,-x+1,-z-1/3 0.5995529228  -0.7010736934 -0.3860465894 -9.1481411437 -0.7010736934 -0.6927239377 0.1692017216  -15.7424430223 -0.3860465894 0.1692017216  -0.9068289851 -9.3157751658 
# 
loop_
_pdbx_audit_revision_history.ordinal 
_pdbx_audit_revision_history.data_content_type 
_pdbx_audit_revision_history.major_revision 
_pdbx_audit_revision_history.minor_revision 
_pdbx_audit_revision_history.revision_date 
1 'Structure model' 1 0 2020-01-01 
2 'Structure model' 1 1 2023-11-22 
# 
_pdbx_audit_revision_details.ordinal             1 
_pdbx_audit_revision_details.revision_ordinal    1 
_pdbx_audit_revision_details.data_content_type   'Structure model' 
_pdbx_audit_revision_details.provider            repository 
_pdbx_audit_revision_details.type                'Initial release' 
_pdbx_audit_revision_details.description         ? 
_pdbx_audit_revision_details.details             ? 
# 
loop_
_pdbx_audit_revision_group.ordinal 
_pdbx_audit_revision_group.revision_ordinal 
_pdbx_audit_revision_group.data_content_type 
_pdbx_audit_revision_group.group 
1 2 'Structure model' 'Data collection'        
2 2 'Structure model' 'Database references'    
3 2 'Structure model' 'Refinement description' 
# 
loop_
_pdbx_audit_revision_category.ordinal 
_pdbx_audit_revision_category.revision_ordinal 
_pdbx_audit_revision_category.data_content_type 
_pdbx_audit_revision_category.category 
1 2 'Structure model' chem_comp_atom                
2 2 'Structure model' chem_comp_bond                
3 2 'Structure model' database_2                    
4 2 'Structure model' pdbx_initial_refinement_model 
# 
loop_
_pdbx_audit_revision_item.ordinal 
_pdbx_audit_revision_item.revision_ordinal 
_pdbx_audit_revision_item.data_content_type 
_pdbx_audit_revision_item.item 
1 2 'Structure model' '_database_2.pdbx_DOI'                
2 2 'Structure model' '_database_2.pdbx_database_accession' 
# 
loop_
_software.citation_id 
_software.classification 
_software.compiler_name 
_software.compiler_version 
_software.contact_author 
_software.contact_author_email 
_software.date 
_software.description 
_software.dependencies 
_software.hardware 
_software.language 
_software.location 
_software.mods 
_software.name 
_software.os 
_software.os_version 
_software.type 
_software.version 
_software.pdbx_ordinal 
? refinement        ? ? ? ? ? ? ? ? ? ? ? REFMAC      ? ? ? 5.8.0238 1 
? 'data scaling'    ? ? ? ? ? ? ? ? ? ? ? SCALEPACK   ? ? ? .        2 
? 'data extraction' ? ? ? ? ? ? ? ? ? ? ? PDB_EXTRACT ? ? ? 3.24     3 
? 'data reduction'  ? ? ? ? ? ? ? ? ? ? ? HKL-2000    ? ? ? .        4 
? phasing           ? ? ? ? ? ? ? ? ? ? ? PHASER      ? ? ? .        5 
# 
_pdbx_entry_details.entry_id                 6JJS 
_pdbx_entry_details.has_ligand_of_interest   N 
_pdbx_entry_details.compound_details         ? 
_pdbx_entry_details.source_details           ? 
_pdbx_entry_details.nonpolymer_details       ? 
_pdbx_entry_details.sequence_details         ? 
# 
_pdbx_distant_solvent_atoms.id                                1 
_pdbx_distant_solvent_atoms.PDB_model_num                     1 
_pdbx_distant_solvent_atoms.auth_atom_id                      O 
_pdbx_distant_solvent_atoms.label_alt_id                      ? 
_pdbx_distant_solvent_atoms.auth_asym_id                      A 
_pdbx_distant_solvent_atoms.auth_comp_id                      HOH 
_pdbx_distant_solvent_atoms.auth_seq_id                       474 
_pdbx_distant_solvent_atoms.PDB_ins_code                      ? 
_pdbx_distant_solvent_atoms.neighbor_macromolecule_distance   5.82 
_pdbx_distant_solvent_atoms.neighbor_ligand_distance          . 
# 
loop_
_pdbx_unobs_or_zero_occ_residues.id 
_pdbx_unobs_or_zero_occ_residues.PDB_model_num 
_pdbx_unobs_or_zero_occ_residues.polymer_flag 
_pdbx_unobs_or_zero_occ_residues.occupancy_flag 
_pdbx_unobs_or_zero_occ_residues.auth_asym_id 
_pdbx_unobs_or_zero_occ_residues.auth_comp_id 
_pdbx_unobs_or_zero_occ_residues.auth_seq_id 
_pdbx_unobs_or_zero_occ_residues.PDB_ins_code 
_pdbx_unobs_or_zero_occ_residues.label_asym_id 
_pdbx_unobs_or_zero_occ_residues.label_comp_id 
_pdbx_unobs_or_zero_occ_residues.label_seq_id 
1  1 Y 1 A MET 1  ? A MET 1  
2  1 Y 1 A LYS 2  ? A LYS 2  
3  1 Y 1 A PHE 3  ? A PHE 3  
4  1 Y 1 A THR 4  ? A THR 4  
5  1 Y 1 A TYR 5  ? A TYR 5  
6  1 Y 1 A LEU 6  ? A LEU 6  
7  1 Y 1 A VAL 7  ? A VAL 7  
8  1 Y 1 A SER 8  ? A SER 8  
9  1 Y 1 A LEU 9  ? A LEU 9  
10 1 Y 1 A ALA 10 ? A ALA 10 
11 1 Y 1 A ALA 11 ? A ALA 11 
12 1 Y 1 A PHE 12 ? A PHE 12 
13 1 Y 1 A ALA 13 ? A ALA 13 
14 1 Y 1 A VAL 14 ? A VAL 14 
15 1 Y 1 A THR 15 ? A THR 15 
16 1 Y 1 A ALA 16 ? A ALA 16 
17 1 Y 1 A LEU 17 ? A LEU 17 
18 1 Y 1 A GLY 18 ? A GLY 18 
19 1 Y 1 A SER 19 ? A SER 19 
# 
loop_
_chem_comp_atom.comp_id 
_chem_comp_atom.atom_id 
_chem_comp_atom.type_symbol 
_chem_comp_atom.pdbx_aromatic_flag 
_chem_comp_atom.pdbx_stereo_config 
_chem_comp_atom.pdbx_ordinal 
ACT C    C N N 1   
ACT O    O N N 2   
ACT OXT  O N N 3   
ACT CH3  C N N 4   
ACT H1   H N N 5   
ACT H2   H N N 6   
ACT H3   H N N 7   
ALA N    N N N 8   
ALA CA   C N S 9   
ALA C    C N N 10  
ALA O    O N N 11  
ALA CB   C N N 12  
ALA OXT  O N N 13  
ALA H    H N N 14  
ALA H2   H N N 15  
ALA HA   H N N 16  
ALA HB1  H N N 17  
ALA HB2  H N N 18  
ALA HB3  H N N 19  
ALA HXT  H N N 20  
ARG N    N N N 21  
ARG CA   C N S 22  
ARG C    C N N 23  
ARG O    O N N 24  
ARG CB   C N N 25  
ARG CG   C N N 26  
ARG CD   C N N 27  
ARG NE   N N N 28  
ARG CZ   C N N 29  
ARG NH1  N N N 30  
ARG NH2  N N N 31  
ARG OXT  O N N 32  
ARG H    H N N 33  
ARG H2   H N N 34  
ARG HA   H N N 35  
ARG HB2  H N N 36  
ARG HB3  H N N 37  
ARG HG2  H N N 38  
ARG HG3  H N N 39  
ARG HD2  H N N 40  
ARG HD3  H N N 41  
ARG HE   H N N 42  
ARG HH11 H N N 43  
ARG HH12 H N N 44  
ARG HH21 H N N 45  
ARG HH22 H N N 46  
ARG HXT  H N N 47  
ASN N    N N N 48  
ASN CA   C N S 49  
ASN C    C N N 50  
ASN O    O N N 51  
ASN CB   C N N 52  
ASN CG   C N N 53  
ASN OD1  O N N 54  
ASN ND2  N N N 55  
ASN OXT  O N N 56  
ASN H    H N N 57  
ASN H2   H N N 58  
ASN HA   H N N 59  
ASN HB2  H N N 60  
ASN HB3  H N N 61  
ASN HD21 H N N 62  
ASN HD22 H N N 63  
ASN HXT  H N N 64  
ASP N    N N N 65  
ASP CA   C N S 66  
ASP C    C N N 67  
ASP O    O N N 68  
ASP CB   C N N 69  
ASP CG   C N N 70  
ASP OD1  O N N 71  
ASP OD2  O N N 72  
ASP OXT  O N N 73  
ASP H    H N N 74  
ASP H2   H N N 75  
ASP HA   H N N 76  
ASP HB2  H N N 77  
ASP HB3  H N N 78  
ASP HD2  H N N 79  
ASP HXT  H N N 80  
GLN N    N N N 81  
GLN CA   C N S 82  
GLN C    C N N 83  
GLN O    O N N 84  
GLN CB   C N N 85  
GLN CG   C N N 86  
GLN CD   C N N 87  
GLN OE1  O N N 88  
GLN NE2  N N N 89  
GLN OXT  O N N 90  
GLN H    H N N 91  
GLN H2   H N N 92  
GLN HA   H N N 93  
GLN HB2  H N N 94  
GLN HB3  H N N 95  
GLN HG2  H N N 96  
GLN HG3  H N N 97  
GLN HE21 H N N 98  
GLN HE22 H N N 99  
GLN HXT  H N N 100 
GLU N    N N N 101 
GLU CA   C N S 102 
GLU C    C N N 103 
GLU O    O N N 104 
GLU CB   C N N 105 
GLU CG   C N N 106 
GLU CD   C N N 107 
GLU OE1  O N N 108 
GLU OE2  O N N 109 
GLU OXT  O N N 110 
GLU H    H N N 111 
GLU H2   H N N 112 
GLU HA   H N N 113 
GLU HB2  H N N 114 
GLU HB3  H N N 115 
GLU HG2  H N N 116 
GLU HG3  H N N 117 
GLU HE2  H N N 118 
GLU HXT  H N N 119 
GLY N    N N N 120 
GLY CA   C N N 121 
GLY C    C N N 122 
GLY O    O N N 123 
GLY OXT  O N N 124 
GLY H    H N N 125 
GLY H2   H N N 126 
GLY HA2  H N N 127 
GLY HA3  H N N 128 
GLY HXT  H N N 129 
HIS N    N N N 130 
HIS CA   C N S 131 
HIS C    C N N 132 
HIS O    O N N 133 
HIS CB   C N N 134 
HIS CG   C Y N 135 
HIS ND1  N Y N 136 
HIS CD2  C Y N 137 
HIS CE1  C Y N 138 
HIS NE2  N Y N 139 
HIS OXT  O N N 140 
HIS H    H N N 141 
HIS H2   H N N 142 
HIS HA   H N N 143 
HIS HB2  H N N 144 
HIS HB3  H N N 145 
HIS HD1  H N N 146 
HIS HD2  H N N 147 
HIS HE1  H N N 148 
HIS HE2  H N N 149 
HIS HXT  H N N 150 
HOH O    O N N 151 
HOH H1   H N N 152 
HOH H2   H N N 153 
ILE N    N N N 154 
ILE CA   C N S 155 
ILE C    C N N 156 
ILE O    O N N 157 
ILE CB   C N S 158 
ILE CG1  C N N 159 
ILE CG2  C N N 160 
ILE CD1  C N N 161 
ILE OXT  O N N 162 
ILE H    H N N 163 
ILE H2   H N N 164 
ILE HA   H N N 165 
ILE HB   H N N 166 
ILE HG12 H N N 167 
ILE HG13 H N N 168 
ILE HG21 H N N 169 
ILE HG22 H N N 170 
ILE HG23 H N N 171 
ILE HD11 H N N 172 
ILE HD12 H N N 173 
ILE HD13 H N N 174 
ILE HXT  H N N 175 
LEU N    N N N 176 
LEU CA   C N S 177 
LEU C    C N N 178 
LEU O    O N N 179 
LEU CB   C N N 180 
LEU CG   C N N 181 
LEU CD1  C N N 182 
LEU CD2  C N N 183 
LEU OXT  O N N 184 
LEU H    H N N 185 
LEU H2   H N N 186 
LEU HA   H N N 187 
LEU HB2  H N N 188 
LEU HB3  H N N 189 
LEU HG   H N N 190 
LEU HD11 H N N 191 
LEU HD12 H N N 192 
LEU HD13 H N N 193 
LEU HD21 H N N 194 
LEU HD22 H N N 195 
LEU HD23 H N N 196 
LEU HXT  H N N 197 
LYS N    N N N 198 
LYS CA   C N S 199 
LYS C    C N N 200 
LYS O    O N N 201 
LYS CB   C N N 202 
LYS CG   C N N 203 
LYS CD   C N N 204 
LYS CE   C N N 205 
LYS NZ   N N N 206 
LYS OXT  O N N 207 
LYS H    H N N 208 
LYS H2   H N N 209 
LYS HA   H N N 210 
LYS HB2  H N N 211 
LYS HB3  H N N 212 
LYS HG2  H N N 213 
LYS HG3  H N N 214 
LYS HD2  H N N 215 
LYS HD3  H N N 216 
LYS HE2  H N N 217 
LYS HE3  H N N 218 
LYS HZ1  H N N 219 
LYS HZ2  H N N 220 
LYS HZ3  H N N 221 
LYS HXT  H N N 222 
MET N    N N N 223 
MET CA   C N S 224 
MET C    C N N 225 
MET O    O N N 226 
MET CB   C N N 227 
MET CG   C N N 228 
MET SD   S N N 229 
MET CE   C N N 230 
MET OXT  O N N 231 
MET H    H N N 232 
MET H2   H N N 233 
MET HA   H N N 234 
MET HB2  H N N 235 
MET HB3  H N N 236 
MET HG2  H N N 237 
MET HG3  H N N 238 
MET HE1  H N N 239 
MET HE2  H N N 240 
MET HE3  H N N 241 
MET HXT  H N N 242 
PHE N    N N N 243 
PHE CA   C N S 244 
PHE C    C N N 245 
PHE O    O N N 246 
PHE CB   C N N 247 
PHE CG   C Y N 248 
PHE CD1  C Y N 249 
PHE CD2  C Y N 250 
PHE CE1  C Y N 251 
PHE CE2  C Y N 252 
PHE CZ   C Y N 253 
PHE OXT  O N N 254 
PHE H    H N N 255 
PHE H2   H N N 256 
PHE HA   H N N 257 
PHE HB2  H N N 258 
PHE HB3  H N N 259 
PHE HD1  H N N 260 
PHE HD2  H N N 261 
PHE HE1  H N N 262 
PHE HE2  H N N 263 
PHE HZ   H N N 264 
PHE HXT  H N N 265 
PRO N    N N N 266 
PRO CA   C N S 267 
PRO C    C N N 268 
PRO O    O N N 269 
PRO CB   C N N 270 
PRO CG   C N N 271 
PRO CD   C N N 272 
PRO OXT  O N N 273 
PRO H    H N N 274 
PRO HA   H N N 275 
PRO HB2  H N N 276 
PRO HB3  H N N 277 
PRO HG2  H N N 278 
PRO HG3  H N N 279 
PRO HD2  H N N 280 
PRO HD3  H N N 281 
PRO HXT  H N N 282 
SER N    N N N 283 
SER CA   C N S 284 
SER C    C N N 285 
SER O    O N N 286 
SER CB   C N N 287 
SER OG   O N N 288 
SER OXT  O N N 289 
SER H    H N N 290 
SER H2   H N N 291 
SER HA   H N N 292 
SER HB2  H N N 293 
SER HB3  H N N 294 
SER HG   H N N 295 
SER HXT  H N N 296 
THR N    N N N 297 
THR CA   C N S 298 
THR C    C N N 299 
THR O    O N N 300 
THR CB   C N R 301 
THR OG1  O N N 302 
THR CG2  C N N 303 
THR OXT  O N N 304 
THR H    H N N 305 
THR H2   H N N 306 
THR HA   H N N 307 
THR HB   H N N 308 
THR HG1  H N N 309 
THR HG21 H N N 310 
THR HG22 H N N 311 
THR HG23 H N N 312 
THR HXT  H N N 313 
TRP N    N N N 314 
TRP CA   C N S 315 
TRP C    C N N 316 
TRP O    O N N 317 
TRP CB   C N N 318 
TRP CG   C Y N 319 
TRP CD1  C Y N 320 
TRP CD2  C Y N 321 
TRP NE1  N Y N 322 
TRP CE2  C Y N 323 
TRP CE3  C Y N 324 
TRP CZ2  C Y N 325 
TRP CZ3  C Y N 326 
TRP CH2  C Y N 327 
TRP OXT  O N N 328 
TRP H    H N N 329 
TRP H2   H N N 330 
TRP HA   H N N 331 
TRP HB2  H N N 332 
TRP HB3  H N N 333 
TRP HD1  H N N 334 
TRP HE1  H N N 335 
TRP HE3  H N N 336 
TRP HZ2  H N N 337 
TRP HZ3  H N N 338 
TRP HH2  H N N 339 
TRP HXT  H N N 340 
TYR N    N N N 341 
TYR CA   C N S 342 
TYR C    C N N 343 
TYR O    O N N 344 
TYR CB   C N N 345 
TYR CG   C Y N 346 
TYR CD1  C Y N 347 
TYR CD2  C Y N 348 
TYR CE1  C Y N 349 
TYR CE2  C Y N 350 
TYR CZ   C Y N 351 
TYR OH   O N N 352 
TYR OXT  O N N 353 
TYR H    H N N 354 
TYR H2   H N N 355 
TYR HA   H N N 356 
TYR HB2  H N N 357 
TYR HB3  H N N 358 
TYR HD1  H N N 359 
TYR HD2  H N N 360 
TYR HE1  H N N 361 
TYR HE2  H N N 362 
TYR HH   H N N 363 
TYR HXT  H N N 364 
VAL N    N N N 365 
VAL CA   C N S 366 
VAL C    C N N 367 
VAL O    O N N 368 
VAL CB   C N N 369 
VAL CG1  C N N 370 
VAL CG2  C N N 371 
VAL OXT  O N N 372 
VAL H    H N N 373 
VAL H2   H N N 374 
VAL HA   H N N 375 
VAL HB   H N N 376 
VAL HG11 H N N 377 
VAL HG12 H N N 378 
VAL HG13 H N N 379 
VAL HG21 H N N 380 
VAL HG22 H N N 381 
VAL HG23 H N N 382 
VAL HXT  H N N 383 
# 
loop_
_chem_comp_bond.comp_id 
_chem_comp_bond.atom_id_1 
_chem_comp_bond.atom_id_2 
_chem_comp_bond.value_order 
_chem_comp_bond.pdbx_aromatic_flag 
_chem_comp_bond.pdbx_stereo_config 
_chem_comp_bond.pdbx_ordinal 
ACT C   O    doub N N 1   
ACT C   OXT  sing N N 2   
ACT C   CH3  sing N N 3   
ACT CH3 H1   sing N N 4   
ACT CH3 H2   sing N N 5   
ACT CH3 H3   sing N N 6   
ALA N   CA   sing N N 7   
ALA N   H    sing N N 8   
ALA N   H2   sing N N 9   
ALA CA  C    sing N N 10  
ALA CA  CB   sing N N 11  
ALA CA  HA   sing N N 12  
ALA C   O    doub N N 13  
ALA C   OXT  sing N N 14  
ALA CB  HB1  sing N N 15  
ALA CB  HB2  sing N N 16  
ALA CB  HB3  sing N N 17  
ALA OXT HXT  sing N N 18  
ARG N   CA   sing N N 19  
ARG N   H    sing N N 20  
ARG N   H2   sing N N 21  
ARG CA  C    sing N N 22  
ARG CA  CB   sing N N 23  
ARG CA  HA   sing N N 24  
ARG C   O    doub N N 25  
ARG C   OXT  sing N N 26  
ARG CB  CG   sing N N 27  
ARG CB  HB2  sing N N 28  
ARG CB  HB3  sing N N 29  
ARG CG  CD   sing N N 30  
ARG CG  HG2  sing N N 31  
ARG CG  HG3  sing N N 32  
ARG CD  NE   sing N N 33  
ARG CD  HD2  sing N N 34  
ARG CD  HD3  sing N N 35  
ARG NE  CZ   sing N N 36  
ARG NE  HE   sing N N 37  
ARG CZ  NH1  sing N N 38  
ARG CZ  NH2  doub N N 39  
ARG NH1 HH11 sing N N 40  
ARG NH1 HH12 sing N N 41  
ARG NH2 HH21 sing N N 42  
ARG NH2 HH22 sing N N 43  
ARG OXT HXT  sing N N 44  
ASN N   CA   sing N N 45  
ASN N   H    sing N N 46  
ASN N   H2   sing N N 47  
ASN CA  C    sing N N 48  
ASN CA  CB   sing N N 49  
ASN CA  HA   sing N N 50  
ASN C   O    doub N N 51  
ASN C   OXT  sing N N 52  
ASN CB  CG   sing N N 53  
ASN CB  HB2  sing N N 54  
ASN CB  HB3  sing N N 55  
ASN CG  OD1  doub N N 56  
ASN CG  ND2  sing N N 57  
ASN ND2 HD21 sing N N 58  
ASN ND2 HD22 sing N N 59  
ASN OXT HXT  sing N N 60  
ASP N   CA   sing N N 61  
ASP N   H    sing N N 62  
ASP N   H2   sing N N 63  
ASP CA  C    sing N N 64  
ASP CA  CB   sing N N 65  
ASP CA  HA   sing N N 66  
ASP C   O    doub N N 67  
ASP C   OXT  sing N N 68  
ASP CB  CG   sing N N 69  
ASP CB  HB2  sing N N 70  
ASP CB  HB3  sing N N 71  
ASP CG  OD1  doub N N 72  
ASP CG  OD2  sing N N 73  
ASP OD2 HD2  sing N N 74  
ASP OXT HXT  sing N N 75  
GLN N   CA   sing N N 76  
GLN N   H    sing N N 77  
GLN N   H2   sing N N 78  
GLN CA  C    sing N N 79  
GLN CA  CB   sing N N 80  
GLN CA  HA   sing N N 81  
GLN C   O    doub N N 82  
GLN C   OXT  sing N N 83  
GLN CB  CG   sing N N 84  
GLN CB  HB2  sing N N 85  
GLN CB  HB3  sing N N 86  
GLN CG  CD   sing N N 87  
GLN CG  HG2  sing N N 88  
GLN CG  HG3  sing N N 89  
GLN CD  OE1  doub N N 90  
GLN CD  NE2  sing N N 91  
GLN NE2 HE21 sing N N 92  
GLN NE2 HE22 sing N N 93  
GLN OXT HXT  sing N N 94  
GLU N   CA   sing N N 95  
GLU N   H    sing N N 96  
GLU N   H2   sing N N 97  
GLU CA  C    sing N N 98  
GLU CA  CB   sing N N 99  
GLU CA  HA   sing N N 100 
GLU C   O    doub N N 101 
GLU C   OXT  sing N N 102 
GLU CB  CG   sing N N 103 
GLU CB  HB2  sing N N 104 
GLU CB  HB3  sing N N 105 
GLU CG  CD   sing N N 106 
GLU CG  HG2  sing N N 107 
GLU CG  HG3  sing N N 108 
GLU CD  OE1  doub N N 109 
GLU CD  OE2  sing N N 110 
GLU OE2 HE2  sing N N 111 
GLU OXT HXT  sing N N 112 
GLY N   CA   sing N N 113 
GLY N   H    sing N N 114 
GLY N   H2   sing N N 115 
GLY CA  C    sing N N 116 
GLY CA  HA2  sing N N 117 
GLY CA  HA3  sing N N 118 
GLY C   O    doub N N 119 
GLY C   OXT  sing N N 120 
GLY OXT HXT  sing N N 121 
HIS N   CA   sing N N 122 
HIS N   H    sing N N 123 
HIS N   H2   sing N N 124 
HIS CA  C    sing N N 125 
HIS CA  CB   sing N N 126 
HIS CA  HA   sing N N 127 
HIS C   O    doub N N 128 
HIS C   OXT  sing N N 129 
HIS CB  CG   sing N N 130 
HIS CB  HB2  sing N N 131 
HIS CB  HB3  sing N N 132 
HIS CG  ND1  sing Y N 133 
HIS CG  CD2  doub Y N 134 
HIS ND1 CE1  doub Y N 135 
HIS ND1 HD1  sing N N 136 
HIS CD2 NE2  sing Y N 137 
HIS CD2 HD2  sing N N 138 
HIS CE1 NE2  sing Y N 139 
HIS CE1 HE1  sing N N 140 
HIS NE2 HE2  sing N N 141 
HIS OXT HXT  sing N N 142 
HOH O   H1   sing N N 143 
HOH O   H2   sing N N 144 
ILE N   CA   sing N N 145 
ILE N   H    sing N N 146 
ILE N   H2   sing N N 147 
ILE CA  C    sing N N 148 
ILE CA  CB   sing N N 149 
ILE CA  HA   sing N N 150 
ILE C   O    doub N N 151 
ILE C   OXT  sing N N 152 
ILE CB  CG1  sing N N 153 
ILE CB  CG2  sing N N 154 
ILE CB  HB   sing N N 155 
ILE CG1 CD1  sing N N 156 
ILE CG1 HG12 sing N N 157 
ILE CG1 HG13 sing N N 158 
ILE CG2 HG21 sing N N 159 
ILE CG2 HG22 sing N N 160 
ILE CG2 HG23 sing N N 161 
ILE CD1 HD11 sing N N 162 
ILE CD1 HD12 sing N N 163 
ILE CD1 HD13 sing N N 164 
ILE OXT HXT  sing N N 165 
LEU N   CA   sing N N 166 
LEU N   H    sing N N 167 
LEU N   H2   sing N N 168 
LEU CA  C    sing N N 169 
LEU CA  CB   sing N N 170 
LEU CA  HA   sing N N 171 
LEU C   O    doub N N 172 
LEU C   OXT  sing N N 173 
LEU CB  CG   sing N N 174 
LEU CB  HB2  sing N N 175 
LEU CB  HB3  sing N N 176 
LEU CG  CD1  sing N N 177 
LEU CG  CD2  sing N N 178 
LEU CG  HG   sing N N 179 
LEU CD1 HD11 sing N N 180 
LEU CD1 HD12 sing N N 181 
LEU CD1 HD13 sing N N 182 
LEU CD2 HD21 sing N N 183 
LEU CD2 HD22 sing N N 184 
LEU CD2 HD23 sing N N 185 
LEU OXT HXT  sing N N 186 
LYS N   CA   sing N N 187 
LYS N   H    sing N N 188 
LYS N   H2   sing N N 189 
LYS CA  C    sing N N 190 
LYS CA  CB   sing N N 191 
LYS CA  HA   sing N N 192 
LYS C   O    doub N N 193 
LYS C   OXT  sing N N 194 
LYS CB  CG   sing N N 195 
LYS CB  HB2  sing N N 196 
LYS CB  HB3  sing N N 197 
LYS CG  CD   sing N N 198 
LYS CG  HG2  sing N N 199 
LYS CG  HG3  sing N N 200 
LYS CD  CE   sing N N 201 
LYS CD  HD2  sing N N 202 
LYS CD  HD3  sing N N 203 
LYS CE  NZ   sing N N 204 
LYS CE  HE2  sing N N 205 
LYS CE  HE3  sing N N 206 
LYS NZ  HZ1  sing N N 207 
LYS NZ  HZ2  sing N N 208 
LYS NZ  HZ3  sing N N 209 
LYS OXT HXT  sing N N 210 
MET N   CA   sing N N 211 
MET N   H    sing N N 212 
MET N   H2   sing N N 213 
MET CA  C    sing N N 214 
MET CA  CB   sing N N 215 
MET CA  HA   sing N N 216 
MET C   O    doub N N 217 
MET C   OXT  sing N N 218 
MET CB  CG   sing N N 219 
MET CB  HB2  sing N N 220 
MET CB  HB3  sing N N 221 
MET CG  SD   sing N N 222 
MET CG  HG2  sing N N 223 
MET CG  HG3  sing N N 224 
MET SD  CE   sing N N 225 
MET CE  HE1  sing N N 226 
MET CE  HE2  sing N N 227 
MET CE  HE3  sing N N 228 
MET OXT HXT  sing N N 229 
PHE N   CA   sing N N 230 
PHE N   H    sing N N 231 
PHE N   H2   sing N N 232 
PHE CA  C    sing N N 233 
PHE CA  CB   sing N N 234 
PHE CA  HA   sing N N 235 
PHE C   O    doub N N 236 
PHE C   OXT  sing N N 237 
PHE CB  CG   sing N N 238 
PHE CB  HB2  sing N N 239 
PHE CB  HB3  sing N N 240 
PHE CG  CD1  doub Y N 241 
PHE CG  CD2  sing Y N 242 
PHE CD1 CE1  sing Y N 243 
PHE CD1 HD1  sing N N 244 
PHE CD2 CE2  doub Y N 245 
PHE CD2 HD2  sing N N 246 
PHE CE1 CZ   doub Y N 247 
PHE CE1 HE1  sing N N 248 
PHE CE2 CZ   sing Y N 249 
PHE CE2 HE2  sing N N 250 
PHE CZ  HZ   sing N N 251 
PHE OXT HXT  sing N N 252 
PRO N   CA   sing N N 253 
PRO N   CD   sing N N 254 
PRO N   H    sing N N 255 
PRO CA  C    sing N N 256 
PRO CA  CB   sing N N 257 
PRO CA  HA   sing N N 258 
PRO C   O    doub N N 259 
PRO C   OXT  sing N N 260 
PRO CB  CG   sing N N 261 
PRO CB  HB2  sing N N 262 
PRO CB  HB3  sing N N 263 
PRO CG  CD   sing N N 264 
PRO CG  HG2  sing N N 265 
PRO CG  HG3  sing N N 266 
PRO CD  HD2  sing N N 267 
PRO CD  HD3  sing N N 268 
PRO OXT HXT  sing N N 269 
SER N   CA   sing N N 270 
SER N   H    sing N N 271 
SER N   H2   sing N N 272 
SER CA  C    sing N N 273 
SER CA  CB   sing N N 274 
SER CA  HA   sing N N 275 
SER C   O    doub N N 276 
SER C   OXT  sing N N 277 
SER CB  OG   sing N N 278 
SER CB  HB2  sing N N 279 
SER CB  HB3  sing N N 280 
SER OG  HG   sing N N 281 
SER OXT HXT  sing N N 282 
THR N   CA   sing N N 283 
THR N   H    sing N N 284 
THR N   H2   sing N N 285 
THR CA  C    sing N N 286 
THR CA  CB   sing N N 287 
THR CA  HA   sing N N 288 
THR C   O    doub N N 289 
THR C   OXT  sing N N 290 
THR CB  OG1  sing N N 291 
THR CB  CG2  sing N N 292 
THR CB  HB   sing N N 293 
THR OG1 HG1  sing N N 294 
THR CG2 HG21 sing N N 295 
THR CG2 HG22 sing N N 296 
THR CG2 HG23 sing N N 297 
THR OXT HXT  sing N N 298 
TRP N   CA   sing N N 299 
TRP N   H    sing N N 300 
TRP N   H2   sing N N 301 
TRP CA  C    sing N N 302 
TRP CA  CB   sing N N 303 
TRP CA  HA   sing N N 304 
TRP C   O    doub N N 305 
TRP C   OXT  sing N N 306 
TRP CB  CG   sing N N 307 
TRP CB  HB2  sing N N 308 
TRP CB  HB3  sing N N 309 
TRP CG  CD1  doub Y N 310 
TRP CG  CD2  sing Y N 311 
TRP CD1 NE1  sing Y N 312 
TRP CD1 HD1  sing N N 313 
TRP CD2 CE2  doub Y N 314 
TRP CD2 CE3  sing Y N 315 
TRP NE1 CE2  sing Y N 316 
TRP NE1 HE1  sing N N 317 
TRP CE2 CZ2  sing Y N 318 
TRP CE3 CZ3  doub Y N 319 
TRP CE3 HE3  sing N N 320 
TRP CZ2 CH2  doub Y N 321 
TRP CZ2 HZ2  sing N N 322 
TRP CZ3 CH2  sing Y N 323 
TRP CZ3 HZ3  sing N N 324 
TRP CH2 HH2  sing N N 325 
TRP OXT HXT  sing N N 326 
TYR N   CA   sing N N 327 
TYR N   H    sing N N 328 
TYR N   H2   sing N N 329 
TYR CA  C    sing N N 330 
TYR CA  CB   sing N N 331 
TYR CA  HA   sing N N 332 
TYR C   O    doub N N 333 
TYR C   OXT  sing N N 334 
TYR CB  CG   sing N N 335 
TYR CB  HB2  sing N N 336 
TYR CB  HB3  sing N N 337 
TYR CG  CD1  doub Y N 338 
TYR CG  CD2  sing Y N 339 
TYR CD1 CE1  sing Y N 340 
TYR CD1 HD1  sing N N 341 
TYR CD2 CE2  doub Y N 342 
TYR CD2 HD2  sing N N 343 
TYR CE1 CZ   doub Y N 344 
TYR CE1 HE1  sing N N 345 
TYR CE2 CZ   sing Y N 346 
TYR CE2 HE2  sing N N 347 
TYR CZ  OH   sing N N 348 
TYR OH  HH   sing N N 349 
TYR OXT HXT  sing N N 350 
VAL N   CA   sing N N 351 
VAL N   H    sing N N 352 
VAL N   H2   sing N N 353 
VAL CA  C    sing N N 354 
VAL CA  CB   sing N N 355 
VAL CA  HA   sing N N 356 
VAL C   O    doub N N 357 
VAL C   OXT  sing N N 358 
VAL CB  CG1  sing N N 359 
VAL CB  CG2  sing N N 360 
VAL CB  HB   sing N N 361 
VAL CG1 HG11 sing N N 362 
VAL CG1 HG12 sing N N 363 
VAL CG1 HG13 sing N N 364 
VAL CG2 HG21 sing N N 365 
VAL CG2 HG22 sing N N 366 
VAL CG2 HG23 sing N N 367 
VAL OXT HXT  sing N N 368 
# 
loop_
_pdbx_entity_nonpoly.entity_id 
_pdbx_entity_nonpoly.name 
_pdbx_entity_nonpoly.comp_id 
2 'ACETATE ION' ACT 
3 water         HOH 
# 
_pdbx_initial_refinement_model.id               1 
_pdbx_initial_refinement_model.entity_id_list   ? 
_pdbx_initial_refinement_model.type             'experimental model' 
_pdbx_initial_refinement_model.source_name      PDB 
_pdbx_initial_refinement_model.accession_code   3C5O 
_pdbx_initial_refinement_model.details          ? 
# 
